data_4J62
# 
_entry.id   4J62 
# 
_audit_conform.dict_name       mmcif_pdbx.dic 
_audit_conform.dict_version    5.397 
_audit_conform.dict_location   http://mmcif.pdb.org/dictionaries/ascii/mmcif_pdbx.dic 
# 
loop_
_database_2.database_id 
_database_2.database_code 
_database_2.pdbx_database_accession 
_database_2.pdbx_DOI 
PDB   4J62         pdb_00004j62 10.2210/pdb4j62/pdb 
RCSB  RCSB077641   ?            ?                   
WWPDB D_1000077641 ?            ?                   
# 
loop_
_pdbx_audit_revision_history.ordinal 
_pdbx_audit_revision_history.data_content_type 
_pdbx_audit_revision_history.major_revision 
_pdbx_audit_revision_history.minor_revision 
_pdbx_audit_revision_history.revision_date 
1 'Structure model' 1 0 2014-01-22 
2 'Structure model' 1 1 2017-11-15 
3 'Structure model' 1 2 2023-09-20 
4 'Structure model' 1 3 2024-10-16 
# 
_pdbx_audit_revision_details.ordinal             1 
_pdbx_audit_revision_details.revision_ordinal    1 
_pdbx_audit_revision_details.data_content_type   'Structure model' 
_pdbx_audit_revision_details.provider            repository 
_pdbx_audit_revision_details.type                'Initial release' 
_pdbx_audit_revision_details.description         ? 
_pdbx_audit_revision_details.details             ? 
# 
loop_
_pdbx_audit_revision_group.ordinal 
_pdbx_audit_revision_group.revision_ordinal 
_pdbx_audit_revision_group.data_content_type 
_pdbx_audit_revision_group.group 
1 2 'Structure model' 'Refinement description' 
2 3 'Structure model' 'Data collection'        
3 3 'Structure model' 'Database references'    
4 3 'Structure model' 'Derived calculations'   
5 3 'Structure model' 'Refinement description' 
6 4 'Structure model' 'Structure summary'      
# 
loop_
_pdbx_audit_revision_category.ordinal 
_pdbx_audit_revision_category.revision_ordinal 
_pdbx_audit_revision_category.data_content_type 
_pdbx_audit_revision_category.category 
1 2 'Structure model' software                      
2 3 'Structure model' chem_comp_atom                
3 3 'Structure model' chem_comp_bond                
4 3 'Structure model' database_2                    
5 3 'Structure model' pdbx_initial_refinement_model 
6 3 'Structure model' struct_site                   
7 4 'Structure model' pdbx_entry_details            
8 4 'Structure model' pdbx_modification_feature     
# 
loop_
_pdbx_audit_revision_item.ordinal 
_pdbx_audit_revision_item.revision_ordinal 
_pdbx_audit_revision_item.data_content_type 
_pdbx_audit_revision_item.item 
1 3 'Structure model' '_database_2.pdbx_DOI'                
2 3 'Structure model' '_database_2.pdbx_database_accession' 
3 3 'Structure model' '_struct_site.pdbx_auth_asym_id'      
4 3 'Structure model' '_struct_site.pdbx_auth_comp_id'      
5 3 'Structure model' '_struct_site.pdbx_auth_seq_id'       
# 
_pdbx_database_status.entry_id                        4J62 
_pdbx_database_status.status_code                     REL 
_pdbx_database_status.deposit_site                    RCSB 
_pdbx_database_status.process_site                    RCSB 
_pdbx_database_status.recvd_initial_deposition_date   2013-02-11 
_pdbx_database_status.status_code_sf                  REL 
_pdbx_database_status.status_code_mr                  ? 
_pdbx_database_status.SG_entry                        ? 
_pdbx_database_status.status_code_cs                  ? 
_pdbx_database_status.methods_development_category    ? 
_pdbx_database_status.pdb_format_compatible           Y 
_pdbx_database_status.status_code_nmr_data            ? 
# 
loop_
_pdbx_database_related.db_name 
_pdbx_database_related.db_id 
_pdbx_database_related.details 
_pdbx_database_related.content_type 
PDB 4J5Z 'Crystal structure of Ribonuclease A in aqueous solution: One of twelve in MSCS set'                  unspecified 
PDB 4J60 'Crystal structure of Ribonuclease A soaked in 25% Cyclopentanol: One of twelve in MSCS set'          unspecified 
PDB 4J61 'Crystal structure of Ribonuclease A soaked in 40% Cyclopentanone: One of twelve in MSCS set'         unspecified 
PDB 4J63 'Crystal structure of Ribonuclease A soaked in 40% Cyclohexanone: One of twelve in MSCS set'          unspecified 
PDB 4J64 'Crystal structure of Ribonuclease A soaked in 40% Dioxane: One of twelve in MSCS set'                unspecified 
PDB 4J65 'Crystal structure of Ribonuclease A soaked in 40% Dimethylformamide: One of twelve in MSCS set'      unspecified 
PDB 4J66 'Crystal structure of Ribonuclease A soaked in 25% Dimethyl sulfoxide: One of twelve in MSCS set'     unspecified 
PDB 4J67 'Crystal structure of Ribonuclease A soaked in 50% 1,6-Hexanediol: One of twelve in MSCS set'         unspecified 
PDB 4J68 'Crystal structure of Ribonuclease A soaked in 40% Isopropanol: One of twelve in MSCS set'            unspecified 
PDB 4J69 'Crystal structure of Ribonuclease A soaked in 50% S,R,S-bisfuranol: One of twelve in MSCS set'       unspecified 
PDB 4J6A 'Crystal structure of Ribonuclease A soaked in 40% 2,2,2-Trifluoroethanol: One of twelve in MSCS set' unspecified 
# 
loop_
_audit_author.name 
_audit_author.pdbx_ordinal 
'Kearney, B.M.' 1 
'Dechene, M.'   2 
'Swartz, P.D.'  3 
'Mattos, C.'    4 
# 
_citation.id                        primary 
_citation.title                     'DRoP: A program for analysis of water structure on protein surfaces' 
_citation.journal_abbrev            'to be published' 
_citation.journal_volume            ? 
_citation.page_first                ? 
_citation.page_last                 ? 
_citation.year                      ? 
_citation.journal_id_ASTM           ? 
_citation.country                   ? 
_citation.journal_id_ISSN           ? 
_citation.journal_id_CSD            0353 
_citation.book_publisher            ? 
_citation.pdbx_database_id_PubMed   ? 
_citation.pdbx_database_id_DOI      ? 
# 
loop_
_citation_author.citation_id 
_citation_author.name 
_citation_author.ordinal 
_citation_author.identifier_ORCID 
primary 'Kearney, B.M.' 1 ? 
primary 'Roberts, D.'   2 ? 
primary 'Dechene, M.'   3 ? 
primary 'Swartz, P.D.'  4 ? 
primary 'Mattos, C.'    5 ? 
# 
loop_
_entity.id 
_entity.type 
_entity.src_method 
_entity.pdbx_description 
_entity.formula_weight 
_entity.pdbx_number_of_molecules 
_entity.pdbx_ec 
_entity.pdbx_mutation 
_entity.pdbx_fragment 
_entity.details 
1 polymer     nat 'Ribonuclease pancreatic' 13708.326 1  3.1.27.5 ? ? ? 
2 non-polymer syn 'SULFATE ION'             96.063    1  ?        ? ? ? 
3 non-polymer syn CYCLOHEXANOL              100.159   4  ?        ? ? ? 
4 water       nat water                     18.015    74 ?        ? ? ? 
# 
_entity_name_com.entity_id   1 
_entity_name_com.name        'RNase 1, RNase A' 
# 
_entity_poly.entity_id                      1 
_entity_poly.type                           'polypeptide(L)' 
_entity_poly.nstd_linkage                   no 
_entity_poly.nstd_monomer                   no 
_entity_poly.pdbx_seq_one_letter_code       
;KETAAAKFERQHMDSSTSAASSSNYCNQMMKSRNLTKDRCKPVNTFVHESLADVQAVCSQKNVACKNGQTNCYQSYSTMS
ITDCRETGSSKYPNCAYKTTQANKHIIVACEGNPYVPVHFDASV
;
_entity_poly.pdbx_seq_one_letter_code_can   
;KETAAAKFERQHMDSSTSAASSSNYCNQMMKSRNLTKDRCKPVNTFVHESLADVQAVCSQKNVACKNGQTNCYQSYSTMS
ITDCRETGSSKYPNCAYKTTQANKHIIVACEGNPYVPVHFDASV
;
_entity_poly.pdbx_strand_id                 A 
_entity_poly.pdbx_target_identifier         ? 
# 
loop_
_pdbx_entity_nonpoly.entity_id 
_pdbx_entity_nonpoly.name 
_pdbx_entity_nonpoly.comp_id 
2 'SULFATE ION' SO4 
3 CYCLOHEXANOL  CXL 
4 water         HOH 
# 
loop_
_entity_poly_seq.entity_id 
_entity_poly_seq.num 
_entity_poly_seq.mon_id 
_entity_poly_seq.hetero 
1 1   LYS n 
1 2   GLU n 
1 3   THR n 
1 4   ALA n 
1 5   ALA n 
1 6   ALA n 
1 7   LYS n 
1 8   PHE n 
1 9   GLU n 
1 10  ARG n 
1 11  GLN n 
1 12  HIS n 
1 13  MET n 
1 14  ASP n 
1 15  SER n 
1 16  SER n 
1 17  THR n 
1 18  SER n 
1 19  ALA n 
1 20  ALA n 
1 21  SER n 
1 22  SER n 
1 23  SER n 
1 24  ASN n 
1 25  TYR n 
1 26  CYS n 
1 27  ASN n 
1 28  GLN n 
1 29  MET n 
1 30  MET n 
1 31  LYS n 
1 32  SER n 
1 33  ARG n 
1 34  ASN n 
1 35  LEU n 
1 36  THR n 
1 37  LYS n 
1 38  ASP n 
1 39  ARG n 
1 40  CYS n 
1 41  LYS n 
1 42  PRO n 
1 43  VAL n 
1 44  ASN n 
1 45  THR n 
1 46  PHE n 
1 47  VAL n 
1 48  HIS n 
1 49  GLU n 
1 50  SER n 
1 51  LEU n 
1 52  ALA n 
1 53  ASP n 
1 54  VAL n 
1 55  GLN n 
1 56  ALA n 
1 57  VAL n 
1 58  CYS n 
1 59  SER n 
1 60  GLN n 
1 61  LYS n 
1 62  ASN n 
1 63  VAL n 
1 64  ALA n 
1 65  CYS n 
1 66  LYS n 
1 67  ASN n 
1 68  GLY n 
1 69  GLN n 
1 70  THR n 
1 71  ASN n 
1 72  CYS n 
1 73  TYR n 
1 74  GLN n 
1 75  SER n 
1 76  TYR n 
1 77  SER n 
1 78  THR n 
1 79  MET n 
1 80  SER n 
1 81  ILE n 
1 82  THR n 
1 83  ASP n 
1 84  CYS n 
1 85  ARG n 
1 86  GLU n 
1 87  THR n 
1 88  GLY n 
1 89  SER n 
1 90  SER n 
1 91  LYS n 
1 92  TYR n 
1 93  PRO n 
1 94  ASN n 
1 95  CYS n 
1 96  ALA n 
1 97  TYR n 
1 98  LYS n 
1 99  THR n 
1 100 THR n 
1 101 GLN n 
1 102 ALA n 
1 103 ASN n 
1 104 LYS n 
1 105 HIS n 
1 106 ILE n 
1 107 ILE n 
1 108 VAL n 
1 109 ALA n 
1 110 CYS n 
1 111 GLU n 
1 112 GLY n 
1 113 ASN n 
1 114 PRO n 
1 115 TYR n 
1 116 VAL n 
1 117 PRO n 
1 118 VAL n 
1 119 HIS n 
1 120 PHE n 
1 121 ASP n 
1 122 ALA n 
1 123 SER n 
1 124 VAL n 
# 
_entity_src_nat.entity_id                  1 
_entity_src_nat.pdbx_src_id                1 
_entity_src_nat.pdbx_alt_source_flag       sample 
_entity_src_nat.pdbx_beg_seq_num           ? 
_entity_src_nat.pdbx_end_seq_num           ? 
_entity_src_nat.common_name                'bovine,cow,domestic cattle,domestic cow' 
_entity_src_nat.pdbx_organism_scientific   'Bos taurus' 
_entity_src_nat.pdbx_ncbi_taxonomy_id      9913 
_entity_src_nat.genus                      ? 
_entity_src_nat.species                    ? 
_entity_src_nat.strain                     ? 
_entity_src_nat.tissue                     ? 
_entity_src_nat.tissue_fraction            ? 
_entity_src_nat.pdbx_secretion             ? 
_entity_src_nat.pdbx_fragment              ? 
_entity_src_nat.pdbx_variant               ? 
_entity_src_nat.pdbx_cell_line             ? 
_entity_src_nat.pdbx_atcc                  ? 
_entity_src_nat.pdbx_cellular_location     ? 
_entity_src_nat.pdbx_organ                 ? 
_entity_src_nat.pdbx_organelle             ? 
_entity_src_nat.pdbx_cell                  ? 
_entity_src_nat.pdbx_plasmid_name          ? 
_entity_src_nat.pdbx_plasmid_details       ? 
_entity_src_nat.details                    pancreas 
# 
loop_
_chem_comp.id 
_chem_comp.type 
_chem_comp.mon_nstd_flag 
_chem_comp.name 
_chem_comp.pdbx_synonyms 
_chem_comp.formula 
_chem_comp.formula_weight 
ALA 'L-peptide linking' y ALANINE         ? 'C3 H7 N O2'     89.093  
ARG 'L-peptide linking' y ARGININE        ? 'C6 H15 N4 O2 1' 175.209 
ASN 'L-peptide linking' y ASPARAGINE      ? 'C4 H8 N2 O3'    132.118 
ASP 'L-peptide linking' y 'ASPARTIC ACID' ? 'C4 H7 N O4'     133.103 
CXL non-polymer         . CYCLOHEXANOL    ? 'C6 H12 O'       100.159 
CYS 'L-peptide linking' y CYSTEINE        ? 'C3 H7 N O2 S'   121.158 
GLN 'L-peptide linking' y GLUTAMINE       ? 'C5 H10 N2 O3'   146.144 
GLU 'L-peptide linking' y 'GLUTAMIC ACID' ? 'C5 H9 N O4'     147.129 
GLY 'peptide linking'   y GLYCINE         ? 'C2 H5 N O2'     75.067  
HIS 'L-peptide linking' y HISTIDINE       ? 'C6 H10 N3 O2 1' 156.162 
HOH non-polymer         . WATER           ? 'H2 O'           18.015  
ILE 'L-peptide linking' y ISOLEUCINE      ? 'C6 H13 N O2'    131.173 
LEU 'L-peptide linking' y LEUCINE         ? 'C6 H13 N O2'    131.173 
LYS 'L-peptide linking' y LYSINE          ? 'C6 H15 N2 O2 1' 147.195 
MET 'L-peptide linking' y METHIONINE      ? 'C5 H11 N O2 S'  149.211 
PHE 'L-peptide linking' y PHENYLALANINE   ? 'C9 H11 N O2'    165.189 
PRO 'L-peptide linking' y PROLINE         ? 'C5 H9 N O2'     115.130 
SER 'L-peptide linking' y SERINE          ? 'C3 H7 N O3'     105.093 
SO4 non-polymer         . 'SULFATE ION'   ? 'O4 S -2'        96.063  
THR 'L-peptide linking' y THREONINE       ? 'C4 H9 N O3'     119.119 
TYR 'L-peptide linking' y TYROSINE        ? 'C9 H11 N O3'    181.189 
VAL 'L-peptide linking' y VALINE          ? 'C5 H11 N O2'    117.146 
# 
loop_
_pdbx_poly_seq_scheme.asym_id 
_pdbx_poly_seq_scheme.entity_id 
_pdbx_poly_seq_scheme.seq_id 
_pdbx_poly_seq_scheme.mon_id 
_pdbx_poly_seq_scheme.ndb_seq_num 
_pdbx_poly_seq_scheme.pdb_seq_num 
_pdbx_poly_seq_scheme.auth_seq_num 
_pdbx_poly_seq_scheme.pdb_mon_id 
_pdbx_poly_seq_scheme.auth_mon_id 
_pdbx_poly_seq_scheme.pdb_strand_id 
_pdbx_poly_seq_scheme.pdb_ins_code 
_pdbx_poly_seq_scheme.hetero 
A 1 1   LYS 1   1   1   LYS LYS A . n 
A 1 2   GLU 2   2   2   GLU GLU A . n 
A 1 3   THR 3   3   3   THR THR A . n 
A 1 4   ALA 4   4   4   ALA ALA A . n 
A 1 5   ALA 5   5   5   ALA ALA A . n 
A 1 6   ALA 6   6   6   ALA ALA A . n 
A 1 7   LYS 7   7   7   LYS LYS A . n 
A 1 8   PHE 8   8   8   PHE PHE A . n 
A 1 9   GLU 9   9   9   GLU GLU A . n 
A 1 10  ARG 10  10  10  ARG ARG A . n 
A 1 11  GLN 11  11  11  GLN GLN A . n 
A 1 12  HIS 12  12  12  HIS HIS A . n 
A 1 13  MET 13  13  13  MET MET A . n 
A 1 14  ASP 14  14  14  ASP ASP A . n 
A 1 15  SER 15  15  15  SER SER A . n 
A 1 16  SER 16  16  16  SER SER A . n 
A 1 17  THR 17  17  17  THR THR A . n 
A 1 18  SER 18  18  18  SER SER A . n 
A 1 19  ALA 19  19  19  ALA ALA A . n 
A 1 20  ALA 20  20  20  ALA ALA A . n 
A 1 21  SER 21  21  21  SER SER A . n 
A 1 22  SER 22  22  22  SER SER A . n 
A 1 23  SER 23  23  23  SER SER A . n 
A 1 24  ASN 24  24  24  ASN ASN A . n 
A 1 25  TYR 25  25  25  TYR TYR A . n 
A 1 26  CYS 26  26  26  CYS CYS A . n 
A 1 27  ASN 27  27  27  ASN ASN A . n 
A 1 28  GLN 28  28  28  GLN GLN A . n 
A 1 29  MET 29  29  29  MET MET A . n 
A 1 30  MET 30  30  30  MET MET A . n 
A 1 31  LYS 31  31  31  LYS LYS A . n 
A 1 32  SER 32  32  32  SER SER A . n 
A 1 33  ARG 33  33  33  ARG ARG A . n 
A 1 34  ASN 34  34  34  ASN ASN A . n 
A 1 35  LEU 35  35  35  LEU LEU A . n 
A 1 36  THR 36  36  36  THR THR A . n 
A 1 37  LYS 37  37  37  LYS LYS A . n 
A 1 38  ASP 38  38  38  ASP ASP A . n 
A 1 39  ARG 39  39  39  ARG ARG A . n 
A 1 40  CYS 40  40  40  CYS CYS A . n 
A 1 41  LYS 41  41  41  LYS LYS A . n 
A 1 42  PRO 42  42  42  PRO PRO A . n 
A 1 43  VAL 43  43  43  VAL VAL A . n 
A 1 44  ASN 44  44  44  ASN ASN A . n 
A 1 45  THR 45  45  45  THR THR A . n 
A 1 46  PHE 46  46  46  PHE PHE A . n 
A 1 47  VAL 47  47  47  VAL VAL A . n 
A 1 48  HIS 48  48  48  HIS HIS A . n 
A 1 49  GLU 49  49  49  GLU GLU A . n 
A 1 50  SER 50  50  50  SER SER A . n 
A 1 51  LEU 51  51  51  LEU LEU A . n 
A 1 52  ALA 52  52  52  ALA ALA A . n 
A 1 53  ASP 53  53  53  ASP ASP A . n 
A 1 54  VAL 54  54  54  VAL VAL A . n 
A 1 55  GLN 55  55  55  GLN GLN A . n 
A 1 56  ALA 56  56  56  ALA ALA A . n 
A 1 57  VAL 57  57  57  VAL VAL A . n 
A 1 58  CYS 58  58  58  CYS CYS A . n 
A 1 59  SER 59  59  59  SER SER A . n 
A 1 60  GLN 60  60  60  GLN GLN A . n 
A 1 61  LYS 61  61  61  LYS LYS A . n 
A 1 62  ASN 62  62  62  ASN ASN A . n 
A 1 63  VAL 63  63  63  VAL VAL A . n 
A 1 64  ALA 64  64  64  ALA ALA A . n 
A 1 65  CYS 65  65  65  CYS CYS A . n 
A 1 66  LYS 66  66  66  LYS LYS A . n 
A 1 67  ASN 67  67  67  ASN ASN A . n 
A 1 68  GLY 68  68  68  GLY GLY A . n 
A 1 69  GLN 69  69  69  GLN GLN A . n 
A 1 70  THR 70  70  70  THR THR A . n 
A 1 71  ASN 71  71  71  ASN ASN A . n 
A 1 72  CYS 72  72  72  CYS CYS A . n 
A 1 73  TYR 73  73  73  TYR TYR A . n 
A 1 74  GLN 74  74  74  GLN GLN A . n 
A 1 75  SER 75  75  75  SER SER A . n 
A 1 76  TYR 76  76  76  TYR TYR A . n 
A 1 77  SER 77  77  77  SER SER A . n 
A 1 78  THR 78  78  78  THR THR A . n 
A 1 79  MET 79  79  79  MET MET A . n 
A 1 80  SER 80  80  80  SER SER A . n 
A 1 81  ILE 81  81  81  ILE ILE A . n 
A 1 82  THR 82  82  82  THR THR A . n 
A 1 83  ASP 83  83  83  ASP ASP A . n 
A 1 84  CYS 84  84  84  CYS CYS A . n 
A 1 85  ARG 85  85  85  ARG ARG A . n 
A 1 86  GLU 86  86  86  GLU GLU A . n 
A 1 87  THR 87  87  87  THR THR A . n 
A 1 88  GLY 88  88  88  GLY GLY A . n 
A 1 89  SER 89  89  89  SER SER A . n 
A 1 90  SER 90  90  90  SER SER A . n 
A 1 91  LYS 91  91  91  LYS LYS A . n 
A 1 92  TYR 92  92  92  TYR TYR A . n 
A 1 93  PRO 93  93  93  PRO PRO A . n 
A 1 94  ASN 94  94  94  ASN ASN A . n 
A 1 95  CYS 95  95  95  CYS CYS A . n 
A 1 96  ALA 96  96  96  ALA ALA A . n 
A 1 97  TYR 97  97  97  TYR TYR A . n 
A 1 98  LYS 98  98  98  LYS LYS A . n 
A 1 99  THR 99  99  99  THR THR A . n 
A 1 100 THR 100 100 100 THR THR A . n 
A 1 101 GLN 101 101 101 GLN GLN A . n 
A 1 102 ALA 102 102 102 ALA ALA A . n 
A 1 103 ASN 103 103 103 ASN ASN A . n 
A 1 104 LYS 104 104 104 LYS LYS A . n 
A 1 105 HIS 105 105 105 HIS HIS A . n 
A 1 106 ILE 106 106 106 ILE ILE A . n 
A 1 107 ILE 107 107 107 ILE ILE A . n 
A 1 108 VAL 108 108 108 VAL VAL A . n 
A 1 109 ALA 109 109 109 ALA ALA A . n 
A 1 110 CYS 110 110 110 CYS CYS A . n 
A 1 111 GLU 111 111 111 GLU GLU A . n 
A 1 112 GLY 112 112 112 GLY GLY A . n 
A 1 113 ASN 113 113 113 ASN ASN A . n 
A 1 114 PRO 114 114 114 PRO PRO A . n 
A 1 115 TYR 115 115 115 TYR TYR A . n 
A 1 116 VAL 116 116 116 VAL VAL A . n 
A 1 117 PRO 117 117 117 PRO PRO A . n 
A 1 118 VAL 118 118 118 VAL VAL A . n 
A 1 119 HIS 119 119 119 HIS HIS A . n 
A 1 120 PHE 120 120 120 PHE PHE A . n 
A 1 121 ASP 121 121 121 ASP ASP A . n 
A 1 122 ALA 122 122 122 ALA ALA A . n 
A 1 123 SER 123 123 123 SER SER A . n 
A 1 124 VAL 124 124 124 VAL VAL A . n 
# 
loop_
_pdbx_nonpoly_scheme.asym_id 
_pdbx_nonpoly_scheme.entity_id 
_pdbx_nonpoly_scheme.mon_id 
_pdbx_nonpoly_scheme.ndb_seq_num 
_pdbx_nonpoly_scheme.pdb_seq_num 
_pdbx_nonpoly_scheme.auth_seq_num 
_pdbx_nonpoly_scheme.pdb_mon_id 
_pdbx_nonpoly_scheme.auth_mon_id 
_pdbx_nonpoly_scheme.pdb_strand_id 
_pdbx_nonpoly_scheme.pdb_ins_code 
B 2 SO4 1  201 201 SO4 SO4 A . 
C 3 CXL 1  202 202 CXL CXL A . 
D 3 CXL 1  207 207 CXL CXL A . 
E 3 CXL 1  208 208 CXL CXL A . 
F 3 CXL 1  218 218 CXL CXL A . 
G 4 HOH 1  301 301 HOH HOH A . 
G 4 HOH 2  302 302 HOH HOH A . 
G 4 HOH 3  303 303 HOH HOH A . 
G 4 HOH 4  304 304 HOH HOH A . 
G 4 HOH 5  305 305 HOH HOH A . 
G 4 HOH 6  306 306 HOH HOH A . 
G 4 HOH 7  307 307 HOH HOH A . 
G 4 HOH 8  308 308 HOH HOH A . 
G 4 HOH 9  309 309 HOH HOH A . 
G 4 HOH 10 310 310 HOH HOH A . 
G 4 HOH 11 311 311 HOH HOH A . 
G 4 HOH 12 312 312 HOH HOH A . 
G 4 HOH 13 313 313 HOH HOH A . 
G 4 HOH 14 314 314 HOH HOH A . 
G 4 HOH 15 315 315 HOH HOH A . 
G 4 HOH 16 316 316 HOH HOH A . 
G 4 HOH 17 317 317 HOH HOH A . 
G 4 HOH 18 318 318 HOH HOH A . 
G 4 HOH 19 319 319 HOH HOH A . 
G 4 HOH 20 320 320 HOH HOH A . 
G 4 HOH 21 321 321 HOH HOH A . 
G 4 HOH 22 322 322 HOH HOH A . 
G 4 HOH 23 323 323 HOH HOH A . 
G 4 HOH 24 324 324 HOH HOH A . 
G 4 HOH 25 325 325 HOH HOH A . 
G 4 HOH 26 326 326 HOH HOH A . 
G 4 HOH 27 327 327 HOH HOH A . 
G 4 HOH 28 329 329 HOH HOH A . 
G 4 HOH 29 330 330 HOH HOH A . 
G 4 HOH 30 332 332 HOH HOH A . 
G 4 HOH 31 333 333 HOH HOH A . 
G 4 HOH 32 334 334 HOH HOH A . 
G 4 HOH 33 335 335 HOH HOH A . 
G 4 HOH 34 336 336 HOH HOH A . 
G 4 HOH 35 337 337 HOH HOH A . 
G 4 HOH 36 338 338 HOH HOH A . 
G 4 HOH 37 339 339 HOH HOH A . 
G 4 HOH 38 340 340 HOH HOH A . 
G 4 HOH 39 349 349 HOH HOH A . 
G 4 HOH 40 352 352 HOH HOH A . 
G 4 HOH 41 353 353 HOH HOH A . 
G 4 HOH 42 354 354 HOH HOH A . 
G 4 HOH 43 355 355 HOH HOH A . 
G 4 HOH 44 358 358 HOH HOH A . 
G 4 HOH 45 361 361 HOH HOH A . 
G 4 HOH 46 365 365 HOH HOH A . 
G 4 HOH 47 368 368 HOH HOH A . 
G 4 HOH 48 372 372 HOH HOH A . 
G 4 HOH 49 373 373 HOH HOH A . 
G 4 HOH 50 374 374 HOH HOH A . 
G 4 HOH 51 382 382 HOH HOH A . 
G 4 HOH 52 383 383 HOH HOH A . 
G 4 HOH 53 395 395 HOH HOH A . 
G 4 HOH 54 399 399 HOH HOH A . 
G 4 HOH 55 404 404 HOH HOH A . 
G 4 HOH 56 406 406 HOH HOH A . 
G 4 HOH 57 408 408 HOH HOH A . 
G 4 HOH 58 423 423 HOH HOH A . 
G 4 HOH 59 425 425 HOH HOH A . 
G 4 HOH 60 430 430 HOH HOH A . 
G 4 HOH 61 432 432 HOH HOH A . 
G 4 HOH 62 439 439 HOH HOH A . 
G 4 HOH 63 440 440 HOH HOH A . 
G 4 HOH 64 490 490 HOH HOH A . 
G 4 HOH 65 491 491 HOH HOH A . 
G 4 HOH 66 492 492 HOH HOH A . 
G 4 HOH 67 493 493 HOH HOH A . 
G 4 HOH 68 494 494 HOH HOH A . 
G 4 HOH 69 495 495 HOH HOH A . 
G 4 HOH 70 496 496 HOH HOH A . 
G 4 HOH 71 497 497 HOH HOH A . 
G 4 HOH 72 498 498 HOH HOH A . 
G 4 HOH 73 499 499 HOH HOH A . 
G 4 HOH 74 500 500 HOH HOH A . 
# 
loop_
_software.pdbx_ordinal 
_software.name 
_software.version 
_software.date 
_software.type 
_software.contact_author 
_software.contact_author_email 
_software.classification 
_software.location 
_software.language 
_software.citation_id 
1 DENZO       .          ?                package 'Zbyszek Otwinowski' hkl@hkl-xray.com            'data reduction'  
http://www.hkl-xray.com/                    ?   ? 
2 SCALEPACK   .          ?                package 'Zbyszek Otwinowski' hkl@hkl-xray.com            'data scaling'    
http://www.hkl-xray.com/                    ?   ? 
3 PHASER      .          ?                program 'Randy J. Read'      cimr-phaser@lists.cam.ac.uk phasing           
http://www-structmed.cimr.cam.ac.uk/phaser/ ?   ? 
4 PHENIX      1.8.1_1168 ?                package 'Paul D. Adams'      PDAdams@lbl.gov             refinement        
http://www.phenix-online.org/               C++ ? 
5 PDB_EXTRACT 3.11       'April 22, 2011' package PDB                  deposit@deposit.rcsb.org    'data extraction' 
http://sw-tools.pdb.org/apps/PDB_EXTRACT/   C++ ? 
6 HKL-2000    .          ?                ?       ?                    ?                           'data collection' ? ?   ? 
7 HKL-2000    .          ?                ?       ?                    ?                           'data reduction'  ? ?   ? 
8 HKL-2000    .          ?                ?       ?                    ?                           'data scaling'    ? ?   ? 
# 
_cell.entry_id           4J62 
_cell.length_a           63.269 
_cell.length_b           63.269 
_cell.length_c           64.937 
_cell.angle_alpha        90.00 
_cell.angle_beta         90.00 
_cell.angle_gamma        120.00 
_cell.Z_PDB              6 
_cell.pdbx_unique_axis   ? 
# 
_symmetry.entry_id                         4J62 
_symmetry.space_group_name_H-M             'P 32 2 1' 
_symmetry.pdbx_full_space_group_name_H-M   ? 
_symmetry.cell_setting                     ? 
_symmetry.Int_Tables_number                154 
# 
_exptl.crystals_number   1 
_exptl.entry_id          4J62 
_exptl.method            'X-RAY DIFFRACTION' 
# 
_exptl_crystal.id                    1 
_exptl_crystal.density_Matthews      2.74 
_exptl_crystal.density_meas          ? 
_exptl_crystal.density_percent_sol   55.06 
_exptl_crystal.description           ? 
_exptl_crystal.F_000                 ? 
_exptl_crystal.preparation           ? 
# 
_exptl_crystal_grow.crystal_id      1 
_exptl_crystal_grow.method          'VAPOR DIFFUSION, HANGING DROP' 
_exptl_crystal_grow.pH              6.0 
_exptl_crystal_grow.temp            291 
_exptl_crystal_grow.pdbx_details    
;35% ammonium sulfate, 1.5 M sodium chloride, 35 mg/mL protein in 20 mM sodium phosphate buffer, pH 6.0, vapor diffusion, hanging drop, temperature 291K
;
_exptl_crystal_grow.temp_details    ? 
_exptl_crystal_grow.pdbx_pH_range   ? 
# 
_diffrn.id                     1 
_diffrn.ambient_temp           100 
_diffrn.ambient_temp_details   ? 
_diffrn.crystal_id             1 
# 
_diffrn_detector.diffrn_id              1 
_diffrn_detector.detector               'IMAGE PLATE' 
_diffrn_detector.type                   'MAR scanner 300 mm plate' 
_diffrn_detector.pdbx_collection_date   2004-12-15 
_diffrn_detector.details                mirror 
# 
_diffrn_radiation.diffrn_id                        1 
_diffrn_radiation.pdbx_diffrn_protocol             'SINGLE WAVELENGTH' 
_diffrn_radiation.monochromator                    'Double crystal - liquid nitrogen cooled' 
_diffrn_radiation.wavelength_id                    1 
_diffrn_radiation.pdbx_monochromatic_or_laue_m_l   M 
_diffrn_radiation.pdbx_scattering_type             x-ray 
# 
_diffrn_radiation_wavelength.id           1 
_diffrn_radiation_wavelength.wavelength   1.0 
_diffrn_radiation_wavelength.wt           1.0 
# 
_diffrn_source.diffrn_id                   1 
_diffrn_source.source                      SYNCHROTRON 
_diffrn_source.type                        'APS BEAMLINE 22-ID' 
_diffrn_source.pdbx_wavelength_list        1.0 
_diffrn_source.pdbx_wavelength             ? 
_diffrn_source.pdbx_synchrotron_site       APS 
_diffrn_source.pdbx_synchrotron_beamline   22-ID 
# 
_reflns.entry_id                     4J62 
_reflns.d_resolution_high            2.0390 
_reflns.d_resolution_low             50.000 
_reflns.number_obs                   9940 
_reflns.pdbx_Rmerge_I_obs            0.093 
_reflns.pdbx_netI_over_sigmaI        8.300 
_reflns.pdbx_chi_squared             1.508 
_reflns.pdbx_redundancy              10.800 
_reflns.percent_possible_obs         100.000 
_reflns.observed_criterion_sigma_F   1.0 
_reflns.observed_criterion_sigma_I   1.0 
_reflns.number_all                   9940 
_reflns.pdbx_Rsym_value              ? 
_reflns.B_iso_Wilson_estimate        ? 
_reflns.R_free_details               ? 
_reflns.limit_h_max                  ? 
_reflns.limit_h_min                  ? 
_reflns.limit_k_max                  ? 
_reflns.limit_k_min                  ? 
_reflns.limit_l_max                  ? 
_reflns.limit_l_min                  ? 
_reflns.observed_criterion_F_max     ? 
_reflns.observed_criterion_F_min     ? 
_reflns.pdbx_scaling_rejects         ? 
_reflns.pdbx_ordinal                 1 
_reflns.pdbx_diffrn_id               1 
# 
loop_
_reflns_shell.d_res_high 
_reflns_shell.d_res_low 
_reflns_shell.number_measured_obs 
_reflns_shell.number_measured_all 
_reflns_shell.number_unique_obs 
_reflns_shell.Rmerge_I_obs 
_reflns_shell.meanI_over_sigI_obs 
_reflns_shell.pdbx_Rsym_value 
_reflns_shell.pdbx_chi_squared 
_reflns_shell.pdbx_redundancy 
_reflns_shell.percent_possible_obs 
_reflns_shell.number_unique_all 
_reflns_shell.percent_possible_all 
_reflns_shell.pdbx_ordinal 
_reflns_shell.pdbx_diffrn_id 
2.040 2.110  ? ? ? 0.650 ? ? 1.016 10.800 ? 979  100.000 1  1 
2.110 2.200  ? ? ? 0.470 ? ? 0.998 11.000 ? 964  100.000 2  1 
2.200 2.300  ? ? ? 0.355 ? ? 1.077 11.000 ? 973  100.000 3  1 
2.300 2.420  ? ? ? 0.263 ? ? 1.007 11.100 ? 977  100.000 4  1 
2.420 2.570  ? ? ? 0.212 ? ? 0.997 11.000 ? 974  100.000 5  1 
2.570 2.770  ? ? ? 0.155 ? ? 1.009 11.000 ? 994  100.000 6  1 
2.770 3.050  ? ? ? 0.103 ? ? 1.090 11.000 ? 993  100.000 7  1 
3.050 3.490  ? ? ? 0.068 ? ? 1.510 10.800 ? 993  100.000 8  1 
3.490 4.390  ? ? ? 0.054 ? ? 2.923 10.600 ? 1016 100.000 9  1 
4.390 50.000 ? ? ? 0.051 ? ? 3.456 10.000 ? 1077 99.900  10 1 
# 
_refine.entry_id                                 4J62 
_refine.ls_d_res_high                            2.0390 
_refine.ls_d_res_low                             41.8770 
_refine.pdbx_ls_sigma_F                          1.340 
_refine.pdbx_data_cutoff_high_absF               ? 
_refine.pdbx_data_cutoff_low_absF                ? 
_refine.ls_percent_reflns_obs                    99.8900 
_refine.ls_number_reflns_obs                     9917 
_refine.ls_number_reflns_all                     9927 
_refine.pdbx_ls_cross_valid_method               ? 
_refine.pdbx_R_Free_selection_details            RANDOM 
_refine.details                                  ? 
_refine.ls_R_factor_all                          0.1875 
_refine.ls_R_factor_obs                          0.1875 
_refine.ls_R_factor_R_work                       0.1832 
_refine.ls_wR_factor_R_work                      ? 
_refine.ls_R_factor_R_free                       0.2264 
_refine.ls_wR_factor_R_free                      ? 
_refine.ls_percent_reflns_R_free                 9.9300 
_refine.ls_number_reflns_R_free                  985 
_refine.ls_R_factor_R_free_error                 ? 
_refine.B_iso_mean                               31.7623 
_refine.solvent_model_param_bsol                 ? 
_refine.solvent_model_param_ksol                 ? 
_refine.pdbx_isotropic_thermal_model             ? 
_refine.aniso_B[1][1]                            ? 
_refine.aniso_B[2][2]                            ? 
_refine.aniso_B[3][3]                            ? 
_refine.aniso_B[1][2]                            ? 
_refine.aniso_B[1][3]                            ? 
_refine.aniso_B[2][3]                            ? 
_refine.correlation_coeff_Fo_to_Fc               ? 
_refine.correlation_coeff_Fo_to_Fc_free          ? 
_refine.overall_SU_R_Cruickshank_DPI             ? 
_refine.overall_SU_R_free                        ? 
_refine.pdbx_overall_ESU_R                       ? 
_refine.pdbx_overall_ESU_R_Free                  ? 
_refine.overall_SU_ML                            0.2100 
_refine.overall_SU_B                             ? 
_refine.solvent_model_details                    'FLAT BULK SOLVENT MODEL' 
_refine.pdbx_solvent_vdw_probe_radii             1.1100 
_refine.pdbx_solvent_ion_probe_radii             ? 
_refine.pdbx_solvent_shrinkage_radii             0.9000 
_refine.ls_number_parameters                     ? 
_refine.ls_number_restraints                     ? 
_refine.pdbx_starting_model                      'PDB ENTRY 1RPH' 
_refine.pdbx_method_to_determine_struct          'MOLECULAR REPLACEMENT' 
_refine.pdbx_stereochemistry_target_values       ML 
_refine.pdbx_stereochem_target_val_spec_case     ? 
_refine.overall_FOM_work_R_set                   ? 
_refine.B_iso_max                                76.990 
_refine.B_iso_min                                15.350 
_refine.pdbx_overall_phase_error                 23.3200 
_refine.occupancy_max                            1.000 
_refine.occupancy_min                            1.000 
_refine.pdbx_ls_sigma_I                          ? 
_refine.ls_redundancy_reflns_obs                 ? 
_refine.ls_R_factor_R_free_error_details         ? 
_refine.pdbx_data_cutoff_high_rms_absF           ? 
_refine.overall_FOM_free_R_set                   ? 
_refine.pdbx_diffrn_id                           1 
_refine.pdbx_refine_id                           'X-RAY DIFFRACTION' 
_refine.pdbx_TLS_residual_ADP_flag               ? 
_refine.pdbx_overall_SU_R_free_Cruickshank_DPI   ? 
_refine.pdbx_overall_SU_R_Blow_DPI               ? 
_refine.pdbx_overall_SU_R_free_Blow_DPI          ? 
# 
_refine_hist.pdbx_refine_id                   'X-RAY DIFFRACTION' 
_refine_hist.cycle_id                         LAST 
_refine_hist.pdbx_number_atoms_protein        951 
_refine_hist.pdbx_number_atoms_nucleic_acid   0 
_refine_hist.pdbx_number_atoms_ligand         33 
_refine_hist.number_atoms_solvent             74 
_refine_hist.number_atoms_total               1058 
_refine_hist.d_res_high                       2.0390 
_refine_hist.d_res_low                        41.8770 
# 
loop_
_refine_ls_restr.type 
_refine_ls_restr.number 
_refine_ls_restr.dev_ideal 
_refine_ls_restr.dev_ideal_target 
_refine_ls_restr.weight 
_refine_ls_restr.pdbx_restraint_function 
_refine_ls_restr.pdbx_refine_id 
f_bond_d           1003 0.009  ? ? ? 'X-RAY DIFFRACTION' 
f_angle_d          1344 1.241  ? ? ? 'X-RAY DIFFRACTION' 
f_chiral_restr     145  0.077  ? ? ? 'X-RAY DIFFRACTION' 
f_plane_restr      172  0.004  ? ? ? 'X-RAY DIFFRACTION' 
f_dihedral_angle_d 390  16.345 ? ? ? 'X-RAY DIFFRACTION' 
# 
loop_
_refine_ls_shell.d_res_high 
_refine_ls_shell.d_res_low 
_refine_ls_shell.pdbx_total_number_of_bins_used 
_refine_ls_shell.percent_reflns_obs 
_refine_ls_shell.number_reflns_R_work 
_refine_ls_shell.R_factor_all 
_refine_ls_shell.R_factor_R_work 
_refine_ls_shell.R_factor_R_free 
_refine_ls_shell.percent_reflns_R_free 
_refine_ls_shell.number_reflns_R_free 
_refine_ls_shell.R_factor_R_free_error 
_refine_ls_shell.number_reflns_all 
_refine_ls_shell.number_reflns_obs 
_refine_ls_shell.redundancy_reflns_obs 
_refine_ls_shell.pdbx_refine_id 
2.0393 2.1468  7 99.0000  1229 . 0.2228 0.3013 . 137 . 1366 . . 'X-RAY DIFFRACTION' 
2.1468 2.2813  7 100.0000 1265 . 0.1913 0.2329 . 143 . 1408 . . 'X-RAY DIFFRACTION' 
2.2813 2.4575  7 100.0000 1258 . 0.1931 0.2514 . 139 . 1397 . . 'X-RAY DIFFRACTION' 
2.4575 2.7047  7 100.0000 1257 . 0.1946 0.2857 . 140 . 1397 . . 'X-RAY DIFFRACTION' 
2.7047 3.0960  7 100.0000 1284 . 0.1974 0.2617 . 138 . 1422 . . 'X-RAY DIFFRACTION' 
3.0960 3.9002  7 100.0000 1279 . 0.1617 0.1644 . 142 . 1421 . . 'X-RAY DIFFRACTION' 
3.9002 41.8857 7 100.0000 1360 . 0.1783 0.2213 . 146 . 1506 . . 'X-RAY DIFFRACTION' 
# 
_struct.entry_id                  4J62 
_struct.title                     'Crystal structure of Ribonuclease A soaked in 40% Cyclohexanol: One of twelve in MSCS set' 
_struct.pdbx_model_details        ? 
_struct.pdbx_CASP_flag            ? 
_struct.pdbx_model_type_details   ? 
# 
_struct_keywords.entry_id        4J62 
_struct_keywords.text            'Endoribonuclease, HYDROLASE' 
_struct_keywords.pdbx_keywords   HYDROLASE 
# 
loop_
_struct_asym.id 
_struct_asym.pdbx_blank_PDB_chainid_flag 
_struct_asym.pdbx_modified 
_struct_asym.entity_id 
_struct_asym.details 
A N N 1 ? 
B N N 2 ? 
C N N 3 ? 
D N N 3 ? 
E N N 3 ? 
F N N 3 ? 
G N N 4 ? 
# 
_struct_ref.id                         1 
_struct_ref.db_name                    UNP 
_struct_ref.db_code                    RNAS1_BOVIN 
_struct_ref.pdbx_db_accession          P61823 
_struct_ref.entity_id                  1 
_struct_ref.pdbx_seq_one_letter_code   
;KETAAAKFERQHMDSSTSAASSSNYCNQMMKSRNLTKDRCKPVNTFVHESLADVQAVCSQKNVACKNGQTNCYQSYSTMS
ITDCRETGSSKYPNCAYKTTQANKHIIVACEGNPYVPVHFDASV
;
_struct_ref.pdbx_align_begin           27 
_struct_ref.pdbx_db_isoform            ? 
# 
_struct_ref_seq.align_id                      1 
_struct_ref_seq.ref_id                        1 
_struct_ref_seq.pdbx_PDB_id_code              4J62 
_struct_ref_seq.pdbx_strand_id                A 
_struct_ref_seq.seq_align_beg                 1 
_struct_ref_seq.pdbx_seq_align_beg_ins_code   ? 
_struct_ref_seq.seq_align_end                 124 
_struct_ref_seq.pdbx_seq_align_end_ins_code   ? 
_struct_ref_seq.pdbx_db_accession             P61823 
_struct_ref_seq.db_align_beg                  27 
_struct_ref_seq.pdbx_db_align_beg_ins_code    ? 
_struct_ref_seq.db_align_end                  150 
_struct_ref_seq.pdbx_db_align_end_ins_code    ? 
_struct_ref_seq.pdbx_auth_seq_align_beg       1 
_struct_ref_seq.pdbx_auth_seq_align_end       124 
# 
_pdbx_struct_assembly.id                   1 
_pdbx_struct_assembly.details              author_and_software_defined_assembly 
_pdbx_struct_assembly.method_details       PISA 
_pdbx_struct_assembly.oligomeric_details   monomeric 
_pdbx_struct_assembly.oligomeric_count     1 
# 
_pdbx_struct_assembly_gen.assembly_id       1 
_pdbx_struct_assembly_gen.oper_expression   1 
_pdbx_struct_assembly_gen.asym_id_list      A,B,C,D,E,F,G 
# 
_pdbx_struct_oper_list.id                   1 
_pdbx_struct_oper_list.type                 'identity operation' 
_pdbx_struct_oper_list.name                 1_555 
_pdbx_struct_oper_list.symmetry_operation   x,y,z 
_pdbx_struct_oper_list.matrix[1][1]         1.0000000000 
_pdbx_struct_oper_list.matrix[1][2]         0.0000000000 
_pdbx_struct_oper_list.matrix[1][3]         0.0000000000 
_pdbx_struct_oper_list.vector[1]            0.0000000000 
_pdbx_struct_oper_list.matrix[2][1]         0.0000000000 
_pdbx_struct_oper_list.matrix[2][2]         1.0000000000 
_pdbx_struct_oper_list.matrix[2][3]         0.0000000000 
_pdbx_struct_oper_list.vector[2]            0.0000000000 
_pdbx_struct_oper_list.matrix[3][1]         0.0000000000 
_pdbx_struct_oper_list.matrix[3][2]         0.0000000000 
_pdbx_struct_oper_list.matrix[3][3]         1.0000000000 
_pdbx_struct_oper_list.vector[3]            0.0000000000 
# 
_struct_biol.id        1 
_struct_biol.details   ? 
# 
loop_
_struct_conf.conf_type_id 
_struct_conf.id 
_struct_conf.pdbx_PDB_helix_id 
_struct_conf.beg_label_comp_id 
_struct_conf.beg_label_asym_id 
_struct_conf.beg_label_seq_id 
_struct_conf.pdbx_beg_PDB_ins_code 
_struct_conf.end_label_comp_id 
_struct_conf.end_label_asym_id 
_struct_conf.end_label_seq_id 
_struct_conf.pdbx_end_PDB_ins_code 
_struct_conf.beg_auth_comp_id 
_struct_conf.beg_auth_asym_id 
_struct_conf.beg_auth_seq_id 
_struct_conf.end_auth_comp_id 
_struct_conf.end_auth_asym_id 
_struct_conf.end_auth_seq_id 
_struct_conf.pdbx_PDB_helix_class 
_struct_conf.details 
_struct_conf.pdbx_PDB_helix_length 
HELX_P HELX_P1 1 THR A 3  ? MET A 13 ? THR A 3  MET A 13 1 ? 11 
HELX_P HELX_P2 2 ASN A 24 ? ARG A 33 ? ASN A 24 ARG A 33 1 ? 10 
HELX_P HELX_P3 3 SER A 50 ? ALA A 56 ? SER A 50 ALA A 56 1 ? 7  
HELX_P HELX_P4 4 VAL A 57 ? GLN A 60 ? VAL A 57 GLN A 60 5 ? 4  
# 
_struct_conf_type.id          HELX_P 
_struct_conf_type.criteria    ? 
_struct_conf_type.reference   ? 
# 
loop_
_struct_conn.id 
_struct_conn.conn_type_id 
_struct_conn.pdbx_leaving_atom_flag 
_struct_conn.pdbx_PDB_id 
_struct_conn.ptnr1_label_asym_id 
_struct_conn.ptnr1_label_comp_id 
_struct_conn.ptnr1_label_seq_id 
_struct_conn.ptnr1_label_atom_id 
_struct_conn.pdbx_ptnr1_label_alt_id 
_struct_conn.pdbx_ptnr1_PDB_ins_code 
_struct_conn.pdbx_ptnr1_standard_comp_id 
_struct_conn.ptnr1_symmetry 
_struct_conn.ptnr2_label_asym_id 
_struct_conn.ptnr2_label_comp_id 
_struct_conn.ptnr2_label_seq_id 
_struct_conn.ptnr2_label_atom_id 
_struct_conn.pdbx_ptnr2_label_alt_id 
_struct_conn.pdbx_ptnr2_PDB_ins_code 
_struct_conn.ptnr1_auth_asym_id 
_struct_conn.ptnr1_auth_comp_id 
_struct_conn.ptnr1_auth_seq_id 
_struct_conn.ptnr2_auth_asym_id 
_struct_conn.ptnr2_auth_comp_id 
_struct_conn.ptnr2_auth_seq_id 
_struct_conn.ptnr2_symmetry 
_struct_conn.pdbx_ptnr3_label_atom_id 
_struct_conn.pdbx_ptnr3_label_seq_id 
_struct_conn.pdbx_ptnr3_label_comp_id 
_struct_conn.pdbx_ptnr3_label_asym_id 
_struct_conn.pdbx_ptnr3_label_alt_id 
_struct_conn.pdbx_ptnr3_PDB_ins_code 
_struct_conn.details 
_struct_conn.pdbx_dist_value 
_struct_conn.pdbx_value_order 
_struct_conn.pdbx_role 
disulf1 disulf ? ? A CYS 26 SG ? ? ? 1_555 A CYS 84  SG ? ? A CYS 26 A CYS 84  1_555 ? ? ? ? ? ? ? 2.032 ? ? 
disulf2 disulf ? ? A CYS 40 SG ? ? ? 1_555 A CYS 95  SG ? ? A CYS 40 A CYS 95  1_555 ? ? ? ? ? ? ? 2.027 ? ? 
disulf3 disulf ? ? A CYS 58 SG ? ? ? 1_555 A CYS 110 SG ? ? A CYS 58 A CYS 110 1_555 ? ? ? ? ? ? ? 2.041 ? ? 
disulf4 disulf ? ? A CYS 65 SG ? ? ? 1_555 A CYS 72  SG ? ? A CYS 65 A CYS 72  1_555 ? ? ? ? ? ? ? 2.025 ? ? 
# 
_struct_conn_type.id          disulf 
_struct_conn_type.criteria    ? 
_struct_conn_type.reference   ? 
# 
loop_
_pdbx_modification_feature.ordinal 
_pdbx_modification_feature.label_comp_id 
_pdbx_modification_feature.label_asym_id 
_pdbx_modification_feature.label_seq_id 
_pdbx_modification_feature.label_alt_id 
_pdbx_modification_feature.modified_residue_label_comp_id 
_pdbx_modification_feature.modified_residue_label_asym_id 
_pdbx_modification_feature.modified_residue_label_seq_id 
_pdbx_modification_feature.modified_residue_label_alt_id 
_pdbx_modification_feature.auth_comp_id 
_pdbx_modification_feature.auth_asym_id 
_pdbx_modification_feature.auth_seq_id 
_pdbx_modification_feature.PDB_ins_code 
_pdbx_modification_feature.symmetry 
_pdbx_modification_feature.modified_residue_auth_comp_id 
_pdbx_modification_feature.modified_residue_auth_asym_id 
_pdbx_modification_feature.modified_residue_auth_seq_id 
_pdbx_modification_feature.modified_residue_PDB_ins_code 
_pdbx_modification_feature.modified_residue_symmetry 
_pdbx_modification_feature.comp_id_linking_atom 
_pdbx_modification_feature.modified_residue_id_linking_atom 
_pdbx_modification_feature.modified_residue_id 
_pdbx_modification_feature.ref_pcm_id 
_pdbx_modification_feature.ref_comp_id 
_pdbx_modification_feature.type 
_pdbx_modification_feature.category 
1 CYS A 26 ? CYS A 84  ? CYS A 26 ? 1_555 CYS A 84  ? 1_555 SG SG . . . None 'Disulfide bridge' 
2 CYS A 40 ? CYS A 95  ? CYS A 40 ? 1_555 CYS A 95  ? 1_555 SG SG . . . None 'Disulfide bridge' 
3 CYS A 58 ? CYS A 110 ? CYS A 58 ? 1_555 CYS A 110 ? 1_555 SG SG . . . None 'Disulfide bridge' 
4 CYS A 65 ? CYS A 72  ? CYS A 65 ? 1_555 CYS A 72  ? 1_555 SG SG . . . None 'Disulfide bridge' 
# 
loop_
_struct_mon_prot_cis.pdbx_id 
_struct_mon_prot_cis.label_comp_id 
_struct_mon_prot_cis.label_seq_id 
_struct_mon_prot_cis.label_asym_id 
_struct_mon_prot_cis.label_alt_id 
_struct_mon_prot_cis.pdbx_PDB_ins_code 
_struct_mon_prot_cis.auth_comp_id 
_struct_mon_prot_cis.auth_seq_id 
_struct_mon_prot_cis.auth_asym_id 
_struct_mon_prot_cis.pdbx_label_comp_id_2 
_struct_mon_prot_cis.pdbx_label_seq_id_2 
_struct_mon_prot_cis.pdbx_label_asym_id_2 
_struct_mon_prot_cis.pdbx_PDB_ins_code_2 
_struct_mon_prot_cis.pdbx_auth_comp_id_2 
_struct_mon_prot_cis.pdbx_auth_seq_id_2 
_struct_mon_prot_cis.pdbx_auth_asym_id_2 
_struct_mon_prot_cis.pdbx_PDB_model_num 
_struct_mon_prot_cis.pdbx_omega_angle 
1 TYR 92  A . ? TYR 92  A PRO 93  A ? PRO 93  A 1 7.83 
2 ASN 113 A . ? ASN 113 A PRO 114 A ? PRO 114 A 1 5.03 
# 
loop_
_struct_sheet.id 
_struct_sheet.type 
_struct_sheet.number_strands 
_struct_sheet.details 
A ? 5 ? 
B ? 4 ? 
# 
loop_
_struct_sheet_order.sheet_id 
_struct_sheet_order.range_id_1 
_struct_sheet_order.range_id_2 
_struct_sheet_order.offset 
_struct_sheet_order.sense 
A 1 2 ? anti-parallel 
A 2 3 ? anti-parallel 
A 3 4 ? anti-parallel 
A 4 5 ? anti-parallel 
B 1 2 ? anti-parallel 
B 2 3 ? anti-parallel 
B 3 4 ? anti-parallel 
# 
loop_
_struct_sheet_range.sheet_id 
_struct_sheet_range.id 
_struct_sheet_range.beg_label_comp_id 
_struct_sheet_range.beg_label_asym_id 
_struct_sheet_range.beg_label_seq_id 
_struct_sheet_range.pdbx_beg_PDB_ins_code 
_struct_sheet_range.end_label_comp_id 
_struct_sheet_range.end_label_asym_id 
_struct_sheet_range.end_label_seq_id 
_struct_sheet_range.pdbx_end_PDB_ins_code 
_struct_sheet_range.beg_auth_comp_id 
_struct_sheet_range.beg_auth_asym_id 
_struct_sheet_range.beg_auth_seq_id 
_struct_sheet_range.end_auth_comp_id 
_struct_sheet_range.end_auth_asym_id 
_struct_sheet_range.end_auth_seq_id 
A 1 VAL A 43  ? VAL A 47  ? VAL A 43  VAL A 47  
A 2 MET A 79  ? GLU A 86  ? MET A 79  GLU A 86  
A 3 TYR A 97  ? GLU A 111 ? TYR A 97  GLU A 111 
A 4 CYS A 72  ? GLN A 74  ? CYS A 72  GLN A 74  
A 5 LYS A 61  ? VAL A 63  ? LYS A 61  VAL A 63  
B 1 VAL A 43  ? VAL A 47  ? VAL A 43  VAL A 47  
B 2 MET A 79  ? GLU A 86  ? MET A 79  GLU A 86  
B 3 TYR A 97  ? GLU A 111 ? TYR A 97  GLU A 111 
B 4 VAL A 116 ? VAL A 124 ? VAL A 116 VAL A 124 
# 
loop_
_pdbx_struct_sheet_hbond.sheet_id 
_pdbx_struct_sheet_hbond.range_id_1 
_pdbx_struct_sheet_hbond.range_id_2 
_pdbx_struct_sheet_hbond.range_1_label_atom_id 
_pdbx_struct_sheet_hbond.range_1_label_comp_id 
_pdbx_struct_sheet_hbond.range_1_label_asym_id 
_pdbx_struct_sheet_hbond.range_1_label_seq_id 
_pdbx_struct_sheet_hbond.range_1_PDB_ins_code 
_pdbx_struct_sheet_hbond.range_1_auth_atom_id 
_pdbx_struct_sheet_hbond.range_1_auth_comp_id 
_pdbx_struct_sheet_hbond.range_1_auth_asym_id 
_pdbx_struct_sheet_hbond.range_1_auth_seq_id 
_pdbx_struct_sheet_hbond.range_2_label_atom_id 
_pdbx_struct_sheet_hbond.range_2_label_comp_id 
_pdbx_struct_sheet_hbond.range_2_label_asym_id 
_pdbx_struct_sheet_hbond.range_2_label_seq_id 
_pdbx_struct_sheet_hbond.range_2_PDB_ins_code 
_pdbx_struct_sheet_hbond.range_2_auth_atom_id 
_pdbx_struct_sheet_hbond.range_2_auth_comp_id 
_pdbx_struct_sheet_hbond.range_2_auth_asym_id 
_pdbx_struct_sheet_hbond.range_2_auth_seq_id 
A 1 2 N PHE A 46  ? N PHE A 46  O THR A 82  ? O THR A 82  
A 2 3 N ARG A 85  ? N ARG A 85  O LYS A 98  ? O LYS A 98  
A 3 4 O VAL A 108 ? O VAL A 108 N TYR A 73  ? N TYR A 73  
A 4 5 O GLN A 74  ? O GLN A 74  N LYS A 61  ? N LYS A 61  
B 1 2 N PHE A 46  ? N PHE A 46  O THR A 82  ? O THR A 82  
B 2 3 N ARG A 85  ? N ARG A 85  O LYS A 98  ? O LYS A 98  
B 3 4 N ALA A 109 ? N ALA A 109 O VAL A 118 ? O VAL A 118 
# 
loop_
_struct_site.id 
_struct_site.pdbx_evidence_code 
_struct_site.pdbx_auth_asym_id 
_struct_site.pdbx_auth_comp_id 
_struct_site.pdbx_auth_seq_id 
_struct_site.pdbx_auth_ins_code 
_struct_site.pdbx_num_residues 
_struct_site.details 
AC1 Software A SO4 201 ? 6 'BINDING SITE FOR RESIDUE SO4 A 201' 
AC2 Software A CXL 202 ? 2 'BINDING SITE FOR RESIDUE CXL A 202' 
AC3 Software A CXL 207 ? 4 'BINDING SITE FOR RESIDUE CXL A 207' 
AC4 Software A CXL 208 ? 5 'BINDING SITE FOR RESIDUE CXL A 208' 
AC5 Software A CXL 218 ? 2 'BINDING SITE FOR RESIDUE CXL A 218' 
# 
loop_
_struct_site_gen.id 
_struct_site_gen.site_id 
_struct_site_gen.pdbx_num_res 
_struct_site_gen.label_comp_id 
_struct_site_gen.label_asym_id 
_struct_site_gen.label_seq_id 
_struct_site_gen.pdbx_auth_ins_code 
_struct_site_gen.auth_comp_id 
_struct_site_gen.auth_asym_id 
_struct_site_gen.auth_seq_id 
_struct_site_gen.label_atom_id 
_struct_site_gen.label_alt_id 
_struct_site_gen.symmetry 
_struct_site_gen.details 
1  AC1 6 GLN A 11  ? GLN A 11  . ? 1_555 ? 
2  AC1 6 HIS A 12  ? HIS A 12  . ? 1_555 ? 
3  AC1 6 LYS A 41  ? LYS A 41  . ? 1_555 ? 
4  AC1 6 HIS A 119 ? HIS A 119 . ? 1_555 ? 
5  AC1 6 PHE A 120 ? PHE A 120 . ? 1_555 ? 
6  AC1 6 HOH G .   ? HOH A 304 . ? 1_555 ? 
7  AC2 2 SER A 23  ? SER A 23  . ? 1_555 ? 
8  AC2 2 CXL E .   ? CXL A 208 . ? 1_555 ? 
9  AC3 4 LYS A 61  ? LYS A 61  . ? 1_555 ? 
10 AC3 4 ASN A 62  ? ASN A 62  . ? 1_555 ? 
11 AC3 4 THR A 87  ? THR A 87  . ? 6_764 ? 
12 AC3 4 SER A 89  ? SER A 89  . ? 6_764 ? 
13 AC4 5 SER A 23  ? SER A 23  . ? 1_555 ? 
14 AC4 5 TYR A 97  ? TYR A 97  . ? 1_555 ? 
15 AC4 5 LYS A 98  ? LYS A 98  . ? 1_555 ? 
16 AC4 5 THR A 99  ? THR A 99  . ? 1_555 ? 
17 AC4 5 CXL C .   ? CXL A 202 . ? 1_555 ? 
18 AC5 2 TYR A 115 ? TYR A 115 . ? 1_555 ? 
19 AC5 2 HOH G .   ? HOH A 326 . ? 1_555 ? 
# 
_pdbx_entry_details.entry_id                   4J62 
_pdbx_entry_details.compound_details           ? 
_pdbx_entry_details.source_details             ? 
_pdbx_entry_details.nonpolymer_details         ? 
_pdbx_entry_details.sequence_details           ? 
_pdbx_entry_details.has_ligand_of_interest     ? 
_pdbx_entry_details.has_protein_modification   Y 
# 
loop_
_pdbx_validate_close_contact.id 
_pdbx_validate_close_contact.PDB_model_num 
_pdbx_validate_close_contact.auth_atom_id_1 
_pdbx_validate_close_contact.auth_asym_id_1 
_pdbx_validate_close_contact.auth_comp_id_1 
_pdbx_validate_close_contact.auth_seq_id_1 
_pdbx_validate_close_contact.PDB_ins_code_1 
_pdbx_validate_close_contact.label_alt_id_1 
_pdbx_validate_close_contact.auth_atom_id_2 
_pdbx_validate_close_contact.auth_asym_id_2 
_pdbx_validate_close_contact.auth_comp_id_2 
_pdbx_validate_close_contact.auth_seq_id_2 
_pdbx_validate_close_contact.PDB_ins_code_2 
_pdbx_validate_close_contact.label_alt_id_2 
_pdbx_validate_close_contact.dist 
1 1 O  A HOH 352 ? ? O A HOH 355 ? ? 2.16 
2 1 NZ A LYS 98  ? ? O A HOH 324 ? ? 2.16 
# 
loop_
_pdbx_validate_torsion.id 
_pdbx_validate_torsion.PDB_model_num 
_pdbx_validate_torsion.auth_comp_id 
_pdbx_validate_torsion.auth_asym_id 
_pdbx_validate_torsion.auth_seq_id 
_pdbx_validate_torsion.PDB_ins_code 
_pdbx_validate_torsion.label_alt_id 
_pdbx_validate_torsion.phi 
_pdbx_validate_torsion.psi 
1 1 GLU A 2  ? ? 75.43  113.62  
2 1 GLN A 60 ? ? -99.99 -134.42 
# 
loop_
_pdbx_struct_special_symmetry.id 
_pdbx_struct_special_symmetry.PDB_model_num 
_pdbx_struct_special_symmetry.auth_asym_id 
_pdbx_struct_special_symmetry.auth_comp_id 
_pdbx_struct_special_symmetry.auth_seq_id 
_pdbx_struct_special_symmetry.PDB_ins_code 
_pdbx_struct_special_symmetry.label_asym_id 
_pdbx_struct_special_symmetry.label_comp_id 
_pdbx_struct_special_symmetry.label_seq_id 
1 1 A HOH 365 ? G HOH . 
2 1 A HOH 492 ? G HOH . 
# 
_phasing.method   MR 
# 
loop_
_chem_comp_atom.comp_id 
_chem_comp_atom.atom_id 
_chem_comp_atom.type_symbol 
_chem_comp_atom.pdbx_aromatic_flag 
_chem_comp_atom.pdbx_stereo_config 
_chem_comp_atom.pdbx_ordinal 
ALA N    N N N 1   
ALA CA   C N S 2   
ALA C    C N N 3   
ALA O    O N N 4   
ALA CB   C N N 5   
ALA OXT  O N N 6   
ALA H    H N N 7   
ALA H2   H N N 8   
ALA HA   H N N 9   
ALA HB1  H N N 10  
ALA HB2  H N N 11  
ALA HB3  H N N 12  
ALA HXT  H N N 13  
ARG N    N N N 14  
ARG CA   C N S 15  
ARG C    C N N 16  
ARG O    O N N 17  
ARG CB   C N N 18  
ARG CG   C N N 19  
ARG CD   C N N 20  
ARG NE   N N N 21  
ARG CZ   C N N 22  
ARG NH1  N N N 23  
ARG NH2  N N N 24  
ARG OXT  O N N 25  
ARG H    H N N 26  
ARG H2   H N N 27  
ARG HA   H N N 28  
ARG HB2  H N N 29  
ARG HB3  H N N 30  
ARG HG2  H N N 31  
ARG HG3  H N N 32  
ARG HD2  H N N 33  
ARG HD3  H N N 34  
ARG HE   H N N 35  
ARG HH11 H N N 36  
ARG HH12 H N N 37  
ARG HH21 H N N 38  
ARG HH22 H N N 39  
ARG HXT  H N N 40  
ASN N    N N N 41  
ASN CA   C N S 42  
ASN C    C N N 43  
ASN O    O N N 44  
ASN CB   C N N 45  
ASN CG   C N N 46  
ASN OD1  O N N 47  
ASN ND2  N N N 48  
ASN OXT  O N N 49  
ASN H    H N N 50  
ASN H2   H N N 51  
ASN HA   H N N 52  
ASN HB2  H N N 53  
ASN HB3  H N N 54  
ASN HD21 H N N 55  
ASN HD22 H N N 56  
ASN HXT  H N N 57  
ASP N    N N N 58  
ASP CA   C N S 59  
ASP C    C N N 60  
ASP O    O N N 61  
ASP CB   C N N 62  
ASP CG   C N N 63  
ASP OD1  O N N 64  
ASP OD2  O N N 65  
ASP OXT  O N N 66  
ASP H    H N N 67  
ASP H2   H N N 68  
ASP HA   H N N 69  
ASP HB2  H N N 70  
ASP HB3  H N N 71  
ASP HD2  H N N 72  
ASP HXT  H N N 73  
CXL C1   C N N 74  
CXL C2   C N N 75  
CXL C3   C N N 76  
CXL C4   C N N 77  
CXL C5   C N N 78  
CXL C6   C N N 79  
CXL O    O N N 80  
CXL H1   H N N 81  
CXL H21  H N N 82  
CXL H22  H N N 83  
CXL H31  H N N 84  
CXL H32  H N N 85  
CXL H41  H N N 86  
CXL H42  H N N 87  
CXL H51  H N N 88  
CXL H52  H N N 89  
CXL H61  H N N 90  
CXL H62  H N N 91  
CXL HO   H N N 92  
CYS N    N N N 93  
CYS CA   C N R 94  
CYS C    C N N 95  
CYS O    O N N 96  
CYS CB   C N N 97  
CYS SG   S N N 98  
CYS OXT  O N N 99  
CYS H    H N N 100 
CYS H2   H N N 101 
CYS HA   H N N 102 
CYS HB2  H N N 103 
CYS HB3  H N N 104 
CYS HG   H N N 105 
CYS HXT  H N N 106 
GLN N    N N N 107 
GLN CA   C N S 108 
GLN C    C N N 109 
GLN O    O N N 110 
GLN CB   C N N 111 
GLN CG   C N N 112 
GLN CD   C N N 113 
GLN OE1  O N N 114 
GLN NE2  N N N 115 
GLN OXT  O N N 116 
GLN H    H N N 117 
GLN H2   H N N 118 
GLN HA   H N N 119 
GLN HB2  H N N 120 
GLN HB3  H N N 121 
GLN HG2  H N N 122 
GLN HG3  H N N 123 
GLN HE21 H N N 124 
GLN HE22 H N N 125 
GLN HXT  H N N 126 
GLU N    N N N 127 
GLU CA   C N S 128 
GLU C    C N N 129 
GLU O    O N N 130 
GLU CB   C N N 131 
GLU CG   C N N 132 
GLU CD   C N N 133 
GLU OE1  O N N 134 
GLU OE2  O N N 135 
GLU OXT  O N N 136 
GLU H    H N N 137 
GLU H2   H N N 138 
GLU HA   H N N 139 
GLU HB2  H N N 140 
GLU HB3  H N N 141 
GLU HG2  H N N 142 
GLU HG3  H N N 143 
GLU HE2  H N N 144 
GLU HXT  H N N 145 
GLY N    N N N 146 
GLY CA   C N N 147 
GLY C    C N N 148 
GLY O    O N N 149 
GLY OXT  O N N 150 
GLY H    H N N 151 
GLY H2   H N N 152 
GLY HA2  H N N 153 
GLY HA3  H N N 154 
GLY HXT  H N N 155 
HIS N    N N N 156 
HIS CA   C N S 157 
HIS C    C N N 158 
HIS O    O N N 159 
HIS CB   C N N 160 
HIS CG   C Y N 161 
HIS ND1  N Y N 162 
HIS CD2  C Y N 163 
HIS CE1  C Y N 164 
HIS NE2  N Y N 165 
HIS OXT  O N N 166 
HIS H    H N N 167 
HIS H2   H N N 168 
HIS HA   H N N 169 
HIS HB2  H N N 170 
HIS HB3  H N N 171 
HIS HD1  H N N 172 
HIS HD2  H N N 173 
HIS HE1  H N N 174 
HIS HE2  H N N 175 
HIS HXT  H N N 176 
HOH O    O N N 177 
HOH H1   H N N 178 
HOH H2   H N N 179 
ILE N    N N N 180 
ILE CA   C N S 181 
ILE C    C N N 182 
ILE O    O N N 183 
ILE CB   C N S 184 
ILE CG1  C N N 185 
ILE CG2  C N N 186 
ILE CD1  C N N 187 
ILE OXT  O N N 188 
ILE H    H N N 189 
ILE H2   H N N 190 
ILE HA   H N N 191 
ILE HB   H N N 192 
ILE HG12 H N N 193 
ILE HG13 H N N 194 
ILE HG21 H N N 195 
ILE HG22 H N N 196 
ILE HG23 H N N 197 
ILE HD11 H N N 198 
ILE HD12 H N N 199 
ILE HD13 H N N 200 
ILE HXT  H N N 201 
LEU N    N N N 202 
LEU CA   C N S 203 
LEU C    C N N 204 
LEU O    O N N 205 
LEU CB   C N N 206 
LEU CG   C N N 207 
LEU CD1  C N N 208 
LEU CD2  C N N 209 
LEU OXT  O N N 210 
LEU H    H N N 211 
LEU H2   H N N 212 
LEU HA   H N N 213 
LEU HB2  H N N 214 
LEU HB3  H N N 215 
LEU HG   H N N 216 
LEU HD11 H N N 217 
LEU HD12 H N N 218 
LEU HD13 H N N 219 
LEU HD21 H N N 220 
LEU HD22 H N N 221 
LEU HD23 H N N 222 
LEU HXT  H N N 223 
LYS N    N N N 224 
LYS CA   C N S 225 
LYS C    C N N 226 
LYS O    O N N 227 
LYS CB   C N N 228 
LYS CG   C N N 229 
LYS CD   C N N 230 
LYS CE   C N N 231 
LYS NZ   N N N 232 
LYS OXT  O N N 233 
LYS H    H N N 234 
LYS H2   H N N 235 
LYS HA   H N N 236 
LYS HB2  H N N 237 
LYS HB3  H N N 238 
LYS HG2  H N N 239 
LYS HG3  H N N 240 
LYS HD2  H N N 241 
LYS HD3  H N N 242 
LYS HE2  H N N 243 
LYS HE3  H N N 244 
LYS HZ1  H N N 245 
LYS HZ2  H N N 246 
LYS HZ3  H N N 247 
LYS HXT  H N N 248 
MET N    N N N 249 
MET CA   C N S 250 
MET C    C N N 251 
MET O    O N N 252 
MET CB   C N N 253 
MET CG   C N N 254 
MET SD   S N N 255 
MET CE   C N N 256 
MET OXT  O N N 257 
MET H    H N N 258 
MET H2   H N N 259 
MET HA   H N N 260 
MET HB2  H N N 261 
MET HB3  H N N 262 
MET HG2  H N N 263 
MET HG3  H N N 264 
MET HE1  H N N 265 
MET HE2  H N N 266 
MET HE3  H N N 267 
MET HXT  H N N 268 
PHE N    N N N 269 
PHE CA   C N S 270 
PHE C    C N N 271 
PHE O    O N N 272 
PHE CB   C N N 273 
PHE CG   C Y N 274 
PHE CD1  C Y N 275 
PHE CD2  C Y N 276 
PHE CE1  C Y N 277 
PHE CE2  C Y N 278 
PHE CZ   C Y N 279 
PHE OXT  O N N 280 
PHE H    H N N 281 
PHE H2   H N N 282 
PHE HA   H N N 283 
PHE HB2  H N N 284 
PHE HB3  H N N 285 
PHE HD1  H N N 286 
PHE HD2  H N N 287 
PHE HE1  H N N 288 
PHE HE2  H N N 289 
PHE HZ   H N N 290 
PHE HXT  H N N 291 
PRO N    N N N 292 
PRO CA   C N S 293 
PRO C    C N N 294 
PRO O    O N N 295 
PRO CB   C N N 296 
PRO CG   C N N 297 
PRO CD   C N N 298 
PRO OXT  O N N 299 
PRO H    H N N 300 
PRO HA   H N N 301 
PRO HB2  H N N 302 
PRO HB3  H N N 303 
PRO HG2  H N N 304 
PRO HG3  H N N 305 
PRO HD2  H N N 306 
PRO HD3  H N N 307 
PRO HXT  H N N 308 
SER N    N N N 309 
SER CA   C N S 310 
SER C    C N N 311 
SER O    O N N 312 
SER CB   C N N 313 
SER OG   O N N 314 
SER OXT  O N N 315 
SER H    H N N 316 
SER H2   H N N 317 
SER HA   H N N 318 
SER HB2  H N N 319 
SER HB3  H N N 320 
SER HG   H N N 321 
SER HXT  H N N 322 
SO4 S    S N N 323 
SO4 O1   O N N 324 
SO4 O2   O N N 325 
SO4 O3   O N N 326 
SO4 O4   O N N 327 
THR N    N N N 328 
THR CA   C N S 329 
THR C    C N N 330 
THR O    O N N 331 
THR CB   C N R 332 
THR OG1  O N N 333 
THR CG2  C N N 334 
THR OXT  O N N 335 
THR H    H N N 336 
THR H2   H N N 337 
THR HA   H N N 338 
THR HB   H N N 339 
THR HG1  H N N 340 
THR HG21 H N N 341 
THR HG22 H N N 342 
THR HG23 H N N 343 
THR HXT  H N N 344 
TYR N    N N N 345 
TYR CA   C N S 346 
TYR C    C N N 347 
TYR O    O N N 348 
TYR CB   C N N 349 
TYR CG   C Y N 350 
TYR CD1  C Y N 351 
TYR CD2  C Y N 352 
TYR CE1  C Y N 353 
TYR CE2  C Y N 354 
TYR CZ   C Y N 355 
TYR OH   O N N 356 
TYR OXT  O N N 357 
TYR H    H N N 358 
TYR H2   H N N 359 
TYR HA   H N N 360 
TYR HB2  H N N 361 
TYR HB3  H N N 362 
TYR HD1  H N N 363 
TYR HD2  H N N 364 
TYR HE1  H N N 365 
TYR HE2  H N N 366 
TYR HH   H N N 367 
TYR HXT  H N N 368 
VAL N    N N N 369 
VAL CA   C N S 370 
VAL C    C N N 371 
VAL O    O N N 372 
VAL CB   C N N 373 
VAL CG1  C N N 374 
VAL CG2  C N N 375 
VAL OXT  O N N 376 
VAL H    H N N 377 
VAL H2   H N N 378 
VAL HA   H N N 379 
VAL HB   H N N 380 
VAL HG11 H N N 381 
VAL HG12 H N N 382 
VAL HG13 H N N 383 
VAL HG21 H N N 384 
VAL HG22 H N N 385 
VAL HG23 H N N 386 
VAL HXT  H N N 387 
# 
loop_
_chem_comp_bond.comp_id 
_chem_comp_bond.atom_id_1 
_chem_comp_bond.atom_id_2 
_chem_comp_bond.value_order 
_chem_comp_bond.pdbx_aromatic_flag 
_chem_comp_bond.pdbx_stereo_config 
_chem_comp_bond.pdbx_ordinal 
ALA N   CA   sing N N 1   
ALA N   H    sing N N 2   
ALA N   H2   sing N N 3   
ALA CA  C    sing N N 4   
ALA CA  CB   sing N N 5   
ALA CA  HA   sing N N 6   
ALA C   O    doub N N 7   
ALA C   OXT  sing N N 8   
ALA CB  HB1  sing N N 9   
ALA CB  HB2  sing N N 10  
ALA CB  HB3  sing N N 11  
ALA OXT HXT  sing N N 12  
ARG N   CA   sing N N 13  
ARG N   H    sing N N 14  
ARG N   H2   sing N N 15  
ARG CA  C    sing N N 16  
ARG CA  CB   sing N N 17  
ARG CA  HA   sing N N 18  
ARG C   O    doub N N 19  
ARG C   OXT  sing N N 20  
ARG CB  CG   sing N N 21  
ARG CB  HB2  sing N N 22  
ARG CB  HB3  sing N N 23  
ARG CG  CD   sing N N 24  
ARG CG  HG2  sing N N 25  
ARG CG  HG3  sing N N 26  
ARG CD  NE   sing N N 27  
ARG CD  HD2  sing N N 28  
ARG CD  HD3  sing N N 29  
ARG NE  CZ   sing N N 30  
ARG NE  HE   sing N N 31  
ARG CZ  NH1  sing N N 32  
ARG CZ  NH2  doub N N 33  
ARG NH1 HH11 sing N N 34  
ARG NH1 HH12 sing N N 35  
ARG NH2 HH21 sing N N 36  
ARG NH2 HH22 sing N N 37  
ARG OXT HXT  sing N N 38  
ASN N   CA   sing N N 39  
ASN N   H    sing N N 40  
ASN N   H2   sing N N 41  
ASN CA  C    sing N N 42  
ASN CA  CB   sing N N 43  
ASN CA  HA   sing N N 44  
ASN C   O    doub N N 45  
ASN C   OXT  sing N N 46  
ASN CB  CG   sing N N 47  
ASN CB  HB2  sing N N 48  
ASN CB  HB3  sing N N 49  
ASN CG  OD1  doub N N 50  
ASN CG  ND2  sing N N 51  
ASN ND2 HD21 sing N N 52  
ASN ND2 HD22 sing N N 53  
ASN OXT HXT  sing N N 54  
ASP N   CA   sing N N 55  
ASP N   H    sing N N 56  
ASP N   H2   sing N N 57  
ASP CA  C    sing N N 58  
ASP CA  CB   sing N N 59  
ASP CA  HA   sing N N 60  
ASP C   O    doub N N 61  
ASP C   OXT  sing N N 62  
ASP CB  CG   sing N N 63  
ASP CB  HB2  sing N N 64  
ASP CB  HB3  sing N N 65  
ASP CG  OD1  doub N N 66  
ASP CG  OD2  sing N N 67  
ASP OD2 HD2  sing N N 68  
ASP OXT HXT  sing N N 69  
CXL C1  C2   sing N N 70  
CXL C1  C6   sing N N 71  
CXL C1  O    sing N N 72  
CXL C1  H1   sing N N 73  
CXL C2  C3   sing N N 74  
CXL C2  H21  sing N N 75  
CXL C2  H22  sing N N 76  
CXL C3  C4   sing N N 77  
CXL C3  H31  sing N N 78  
CXL C3  H32  sing N N 79  
CXL C4  C5   sing N N 80  
CXL C4  H41  sing N N 81  
CXL C4  H42  sing N N 82  
CXL C5  C6   sing N N 83  
CXL C5  H51  sing N N 84  
CXL C5  H52  sing N N 85  
CXL C6  H61  sing N N 86  
CXL C6  H62  sing N N 87  
CXL O   HO   sing N N 88  
CYS N   CA   sing N N 89  
CYS N   H    sing N N 90  
CYS N   H2   sing N N 91  
CYS CA  C    sing N N 92  
CYS CA  CB   sing N N 93  
CYS CA  HA   sing N N 94  
CYS C   O    doub N N 95  
CYS C   OXT  sing N N 96  
CYS CB  SG   sing N N 97  
CYS CB  HB2  sing N N 98  
CYS CB  HB3  sing N N 99  
CYS SG  HG   sing N N 100 
CYS OXT HXT  sing N N 101 
GLN N   CA   sing N N 102 
GLN N   H    sing N N 103 
GLN N   H2   sing N N 104 
GLN CA  C    sing N N 105 
GLN CA  CB   sing N N 106 
GLN CA  HA   sing N N 107 
GLN C   O    doub N N 108 
GLN C   OXT  sing N N 109 
GLN CB  CG   sing N N 110 
GLN CB  HB2  sing N N 111 
GLN CB  HB3  sing N N 112 
GLN CG  CD   sing N N 113 
GLN CG  HG2  sing N N 114 
GLN CG  HG3  sing N N 115 
GLN CD  OE1  doub N N 116 
GLN CD  NE2  sing N N 117 
GLN NE2 HE21 sing N N 118 
GLN NE2 HE22 sing N N 119 
GLN OXT HXT  sing N N 120 
GLU N   CA   sing N N 121 
GLU N   H    sing N N 122 
GLU N   H2   sing N N 123 
GLU CA  C    sing N N 124 
GLU CA  CB   sing N N 125 
GLU CA  HA   sing N N 126 
GLU C   O    doub N N 127 
GLU C   OXT  sing N N 128 
GLU CB  CG   sing N N 129 
GLU CB  HB2  sing N N 130 
GLU CB  HB3  sing N N 131 
GLU CG  CD   sing N N 132 
GLU CG  HG2  sing N N 133 
GLU CG  HG3  sing N N 134 
GLU CD  OE1  doub N N 135 
GLU CD  OE2  sing N N 136 
GLU OE2 HE2  sing N N 137 
GLU OXT HXT  sing N N 138 
GLY N   CA   sing N N 139 
GLY N   H    sing N N 140 
GLY N   H2   sing N N 141 
GLY CA  C    sing N N 142 
GLY CA  HA2  sing N N 143 
GLY CA  HA3  sing N N 144 
GLY C   O    doub N N 145 
GLY C   OXT  sing N N 146 
GLY OXT HXT  sing N N 147 
HIS N   CA   sing N N 148 
HIS N   H    sing N N 149 
HIS N   H2   sing N N 150 
HIS CA  C    sing N N 151 
HIS CA  CB   sing N N 152 
HIS CA  HA   sing N N 153 
HIS C   O    doub N N 154 
HIS C   OXT  sing N N 155 
HIS CB  CG   sing N N 156 
HIS CB  HB2  sing N N 157 
HIS CB  HB3  sing N N 158 
HIS CG  ND1  sing Y N 159 
HIS CG  CD2  doub Y N 160 
HIS ND1 CE1  doub Y N 161 
HIS ND1 HD1  sing N N 162 
HIS CD2 NE2  sing Y N 163 
HIS CD2 HD2  sing N N 164 
HIS CE1 NE2  sing Y N 165 
HIS CE1 HE1  sing N N 166 
HIS NE2 HE2  sing N N 167 
HIS OXT HXT  sing N N 168 
HOH O   H1   sing N N 169 
HOH O   H2   sing N N 170 
ILE N   CA   sing N N 171 
ILE N   H    sing N N 172 
ILE N   H2   sing N N 173 
ILE CA  C    sing N N 174 
ILE CA  CB   sing N N 175 
ILE CA  HA   sing N N 176 
ILE C   O    doub N N 177 
ILE C   OXT  sing N N 178 
ILE CB  CG1  sing N N 179 
ILE CB  CG2  sing N N 180 
ILE CB  HB   sing N N 181 
ILE CG1 CD1  sing N N 182 
ILE CG1 HG12 sing N N 183 
ILE CG1 HG13 sing N N 184 
ILE CG2 HG21 sing N N 185 
ILE CG2 HG22 sing N N 186 
ILE CG2 HG23 sing N N 187 
ILE CD1 HD11 sing N N 188 
ILE CD1 HD12 sing N N 189 
ILE CD1 HD13 sing N N 190 
ILE OXT HXT  sing N N 191 
LEU N   CA   sing N N 192 
LEU N   H    sing N N 193 
LEU N   H2   sing N N 194 
LEU CA  C    sing N N 195 
LEU CA  CB   sing N N 196 
LEU CA  HA   sing N N 197 
LEU C   O    doub N N 198 
LEU C   OXT  sing N N 199 
LEU CB  CG   sing N N 200 
LEU CB  HB2  sing N N 201 
LEU CB  HB3  sing N N 202 
LEU CG  CD1  sing N N 203 
LEU CG  CD2  sing N N 204 
LEU CG  HG   sing N N 205 
LEU CD1 HD11 sing N N 206 
LEU CD1 HD12 sing N N 207 
LEU CD1 HD13 sing N N 208 
LEU CD2 HD21 sing N N 209 
LEU CD2 HD22 sing N N 210 
LEU CD2 HD23 sing N N 211 
LEU OXT HXT  sing N N 212 
LYS N   CA   sing N N 213 
LYS N   H    sing N N 214 
LYS N   H2   sing N N 215 
LYS CA  C    sing N N 216 
LYS CA  CB   sing N N 217 
LYS CA  HA   sing N N 218 
LYS C   O    doub N N 219 
LYS C   OXT  sing N N 220 
LYS CB  CG   sing N N 221 
LYS CB  HB2  sing N N 222 
LYS CB  HB3  sing N N 223 
LYS CG  CD   sing N N 224 
LYS CG  HG2  sing N N 225 
LYS CG  HG3  sing N N 226 
LYS CD  CE   sing N N 227 
LYS CD  HD2  sing N N 228 
LYS CD  HD3  sing N N 229 
LYS CE  NZ   sing N N 230 
LYS CE  HE2  sing N N 231 
LYS CE  HE3  sing N N 232 
LYS NZ  HZ1  sing N N 233 
LYS NZ  HZ2  sing N N 234 
LYS NZ  HZ3  sing N N 235 
LYS OXT HXT  sing N N 236 
MET N   CA   sing N N 237 
MET N   H    sing N N 238 
MET N   H2   sing N N 239 
MET CA  C    sing N N 240 
MET CA  CB   sing N N 241 
MET CA  HA   sing N N 242 
MET C   O    doub N N 243 
MET C   OXT  sing N N 244 
MET CB  CG   sing N N 245 
MET CB  HB2  sing N N 246 
MET CB  HB3  sing N N 247 
MET CG  SD   sing N N 248 
MET CG  HG2  sing N N 249 
MET CG  HG3  sing N N 250 
MET SD  CE   sing N N 251 
MET CE  HE1  sing N N 252 
MET CE  HE2  sing N N 253 
MET CE  HE3  sing N N 254 
MET OXT HXT  sing N N 255 
PHE N   CA   sing N N 256 
PHE N   H    sing N N 257 
PHE N   H2   sing N N 258 
PHE CA  C    sing N N 259 
PHE CA  CB   sing N N 260 
PHE CA  HA   sing N N 261 
PHE C   O    doub N N 262 
PHE C   OXT  sing N N 263 
PHE CB  CG   sing N N 264 
PHE CB  HB2  sing N N 265 
PHE CB  HB3  sing N N 266 
PHE CG  CD1  doub Y N 267 
PHE CG  CD2  sing Y N 268 
PHE CD1 CE1  sing Y N 269 
PHE CD1 HD1  sing N N 270 
PHE CD2 CE2  doub Y N 271 
PHE CD2 HD2  sing N N 272 
PHE CE1 CZ   doub Y N 273 
PHE CE1 HE1  sing N N 274 
PHE CE2 CZ   sing Y N 275 
PHE CE2 HE2  sing N N 276 
PHE CZ  HZ   sing N N 277 
PHE OXT HXT  sing N N 278 
PRO N   CA   sing N N 279 
PRO N   CD   sing N N 280 
PRO N   H    sing N N 281 
PRO CA  C    sing N N 282 
PRO CA  CB   sing N N 283 
PRO CA  HA   sing N N 284 
PRO C   O    doub N N 285 
PRO C   OXT  sing N N 286 
PRO CB  CG   sing N N 287 
PRO CB  HB2  sing N N 288 
PRO CB  HB3  sing N N 289 
PRO CG  CD   sing N N 290 
PRO CG  HG2  sing N N 291 
PRO CG  HG3  sing N N 292 
PRO CD  HD2  sing N N 293 
PRO CD  HD3  sing N N 294 
PRO OXT HXT  sing N N 295 
SER N   CA   sing N N 296 
SER N   H    sing N N 297 
SER N   H2   sing N N 298 
SER CA  C    sing N N 299 
SER CA  CB   sing N N 300 
SER CA  HA   sing N N 301 
SER C   O    doub N N 302 
SER C   OXT  sing N N 303 
SER CB  OG   sing N N 304 
SER CB  HB2  sing N N 305 
SER CB  HB3  sing N N 306 
SER OG  HG   sing N N 307 
SER OXT HXT  sing N N 308 
SO4 S   O1   doub N N 309 
SO4 S   O2   doub N N 310 
SO4 S   O3   sing N N 311 
SO4 S   O4   sing N N 312 
THR N   CA   sing N N 313 
THR N   H    sing N N 314 
THR N   H2   sing N N 315 
THR CA  C    sing N N 316 
THR CA  CB   sing N N 317 
THR CA  HA   sing N N 318 
THR C   O    doub N N 319 
THR C   OXT  sing N N 320 
THR CB  OG1  sing N N 321 
THR CB  CG2  sing N N 322 
THR CB  HB   sing N N 323 
THR OG1 HG1  sing N N 324 
THR CG2 HG21 sing N N 325 
THR CG2 HG22 sing N N 326 
THR CG2 HG23 sing N N 327 
THR OXT HXT  sing N N 328 
TYR N   CA   sing N N 329 
TYR N   H    sing N N 330 
TYR N   H2   sing N N 331 
TYR CA  C    sing N N 332 
TYR CA  CB   sing N N 333 
TYR CA  HA   sing N N 334 
TYR C   O    doub N N 335 
TYR C   OXT  sing N N 336 
TYR CB  CG   sing N N 337 
TYR CB  HB2  sing N N 338 
TYR CB  HB3  sing N N 339 
TYR CG  CD1  doub Y N 340 
TYR CG  CD2  sing Y N 341 
TYR CD1 CE1  sing Y N 342 
TYR CD1 HD1  sing N N 343 
TYR CD2 CE2  doub Y N 344 
TYR CD2 HD2  sing N N 345 
TYR CE1 CZ   doub Y N 346 
TYR CE1 HE1  sing N N 347 
TYR CE2 CZ   sing Y N 348 
TYR CE2 HE2  sing N N 349 
TYR CZ  OH   sing N N 350 
TYR OH  HH   sing N N 351 
TYR OXT HXT  sing N N 352 
VAL N   CA   sing N N 353 
VAL N   H    sing N N 354 
VAL N   H2   sing N N 355 
VAL CA  C    sing N N 356 
VAL CA  CB   sing N N 357 
VAL CA  HA   sing N N 358 
VAL C   O    doub N N 359 
VAL C   OXT  sing N N 360 
VAL CB  CG1  sing N N 361 
VAL CB  CG2  sing N N 362 
VAL CB  HB   sing N N 363 
VAL CG1 HG11 sing N N 364 
VAL CG1 HG12 sing N N 365 
VAL CG1 HG13 sing N N 366 
VAL CG2 HG21 sing N N 367 
VAL CG2 HG22 sing N N 368 
VAL CG2 HG23 sing N N 369 
VAL OXT HXT  sing N N 370 
# 
_pdbx_initial_refinement_model.id               1 
_pdbx_initial_refinement_model.entity_id_list   ? 
_pdbx_initial_refinement_model.type             'experimental model' 
_pdbx_initial_refinement_model.source_name      PDB 
_pdbx_initial_refinement_model.accession_code   1RPH 
_pdbx_initial_refinement_model.details          'PDB ENTRY 1RPH' 
# 
_atom_sites.entry_id                    4J62 
_atom_sites.fract_transf_matrix[1][1]   0.01259344 
_atom_sites.fract_transf_matrix[1][2]   0.00180374 
_atom_sites.fract_transf_matrix[1][3]   0.01308614 
_atom_sites.fract_transf_matrix[2][1]   -0.00321441 
_atom_sites.fract_transf_matrix[2][2]   0.01084196 
_atom_sites.fract_transf_matrix[2][3]   0.01432545 
_atom_sites.fract_transf_matrix[3][1]   -0.00619470 
_atom_sites.fract_transf_matrix[3][2]   -0.01187641 
_atom_sites.fract_transf_matrix[3][3]   0.00759846 
_atom_sites.fract_transf_vector[1]      1.159811 
_atom_sites.fract_transf_vector[2]      1.490643 
_atom_sites.fract_transf_vector[3]      -0.260810 
# 
loop_
_atom_type.symbol 
C 
N 
O 
S 
# 
loop_
_atom_site.group_PDB 
_atom_site.id 
_atom_site.type_symbol 
_atom_site.label_atom_id 
_atom_site.label_alt_id 
_atom_site.label_comp_id 
_atom_site.label_asym_id 
_atom_site.label_entity_id 
_atom_site.label_seq_id 
_atom_site.pdbx_PDB_ins_code 
_atom_site.Cartn_x 
_atom_site.Cartn_y 
_atom_site.Cartn_z 
_atom_site.occupancy 
_atom_site.B_iso_or_equiv 
_atom_site.pdbx_formal_charge 
_atom_site.auth_seq_id 
_atom_site.auth_comp_id 
_atom_site.auth_asym_id 
_atom_site.auth_atom_id 
_atom_site.pdbx_PDB_model_num 
ATOM   1    N N   . LYS A 1 1   ? 19.081  -5.914  -3.399  1.00 51.36 ? 1   LYS A N   1 
ATOM   2    C CA  . LYS A 1 1   ? 18.877  -4.643  -2.711  1.00 50.62 ? 1   LYS A CA  1 
ATOM   3    C C   . LYS A 1 1   ? 17.424  -4.518  -2.261  1.00 48.67 ? 1   LYS A C   1 
ATOM   4    O O   . LYS A 1 1   ? 16.516  -5.025  -2.916  1.00 56.95 ? 1   LYS A O   1 
ATOM   5    C CB  . LYS A 1 1   ? 19.303  -3.467  -3.612  1.00 54.40 ? 1   LYS A CB  1 
ATOM   6    C CG  . LYS A 1 1   ? 18.676  -2.089  -3.287  1.00 54.31 ? 1   LYS A CG  1 
ATOM   7    C CD  . LYS A 1 1   ? 19.078  -1.561  -1.907  1.00 48.28 ? 1   LYS A CD  1 
ATOM   8    C CE  . LYS A 1 1   ? 18.456  -0.188  -1.575  1.00 48.75 ? 1   LYS A CE  1 
ATOM   9    N NZ  . LYS A 1 1   ? 19.155  0.980   -2.221  1.00 55.74 ? 1   LYS A NZ  1 
ATOM   10   N N   . GLU A 1 2   ? 17.234  -3.869  -1.122  1.00 46.32 ? 2   GLU A N   1 
ATOM   11   C CA  . GLU A 1 2   ? 15.924  -3.627  -0.520  1.00 37.42 ? 2   GLU A CA  1 
ATOM   12   C C   . GLU A 1 2   ? 15.340  -4.870  0.138   1.00 29.97 ? 2   GLU A C   1 
ATOM   13   O O   . GLU A 1 2   ? 15.028  -5.864  -0.522  1.00 32.04 ? 2   GLU A O   1 
ATOM   14   C CB  . GLU A 1 2   ? 14.927  -2.963  -1.488  1.00 36.14 ? 2   GLU A CB  1 
ATOM   15   C CG  . GLU A 1 2   ? 13.787  -2.250  -0.765  1.00 32.98 ? 2   GLU A CG  1 
ATOM   16   C CD  . GLU A 1 2   ? 13.007  -1.271  -1.641  1.00 31.99 ? 2   GLU A CD  1 
ATOM   17   O OE1 . GLU A 1 2   ? 12.668  -0.176  -1.140  1.00 31.86 ? 2   GLU A OE1 1 
ATOM   18   O OE2 . GLU A 1 2   ? 12.695  -1.602  -2.804  1.00 31.02 ? 2   GLU A OE2 1 
ATOM   19   N N   . THR A 1 3   ? 15.217  -4.815  1.457   1.00 27.15 ? 3   THR A N   1 
ATOM   20   C CA  . THR A 1 3   ? 14.509  -5.857  2.176   1.00 29.16 ? 3   THR A CA  1 
ATOM   21   C C   . THR A 1 3   ? 13.014  -5.813  1.812   1.00 27.11 ? 3   THR A C   1 
ATOM   22   O O   . THR A 1 3   ? 12.506  -4.769  1.369   1.00 22.28 ? 3   THR A O   1 
ATOM   23   C CB  . THR A 1 3   ? 14.673  -5.686  3.691   1.00 28.94 ? 3   THR A CB  1 
ATOM   24   O OG1 . THR A 1 3   ? 13.997  -4.489  4.113   1.00 25.71 ? 3   THR A OG1 1 
ATOM   25   C CG2 . THR A 1 3   ? 16.176  -5.621  4.065   1.00 27.39 ? 3   THR A CG2 1 
ATOM   26   N N   . ALA A 1 4   ? 12.314  -6.933  2.005   1.00 24.85 ? 4   ALA A N   1 
ATOM   27   C CA  . ALA A 1 4   ? 10.860  -6.971  1.769   1.00 25.47 ? 4   ALA A CA  1 
ATOM   28   C C   . ALA A 1 4   ? 10.150  -5.945  2.651   1.00 25.09 ? 4   ALA A C   1 
ATOM   29   O O   . ALA A 1 4   ? 9.219   -5.267  2.205   1.00 25.12 ? 4   ALA A O   1 
ATOM   30   C CB  . ALA A 1 4   ? 10.316  -8.364  2.041   1.00 25.68 ? 4   ALA A CB  1 
ATOM   31   N N   . ALA A 1 5   ? 10.599  -5.833  3.900   1.00 22.23 ? 5   ALA A N   1 
ATOM   32   C CA  . ALA A 1 5   ? 10.034  -4.880  4.849   1.00 22.46 ? 5   ALA A CA  1 
ATOM   33   C C   . ALA A 1 5   ? 10.159  -3.447  4.357   1.00 20.45 ? 5   ALA A C   1 
ATOM   34   O O   . ALA A 1 5   ? 9.199   -2.677  4.432   1.00 20.43 ? 5   ALA A O   1 
ATOM   35   C CB  . ALA A 1 5   ? 10.690  -5.030  6.238   1.00 25.21 ? 5   ALA A CB  1 
ATOM   36   N N   . ALA A 1 6   ? 11.348  -3.085  3.879   1.00 19.93 ? 6   ALA A N   1 
ATOM   37   C CA  . ALA A 1 6   ? 11.635  -1.719  3.413   1.00 21.45 ? 6   ALA A CA  1 
ATOM   38   C C   . ALA A 1 6   ? 10.862  -1.440  2.133   1.00 19.94 ? 6   ALA A C   1 
ATOM   39   O O   . ALA A 1 6   ? 10.397  -0.333  1.913   1.00 20.93 ? 6   ALA A O   1 
ATOM   40   C CB  . ALA A 1 6   ? 13.147  -1.528  3.163   1.00 20.19 ? 6   ALA A CB  1 
ATOM   41   N N   . LYS A 1 7   ? 10.725  -2.456  1.293   1.00 22.31 ? 7   LYS A N   1 
ATOM   42   C CA  . LYS A 1 7   ? 9.948   -2.303  0.079   1.00 24.39 ? 7   LYS A CA  1 
ATOM   43   C C   . LYS A 1 7   ? 8.467   -2.068  0.397   1.00 21.23 ? 7   LYS A C   1 
ATOM   44   O O   . LYS A 1 7   ? 7.811   -1.282  -0.280  1.00 18.80 ? 7   LYS A O   1 
ATOM   45   C CB  . LYS A 1 7   ? 10.115  -3.526  -0.829  1.00 25.91 ? 7   LYS A CB  1 
ATOM   46   C CG  . LYS A 1 7   ? 9.444   -3.347  -2.186  1.00 27.39 ? 7   LYS A CG  1 
ATOM   47   C CD  . LYS A 1 7   ? 9.560   -4.601  -3.044  1.00 33.50 ? 7   LYS A CD  1 
ATOM   48   C CE  . LYS A 1 7   ? 8.873   -4.389  -4.385  1.00 39.36 ? 7   LYS A CE  1 
ATOM   49   N NZ  . LYS A 1 7   ? 9.027   -5.579  -5.277  1.00 57.46 ? 7   LYS A NZ  1 
ATOM   50   N N   . PHE A 1 8   ? 7.942   -2.748  1.416   1.00 19.93 ? 8   PHE A N   1 
ATOM   51   C CA  . PHE A 1 8   ? 6.559   -2.515  1.824   1.00 19.43 ? 8   PHE A CA  1 
ATOM   52   C C   . PHE A 1 8   ? 6.411   -1.073  2.280   1.00 20.18 ? 8   PHE A C   1 
ATOM   53   O O   . PHE A 1 8   ? 5.439   -0.383  1.928   1.00 18.36 ? 8   PHE A O   1 
ATOM   54   C CB  . PHE A 1 8   ? 6.139   -3.450  2.966   1.00 19.00 ? 8   PHE A CB  1 
ATOM   55   C CG  . PHE A 1 8   ? 4.760   -3.158  3.496   1.00 19.84 ? 8   PHE A CG  1 
ATOM   56   C CD1 . PHE A 1 8   ? 4.566   -2.194  4.484   1.00 20.77 ? 8   PHE A CD1 1 
ATOM   57   C CD2 . PHE A 1 8   ? 3.655   -3.841  2.997   1.00 20.51 ? 8   PHE A CD2 1 
ATOM   58   C CE1 . PHE A 1 8   ? 3.308   -1.903  4.964   1.00 18.21 ? 8   PHE A CE1 1 
ATOM   59   C CE2 . PHE A 1 8   ? 2.390   -3.570  3.478   1.00 19.25 ? 8   PHE A CE2 1 
ATOM   60   C CZ  . PHE A 1 8   ? 2.212   -2.588  4.454   1.00 19.76 ? 8   PHE A CZ  1 
ATOM   61   N N   . GLU A 1 9   ? 7.368   -0.622  3.085   1.00 17.76 ? 9   GLU A N   1 
ATOM   62   C CA  . GLU A 1 9   ? 7.323   0.738   3.602   1.00 18.11 ? 9   GLU A CA  1 
ATOM   63   C C   . GLU A 1 9   ? 7.367   1.760   2.477   1.00 20.29 ? 9   GLU A C   1 
ATOM   64   O O   . GLU A 1 9   ? 6.563   2.710   2.453   1.00 20.11 ? 9   GLU A O   1 
ATOM   65   C CB  . GLU A 1 9   ? 8.485   0.971   4.586   1.00 23.44 ? 9   GLU A CB  1 
ATOM   66   C CG  . GLU A 1 9   ? 8.362   0.204   5.895   1.00 22.78 ? 9   GLU A CG  1 
ATOM   67   C CD  . GLU A 1 9   ? 9.672   0.140   6.682   1.00 27.33 ? 9   GLU A CD  1 
ATOM   68   O OE1 . GLU A 1 9   ? 10.741  0.396   6.083   1.00 22.76 ? 9   GLU A OE1 1 
ATOM   69   O OE2 . GLU A 1 9   ? 9.626   -0.178  7.898   1.00 24.66 ? 9   GLU A OE2 1 
ATOM   70   N N   . ARG A 1 10  ? 8.308   1.578   1.547   1.00 20.47 ? 10  ARG A N   1 
ATOM   71   C CA  . ARG A 1 10  ? 8.417   2.469   0.390   1.00 22.64 ? 10  ARG A CA  1 
ATOM   72   C C   . ARG A 1 10  ? 7.133   2.505   -0.454  1.00 19.93 ? 10  ARG A C   1 
ATOM   73   O O   . ARG A 1 10  ? 6.670   3.576   -0.852  1.00 20.61 ? 10  ARG A O   1 
ATOM   74   C CB  . ARG A 1 10  ? 9.609   2.069   -0.501  1.00 22.61 ? 10  ARG A CB  1 
ATOM   75   C CG  . ARG A 1 10  ? 9.751   2.953   -1.770  1.00 23.69 ? 10  ARG A CG  1 
ATOM   76   C CD  . ARG A 1 10  ? 11.044  2.665   -2.559  1.00 23.61 ? 10  ARG A CD  1 
ATOM   77   N NE  . ARG A 1 10  ? 11.170  1.257   -2.934  1.00 26.09 ? 10  ARG A NE  1 
ATOM   78   C CZ  . ARG A 1 10  ? 10.698  0.736   -4.069  1.00 27.20 ? 10  ARG A CZ  1 
ATOM   79   N NH1 . ARG A 1 10  ? 10.071  1.508   -4.948  1.00 28.17 ? 10  ARG A NH1 1 
ATOM   80   N NH2 . ARG A 1 10  ? 10.853  -0.560  -4.334  1.00 25.57 ? 10  ARG A NH2 1 
ATOM   81   N N   . GLN A 1 11  ? 6.564   1.343   -0.747  1.00 21.20 ? 11  GLN A N   1 
ATOM   82   C CA  . GLN A 1 11  ? 5.386   1.309   -1.618  1.00 19.77 ? 11  GLN A CA  1 
ATOM   83   C C   . GLN A 1 11  ? 4.096   1.755   -0.935  1.00 21.60 ? 11  GLN A C   1 
ATOM   84   O O   . GLN A 1 11  ? 3.220   2.310   -1.594  1.00 22.52 ? 11  GLN A O   1 
ATOM   85   C CB  . GLN A 1 11  ? 5.186   -0.096  -2.203  1.00 20.97 ? 11  GLN A CB  1 
ATOM   86   C CG  . GLN A 1 11  ? 6.323   -0.590  -3.099  1.00 21.98 ? 11  GLN A CG  1 
ATOM   87   C CD  . GLN A 1 11  ? 6.002   -1.928  -3.763  1.00 26.19 ? 11  GLN A CD  1 
ATOM   88   O OE1 . GLN A 1 11  ? 5.988   -2.028  -4.983  1.00 26.50 ? 11  GLN A OE1 1 
ATOM   89   N NE2 . GLN A 1 11  ? 5.732   -2.954  -2.956  1.00 25.46 ? 11  GLN A NE2 1 
ATOM   90   N N   . HIS A 1 12  ? 3.968   1.534   0.376   1.00 17.88 ? 12  HIS A N   1 
ATOM   91   C CA  . HIS A 1 12  ? 2.637   1.587   0.996   1.00 18.76 ? 12  HIS A CA  1 
ATOM   92   C C   . HIS A 1 12  ? 2.449   2.496   2.211   1.00 20.35 ? 12  HIS A C   1 
ATOM   93   O O   . HIS A 1 12  ? 1.317   2.663   2.674   1.00 21.71 ? 12  HIS A O   1 
ATOM   94   C CB  . HIS A 1 12  ? 2.176   0.163   1.381   1.00 21.46 ? 12  HIS A CB  1 
ATOM   95   C CG  . HIS A 1 12  ? 2.205   -0.814  0.245   1.00 19.01 ? 12  HIS A CG  1 
ATOM   96   N ND1 . HIS A 1 12  ? 1.473   -0.632  -0.910  1.00 18.81 ? 12  HIS A ND1 1 
ATOM   97   C CD2 . HIS A 1 12  ? 2.879   -1.976  0.085   1.00 19.18 ? 12  HIS A CD2 1 
ATOM   98   C CE1 . HIS A 1 12  ? 1.696   -1.642  -1.734  1.00 17.56 ? 12  HIS A CE1 1 
ATOM   99   N NE2 . HIS A 1 12  ? 2.542   -2.475  -1.151  1.00 21.44 ? 12  HIS A NE2 1 
ATOM   100  N N   . MET A 1 13  ? 3.533   3.052   2.757   1.00 16.81 ? 13  MET A N   1 
ATOM   101  C CA  . MET A 1 13  ? 3.403   3.922   3.930   1.00 17.27 ? 13  MET A CA  1 
ATOM   102  C C   . MET A 1 13  ? 3.433   5.413   3.590   1.00 21.08 ? 13  MET A C   1 
ATOM   103  O O   . MET A 1 13  ? 4.381   5.898   2.965   1.00 22.11 ? 13  MET A O   1 
ATOM   104  C CB  . MET A 1 13  ? 4.503   3.622   4.953   1.00 19.62 ? 13  MET A CB  1 
ATOM   105  C CG  . MET A 1 13  ? 4.386   2.245   5.630   1.00 22.51 ? 13  MET A CG  1 
ATOM   106  S SD  . MET A 1 13  ? 2.853   2.042   6.563   1.00 20.24 ? 13  MET A SD  1 
ATOM   107  C CE  . MET A 1 13  ? 2.852   3.542   7.551   1.00 21.68 ? 13  MET A CE  1 
ATOM   108  N N   . ASP A 1 14  ? 2.397   6.134   4.002   1.00 21.03 ? 14  ASP A N   1 
ATOM   109  C CA  . ASP A 1 14  ? 2.449   7.598   4.015   1.00 23.40 ? 14  ASP A CA  1 
ATOM   110  C C   . ASP A 1 14  ? 1.854   8.126   5.303   1.00 22.66 ? 14  ASP A C   1 
ATOM   111  O O   . ASP A 1 14  ? 0.707   8.557   5.334   1.00 25.66 ? 14  ASP A O   1 
ATOM   112  C CB  . ASP A 1 14  ? 1.685   8.203   2.837   1.00 25.11 ? 14  ASP A CB  1 
ATOM   113  C CG  . ASP A 1 14  ? 1.866   9.712   2.754   1.00 29.29 ? 14  ASP A CG  1 
ATOM   114  O OD1 . ASP A 1 14  ? 2.663   10.263  3.552   1.00 26.35 ? 14  ASP A OD1 1 
ATOM   115  O OD2 . ASP A 1 14  ? 1.225   10.348  1.889   1.00 28.88 ? 14  ASP A OD2 1 
ATOM   116  N N   . SER A 1 15  ? 2.636   8.114   6.371   1.00 19.06 ? 15  SER A N   1 
ATOM   117  C CA  . SER A 1 15  ? 2.171   8.628   7.653   1.00 25.92 ? 15  SER A CA  1 
ATOM   118  C C   . SER A 1 15  ? 2.254   10.151  7.730   1.00 31.15 ? 15  SER A C   1 
ATOM   119  O O   . SER A 1 15  ? 1.966   10.727  8.778   1.00 25.47 ? 15  SER A O   1 
ATOM   120  C CB  . SER A 1 15  ? 3.000   8.032   8.782   1.00 25.75 ? 15  SER A CB  1 
ATOM   121  O OG  . SER A 1 15  ? 3.176   6.642   8.594   1.00 31.98 ? 15  SER A OG  1 
ATOM   122  N N   . SER A 1 16  ? 2.649   10.802  6.637   1.00 24.43 ? 16  SER A N   1 
ATOM   123  C CA  . SER A 1 16  ? 2.861   12.254  6.674   1.00 29.17 ? 16  SER A CA  1 
ATOM   124  C C   . SER A 1 16  ? 1.580   13.029  6.408   1.00 32.92 ? 16  SER A C   1 
ATOM   125  O O   . SER A 1 16  ? 1.539   14.253  6.584   1.00 30.84 ? 16  SER A O   1 
ATOM   126  C CB  . SER A 1 16  ? 3.906   12.676  5.648   1.00 26.60 ? 16  SER A CB  1 
ATOM   127  O OG  . SER A 1 16  ? 3.330   12.690  4.350   1.00 33.27 ? 16  SER A OG  1 
ATOM   128  N N   . THR A 1 17  ? 0.545   12.323  5.957   1.00 31.19 ? 17  THR A N   1 
ATOM   129  C CA  . THR A 1 17  ? -0.747  12.947  5.682   1.00 33.48 ? 17  THR A CA  1 
ATOM   130  C C   . THR A 1 17  ? -1.884  12.078  6.233   1.00 31.62 ? 17  THR A C   1 
ATOM   131  O O   . THR A 1 17  ? -1.755  10.855  6.309   1.00 30.81 ? 17  THR A O   1 
ATOM   132  C CB  . THR A 1 17  ? -0.947  13.192  4.161   1.00 33.17 ? 17  THR A CB  1 
ATOM   133  O OG1 . THR A 1 17  ? -0.909  11.944  3.456   1.00 32.47 ? 17  THR A OG1 1 
ATOM   134  C CG2 . THR A 1 17  ? 0.145   14.116  3.604   1.00 34.62 ? 17  THR A CG2 1 
ATOM   135  N N   . SER A 1 18  ? -2.982  12.708  6.638   1.00 31.03 ? 18  SER A N   1 
ATOM   136  C CA  . SER A 1 18  ? -4.122  11.969  7.172   1.00 31.78 ? 18  SER A CA  1 
ATOM   137  C C   . SER A 1 18  ? -4.982  11.399  6.038   1.00 30.32 ? 18  SER A C   1 
ATOM   138  O O   . SER A 1 18  ? -5.788  10.487  6.248   1.00 29.73 ? 18  SER A O   1 
ATOM   139  C CB  . SER A 1 18  ? -4.955  12.850  8.110   1.00 29.38 ? 18  SER A CB  1 
ATOM   140  O OG  . SER A 1 18  ? -5.508  13.960  7.423   1.00 40.85 ? 18  SER A OG  1 
ATOM   141  N N   . ALA A 1 19  ? -4.786  11.931  4.835   1.00 29.39 ? 19  ALA A N   1 
ATOM   142  C CA  . ALA A 1 19  ? -5.515  11.495  3.645   1.00 30.03 ? 19  ALA A CA  1 
ATOM   143  C C   . ALA A 1 19  ? -4.897  12.160  2.417   1.00 29.25 ? 19  ALA A C   1 
ATOM   144  O O   . ALA A 1 19  ? -4.183  13.153  2.546   1.00 32.52 ? 19  ALA A O   1 
ATOM   145  C CB  . ALA A 1 19  ? -7.011  11.865  3.759   1.00 33.84 ? 19  ALA A CB  1 
ATOM   146  N N   . ALA A 1 20  ? -5.167  11.622  1.230   1.00 30.66 ? 20  ALA A N   1 
ATOM   147  C CA  . ALA A 1 20  ? -4.701  12.249  -0.013  1.00 31.47 ? 20  ALA A CA  1 
ATOM   148  C C   . ALA A 1 20  ? -5.181  13.700  -0.086  1.00 39.49 ? 20  ALA A C   1 
ATOM   149  O O   . ALA A 1 20  ? -6.370  13.963  0.108   1.00 41.53 ? 20  ALA A O   1 
ATOM   150  C CB  . ALA A 1 20  ? -5.201  11.463  -1.228  1.00 28.87 ? 20  ALA A CB  1 
ATOM   151  N N   . SER A 1 21  ? -4.260  14.623  -0.369  1.00 41.05 ? 21  SER A N   1 
ATOM   152  C CA  . SER A 1 21  ? -4.553  16.064  -0.373  1.00 47.37 ? 21  SER A CA  1 
ATOM   153  C C   . SER A 1 21  ? -5.276  16.547  -1.638  1.00 49.40 ? 21  SER A C   1 
ATOM   154  O O   . SER A 1 21  ? -6.137  17.434  -1.581  1.00 56.07 ? 21  SER A O   1 
ATOM   155  C CB  . SER A 1 21  ? -3.260  16.871  -0.172  1.00 49.64 ? 21  SER A CB  1 
ATOM   156  O OG  . SER A 1 21  ? -2.164  16.295  -0.878  1.00 52.93 ? 21  SER A OG  1 
ATOM   157  N N   . SER A 1 22  ? -4.923  15.973  -2.781  1.00 37.73 ? 22  SER A N   1 
ATOM   158  C CA  . SER A 1 22  ? -5.488  16.427  -4.041  1.00 33.82 ? 22  SER A CA  1 
ATOM   159  C C   . SER A 1 22  ? -5.649  15.255  -4.994  1.00 34.54 ? 22  SER A C   1 
ATOM   160  O O   . SER A 1 22  ? -5.176  14.149  -4.726  1.00 28.26 ? 22  SER A O   1 
ATOM   161  C CB  . SER A 1 22  ? -4.561  17.457  -4.674  1.00 31.46 ? 22  SER A CB  1 
ATOM   162  O OG  . SER A 1 22  ? -3.439  16.818  -5.255  1.00 31.76 ? 22  SER A OG  1 
ATOM   163  N N   . SER A 1 23  ? -6.282  15.511  -6.131  1.00 28.77 ? 23  SER A N   1 
ATOM   164  C CA  . SER A 1 23  ? -6.491  14.479  -7.133  1.00 29.06 ? 23  SER A CA  1 
ATOM   165  C C   . SER A 1 23  ? -5.158  14.078  -7.757  1.00 27.52 ? 23  SER A C   1 
ATOM   166  O O   . SER A 1 23  ? -5.035  13.015  -8.377  1.00 28.93 ? 23  SER A O   1 
ATOM   167  C CB  . SER A 1 23  ? -7.441  14.997  -8.208  1.00 34.21 ? 23  SER A CB  1 
ATOM   168  O OG  . SER A 1 23  ? -6.806  15.952  -9.039  1.00 35.77 ? 23  SER A OG  1 
ATOM   169  N N   . ASN A 1 24  ? -4.146  14.921  -7.575  1.00 26.91 ? 24  ASN A N   1 
ATOM   170  C CA  . ASN A 1 24  ? -2.820  14.602  -8.090  1.00 26.33 ? 24  ASN A CA  1 
ATOM   171  C C   . ASN A 1 24  ? -1.940  13.789  -7.130  1.00 28.18 ? 24  ASN A C   1 
ATOM   172  O O   . ASN A 1 24  ? -0.781  13.481  -7.448  1.00 25.94 ? 24  ASN A O   1 
ATOM   173  C CB  . ASN A 1 24  ? -2.091  15.869  -8.505  1.00 32.19 ? 24  ASN A CB  1 
ATOM   174  C CG  . ASN A 1 24  ? -1.405  15.705  -9.833  1.00 41.62 ? 24  ASN A CG  1 
ATOM   175  O OD1 . ASN A 1 24  ? -0.175  15.627  -9.906  1.00 45.29 ? 24  ASN A OD1 1 
ATOM   176  N ND2 . ASN A 1 24  ? -2.206  15.605  -10.901 1.00 41.77 ? 24  ASN A ND2 1 
ATOM   177  N N   . TYR A 1 25  ? -2.492  13.445  -5.968  1.00 27.80 ? 25  TYR A N   1 
ATOM   178  C CA  . TYR A 1 25  ? -1.742  12.715  -4.953  1.00 26.82 ? 25  TYR A CA  1 
ATOM   179  C C   . TYR A 1 25  ? -1.067  11.468  -5.525  1.00 25.25 ? 25  TYR A C   1 
ATOM   180  O O   . TYR A 1 25  ? 0.136   11.271  -5.332  1.00 24.07 ? 25  TYR A O   1 
ATOM   181  C CB  . TYR A 1 25  ? -2.639  12.379  -3.746  1.00 24.65 ? 25  TYR A CB  1 
ATOM   182  C CG  . TYR A 1 25  ? -1.959  11.507  -2.705  1.00 26.78 ? 25  TYR A CG  1 
ATOM   183  C CD1 . TYR A 1 25  ? -1.278  12.069  -1.627  1.00 28.92 ? 25  TYR A CD1 1 
ATOM   184  C CD2 . TYR A 1 25  ? -2.000  10.120  -2.799  1.00 24.11 ? 25  TYR A CD2 1 
ATOM   185  C CE1 . TYR A 1 25  ? -0.658  11.270  -0.676  1.00 24.61 ? 25  TYR A CE1 1 
ATOM   186  C CE2 . TYR A 1 25  ? -1.379  9.311   -1.850  1.00 23.99 ? 25  TYR A CE2 1 
ATOM   187  C CZ  . TYR A 1 25  ? -0.715  9.885   -0.802  1.00 23.33 ? 25  TYR A CZ  1 
ATOM   188  O OH  . TYR A 1 25  ? -0.103  9.067   0.129   1.00 23.37 ? 25  TYR A OH  1 
ATOM   189  N N   . CYS A 1 26  ? -1.811  10.634  -6.248  1.00 24.97 ? 26  CYS A N   1 
ATOM   190  C CA  . CYS A 1 26  ? -1.201  9.411   -6.767  1.00 23.48 ? 26  CYS A CA  1 
ATOM   191  C C   . CYS A 1 26  ? -0.108  9.642   -7.803  1.00 26.16 ? 26  CYS A C   1 
ATOM   192  O O   . CYS A 1 26  ? 0.907   8.938   -7.796  1.00 21.64 ? 26  CYS A O   1 
ATOM   193  C CB  . CYS A 1 26  ? -2.248  8.436   -7.298  1.00 21.73 ? 26  CYS A CB  1 
ATOM   194  S SG  . CYS A 1 26  ? -3.203  7.717   -5.939  1.00 20.28 ? 26  CYS A SG  1 
ATOM   195  N N   . ASN A 1 27  ? -0.298  10.617  -8.692  1.00 22.98 ? 27  ASN A N   1 
ATOM   196  C CA  . ASN A 1 27  ? 0.719   10.875  -9.715  1.00 25.62 ? 27  ASN A CA  1 
ATOM   197  C C   . ASN A 1 27  ? 2.029   11.270  -9.057  1.00 24.71 ? 27  ASN A C   1 
ATOM   198  O O   . ASN A 1 27  ? 3.100   10.798  -9.451  1.00 28.52 ? 27  ASN A O   1 
ATOM   199  C CB  . ASN A 1 27  ? 0.263   11.966  -10.693 1.00 25.26 ? 27  ASN A CB  1 
ATOM   200  C CG  . ASN A 1 27  ? -0.792  11.479  -11.667 1.00 29.27 ? 27  ASN A CG  1 
ATOM   201  O OD1 . ASN A 1 27  ? -0.731  10.352  -12.156 1.00 28.48 ? 27  ASN A OD1 1 
ATOM   202  N ND2 . ASN A 1 27  ? -1.765  12.332  -11.960 1.00 31.90 ? 27  ASN A ND2 1 
ATOM   203  N N   . GLN A 1 28  ? 1.934   12.116  -8.035  1.00 25.65 ? 28  GLN A N   1 
ATOM   204  C CA  . GLN A 1 28  ? 3.117   12.587  -7.330  1.00 24.68 ? 28  GLN A CA  1 
ATOM   205  C C   . GLN A 1 28  ? 3.772   11.450  -6.548  1.00 30.22 ? 28  GLN A C   1 
ATOM   206  O O   . GLN A 1 28  ? 4.980   11.221  -6.680  1.00 24.17 ? 28  GLN A O   1 
ATOM   207  C CB  . GLN A 1 28  ? 2.745   13.731  -6.384  1.00 28.35 ? 28  GLN A CB  1 
ATOM   208  C CG  . GLN A 1 28  ? 2.287   15.007  -7.096  1.00 35.63 ? 28  GLN A CG  1 
ATOM   209  C CD  . GLN A 1 28  ? 1.420   15.900  -6.210  1.00 48.75 ? 28  GLN A CD  1 
ATOM   210  O OE1 . GLN A 1 28  ? 1.043   15.516  -5.090  1.00 48.24 ? 28  GLN A OE1 1 
ATOM   211  N NE2 . GLN A 1 28  ? 1.092   17.099  -6.710  1.00 52.07 ? 28  GLN A NE2 1 
ATOM   212  N N   . MET A 1 29  ? 2.973   10.731  -5.748  1.00 25.97 ? 29  MET A N   1 
ATOM   213  C CA  . MET A 1 29  ? 3.500   9.679   -4.864  1.00 21.87 ? 29  MET A CA  1 
ATOM   214  C C   . MET A 1 29  ? 4.038   8.463   -5.622  1.00 25.13 ? 29  MET A C   1 
ATOM   215  O O   . MET A 1 29  ? 5.047   7.881   -5.219  1.00 26.76 ? 29  MET A O   1 
ATOM   216  C CB  . MET A 1 29  ? 2.430   9.221   -3.857  1.00 24.63 ? 29  MET A CB  1 
ATOM   217  C CG  . MET A 1 29  ? 2.127   10.229  -2.759  1.00 25.78 ? 29  MET A CG  1 
ATOM   218  S SD  . MET A 1 29  ? 3.504   10.609  -1.643  1.00 30.56 ? 29  MET A SD  1 
ATOM   219  C CE  . MET A 1 29  ? 3.632   9.063   -0.734  1.00 24.50 ? 29  MET A CE  1 
ATOM   220  N N   . MET A 1 30  ? 3.374   8.060   -6.709  1.00 21.77 ? 30  MET A N   1 
ATOM   221  C CA  . MET A 1 30  ? 3.862   6.915   -7.486  1.00 22.96 ? 30  MET A CA  1 
ATOM   222  C C   . MET A 1 30  ? 5.243   7.215   -8.088  1.00 26.98 ? 30  MET A C   1 
ATOM   223  O O   . MET A 1 30  ? 6.101   6.334   -8.201  1.00 27.38 ? 30  MET A O   1 
ATOM   224  C CB  . MET A 1 30  ? 2.864   6.522   -8.589  1.00 24.86 ? 30  MET A CB  1 
ATOM   225  C CG  . MET A 1 30  ? 1.518   5.981   -8.061  1.00 21.94 ? 30  MET A CG  1 
ATOM   226  S SD  . MET A 1 30  ? 1.725   4.497   -7.031  1.00 22.99 ? 30  MET A SD  1 
ATOM   227  C CE  . MET A 1 30  ? 2.029   3.271   -8.310  1.00 20.65 ? 30  MET A CE  1 
ATOM   228  N N   . LYS A 1 31  ? 5.452   8.470   -8.461  1.00 27.37 ? 31  LYS A N   1 
ATOM   229  C CA  . LYS A 1 31  ? 6.709   8.889   -9.073  1.00 33.01 ? 31  LYS A CA  1 
ATOM   230  C C   . LYS A 1 31  ? 7.789   8.924   -7.997  1.00 32.18 ? 31  LYS A C   1 
ATOM   231  O O   . LYS A 1 31  ? 8.823   8.246   -8.108  1.00 31.53 ? 31  LYS A O   1 
ATOM   232  C CB  . LYS A 1 31  ? 6.523   10.270  -9.723  1.00 30.25 ? 31  LYS A CB  1 
ATOM   233  C CG  . LYS A 1 31  ? 7.757   10.888  -10.362 1.00 35.27 ? 31  LYS A CG  1 
ATOM   234  C CD  . LYS A 1 31  ? 7.348   11.904  -11.449 1.00 39.27 ? 31  LYS A CD  1 
ATOM   235  C CE  . LYS A 1 31  ? 6.297   12.898  -10.943 1.00 47.76 ? 31  LYS A CE  1 
ATOM   236  N NZ  . LYS A 1 31  ? 5.416   13.471  -12.023 1.00 47.71 ? 31  LYS A NZ  1 
ATOM   237  N N   . SER A 1 32  ? 7.520   9.689   -6.945  1.00 27.02 ? 32  SER A N   1 
ATOM   238  C CA  . SER A 1 32  ? 8.490   9.938   -5.895  1.00 27.92 ? 32  SER A CA  1 
ATOM   239  C C   . SER A 1 32  ? 8.836   8.709   -5.043  1.00 33.58 ? 32  SER A C   1 
ATOM   240  O O   . SER A 1 32  ? 9.866   8.710   -4.353  1.00 33.08 ? 32  SER A O   1 
ATOM   241  C CB  . SER A 1 32  ? 7.986   11.062  -4.998  1.00 32.64 ? 32  SER A CB  1 
ATOM   242  O OG  . SER A 1 32  ? 6.977   10.565  -4.148  1.00 40.90 ? 32  SER A OG  1 
ATOM   243  N N   . ARG A 1 33  ? 7.998   7.668   -5.077  1.00 27.75 ? 33  ARG A N   1 
ATOM   244  C CA  . ARG A 1 33  ? 8.323   6.428   -4.351  1.00 30.79 ? 33  ARG A CA  1 
ATOM   245  C C   . ARG A 1 33  ? 8.947   5.454   -5.334  1.00 29.00 ? 33  ARG A C   1 
ATOM   246  O O   . ARG A 1 33  ? 9.068   4.249   -5.058  1.00 29.11 ? 33  ARG A O   1 
ATOM   247  C CB  . ARG A 1 33  ? 7.090   5.810   -3.647  1.00 26.23 ? 33  ARG A CB  1 
ATOM   248  C CG  . ARG A 1 33  ? 6.535   6.661   -2.480  1.00 22.20 ? 33  ARG A CG  1 
ATOM   249  C CD  . ARG A 1 33  ? 7.561   6.824   -1.355  1.00 21.53 ? 33  ARG A CD  1 
ATOM   250  N NE  . ARG A 1 33  ? 7.008   7.585   -0.239  1.00 19.03 ? 33  ARG A NE  1 
ATOM   251  C CZ  . ARG A 1 33  ? 6.370   7.041   0.795   1.00 22.47 ? 33  ARG A CZ  1 
ATOM   252  N NH1 . ARG A 1 33  ? 6.214   5.727   0.865   1.00 16.84 ? 33  ARG A NH1 1 
ATOM   253  N NH2 . ARG A 1 33  ? 5.880   7.808   1.754   1.00 19.60 ? 33  ARG A NH2 1 
ATOM   254  N N   . ASN A 1 34  ? 9.340   5.995   -6.489  1.00 29.96 ? 34  ASN A N   1 
ATOM   255  C CA  . ASN A 1 34  ? 10.048  5.238   -7.513  1.00 27.96 ? 34  ASN A CA  1 
ATOM   256  C C   . ASN A 1 34  ? 9.263   4.032   -8.049  1.00 33.48 ? 34  ASN A C   1 
ATOM   257  O O   . ASN A 1 34  ? 9.835   2.970   -8.315  1.00 38.96 ? 34  ASN A O   1 
ATOM   258  C CB  . ASN A 1 34  ? 11.465  4.857   -7.023  1.00 38.65 ? 34  ASN A CB  1 
ATOM   259  C CG  . ASN A 1 34  ? 12.306  6.094   -6.590  1.00 42.95 ? 34  ASN A CG  1 
ATOM   260  O OD1 . ASN A 1 34  ? 12.018  7.239   -6.972  1.00 42.40 ? 34  ASN A OD1 1 
ATOM   261  N ND2 . ASN A 1 34  ? 13.345  5.853   -5.785  1.00 42.97 ? 34  ASN A ND2 1 
ATOM   262  N N   . LEU A 1 35  ? 7.946   4.202   -8.204  1.00 31.39 ? 35  LEU A N   1 
ATOM   263  C CA  . LEU A 1 35  ? 7.077   3.129   -8.716  1.00 33.17 ? 35  LEU A CA  1 
ATOM   264  C C   . LEU A 1 35  ? 6.706   3.358   -10.186 1.00 35.61 ? 35  LEU A C   1 
ATOM   265  O O   . LEU A 1 35  ? 5.857   2.652   -10.754 1.00 33.85 ? 35  LEU A O   1 
ATOM   266  C CB  . LEU A 1 35  ? 5.804   2.988   -7.862  1.00 28.94 ? 35  LEU A CB  1 
ATOM   267  C CG  . LEU A 1 35  ? 6.045   2.757   -6.369  1.00 30.20 ? 35  LEU A CG  1 
ATOM   268  C CD1 . LEU A 1 35  ? 4.743   2.651   -5.587  1.00 29.97 ? 35  LEU A CD1 1 
ATOM   269  C CD2 . LEU A 1 35  ? 6.879   1.508   -6.174  1.00 28.03 ? 35  LEU A CD2 1 
ATOM   270  N N   . THR A 1 36  ? 7.344   4.351   -10.800 1.00 37.25 ? 36  THR A N   1 
ATOM   271  C CA  . THR A 1 36  ? 7.177   4.599   -12.231 1.00 40.54 ? 36  THR A CA  1 
ATOM   272  C C   . THR A 1 36  ? 8.520   4.638   -12.971 1.00 47.07 ? 36  THR A C   1 
ATOM   273  O O   . THR A 1 36  ? 8.593   5.137   -14.093 1.00 44.41 ? 36  THR A O   1 
ATOM   274  C CB  . THR A 1 36  ? 6.439   5.916   -12.495 1.00 33.31 ? 36  THR A CB  1 
ATOM   275  O OG1 . THR A 1 36  ? 7.274   7.013   -12.123 1.00 33.38 ? 36  THR A OG1 1 
ATOM   276  C CG2 . THR A 1 36  ? 5.127   5.972   -11.702 1.00 32.54 ? 36  THR A CG2 1 
ATOM   277  N N   . LYS A 1 37  ? 9.568   4.107   -12.339 1.00 48.13 ? 37  LYS A N   1 
ATOM   278  C CA  . LYS A 1 37  ? 10.931  4.185   -12.869 1.00 50.00 ? 37  LYS A CA  1 
ATOM   279  C C   . LYS A 1 37  ? 11.099  3.364   -14.151 1.00 54.55 ? 37  LYS A C   1 
ATOM   280  O O   . LYS A 1 37  ? 11.421  3.917   -15.205 1.00 57.01 ? 37  LYS A O   1 
ATOM   281  C CB  . LYS A 1 37  ? 11.943  3.742   -11.805 1.00 52.13 ? 37  LYS A CB  1 
ATOM   282  C CG  . LYS A 1 37  ? 13.417  4.009   -12.145 1.00 57.16 ? 37  LYS A CG  1 
ATOM   283  C CD  . LYS A 1 37  ? 13.769  5.495   -12.026 1.00 61.51 ? 37  LYS A CD  1 
ATOM   284  C CE  . LYS A 1 37  ? 15.280  5.725   -11.998 1.00 64.84 ? 37  LYS A CE  1 
ATOM   285  N NZ  . LYS A 1 37  ? 15.946  4.956   -10.899 1.00 67.66 ? 37  LYS A NZ  1 
ATOM   286  N N   . ASP A 1 38  ? 10.862  2.056   -14.073 1.00 56.24 ? 38  ASP A N   1 
ATOM   287  C CA  . ASP A 1 38  ? 11.026  1.186   -15.243 1.00 60.32 ? 38  ASP A CA  1 
ATOM   288  C C   . ASP A 1 38  ? 9.699   0.714   -15.831 1.00 58.96 ? 38  ASP A C   1 
ATOM   289  O O   . ASP A 1 38  ? 9.674   -0.078  -16.776 1.00 59.91 ? 38  ASP A O   1 
ATOM   290  C CB  . ASP A 1 38  ? 11.889  -0.034  -14.895 1.00 61.16 ? 38  ASP A CB  1 
ATOM   291  C CG  . ASP A 1 38  ? 13.285  0.350   -14.431 1.00 72.22 ? 38  ASP A CG  1 
ATOM   292  O OD1 . ASP A 1 38  ? 14.040  0.945   -15.239 1.00 71.18 ? 38  ASP A OD1 1 
ATOM   293  O OD2 . ASP A 1 38  ? 13.626  0.049   -13.261 1.00 76.99 ? 38  ASP A OD2 1 
ATOM   294  N N   . ARG A 1 39  ? 8.601   1.216   -15.279 1.00 52.18 ? 39  ARG A N   1 
ATOM   295  C CA  . ARG A 1 39  ? 7.287   0.679   -15.578 1.00 51.77 ? 39  ARG A CA  1 
ATOM   296  C C   . ARG A 1 39  ? 6.262   1.501   -14.813 1.00 49.30 ? 39  ARG A C   1 
ATOM   297  O O   . ARG A 1 39  ? 6.592   2.086   -13.781 1.00 45.35 ? 39  ARG A O   1 
ATOM   298  C CB  . ARG A 1 39  ? 7.233   -0.777  -15.107 1.00 55.52 ? 39  ARG A CB  1 
ATOM   299  C CG  . ARG A 1 39  ? 5.912   -1.486  -15.326 1.00 56.15 ? 39  ARG A CG  1 
ATOM   300  C CD  . ARG A 1 39  ? 5.866   -2.792  -14.543 1.00 54.38 ? 39  ARG A CD  1 
ATOM   301  N NE  . ARG A 1 39  ? 4.671   -3.574  -14.856 1.00 65.94 ? 39  ARG A NE  1 
ATOM   302  C CZ  . ARG A 1 39  ? 3.948   -4.237  -13.956 1.00 66.41 ? 39  ARG A CZ  1 
ATOM   303  N NH1 . ARG A 1 39  ? 4.296   -4.215  -12.672 1.00 59.47 ? 39  ARG A NH1 1 
ATOM   304  N NH2 . ARG A 1 39  ? 2.874   -4.924  -14.340 1.00 60.47 ? 39  ARG A NH2 1 
ATOM   305  N N   . CYS A 1 40  ? 5.031   1.567   -15.312 1.00 40.65 ? 40  CYS A N   1 
ATOM   306  C CA  . CYS A 1 40  ? 3.952   2.137   -14.510 1.00 37.99 ? 40  CYS A CA  1 
ATOM   307  C C   . CYS A 1 40  ? 3.403   1.028   -13.640 1.00 35.21 ? 40  CYS A C   1 
ATOM   308  O O   . CYS A 1 40  ? 2.722   0.132   -14.149 1.00 34.38 ? 40  CYS A O   1 
ATOM   309  C CB  . CYS A 1 40  ? 2.831   2.682   -15.394 1.00 36.06 ? 40  CYS A CB  1 
ATOM   310  S SG  . CYS A 1 40  ? 3.304   4.085   -16.402 1.00 40.75 ? 40  CYS A SG  1 
ATOM   311  N N   . LYS A 1 41  ? 3.703   1.046   -12.340 1.00 36.20 ? 41  LYS A N   1 
ATOM   312  C CA  . LYS A 1 41  ? 3.092   0.045   -11.459 1.00 32.08 ? 41  LYS A CA  1 
ATOM   313  C C   . LYS A 1 41  ? 1.592   0.260   -11.574 1.00 28.69 ? 41  LYS A C   1 
ATOM   314  O O   . LYS A 1 41  ? 1.114   1.366   -11.354 1.00 29.81 ? 41  LYS A O   1 
ATOM   315  C CB  . LYS A 1 41  ? 3.544   0.177   -9.998  1.00 30.54 ? 41  LYS A CB  1 
ATOM   316  C CG  . LYS A 1 41  ? 3.128   -1.048  -9.173  1.00 28.54 ? 41  LYS A CG  1 
ATOM   317  C CD  . LYS A 1 41  ? 3.389   -0.931  -7.671  1.00 26.73 ? 41  LYS A CD  1 
ATOM   318  C CE  . LYS A 1 41  ? 2.841   -2.199  -6.991  1.00 29.89 ? 41  LYS A CE  1 
ATOM   319  N NZ  . LYS A 1 41  ? 2.842   -2.164  -5.498  1.00 31.75 ? 41  LYS A NZ  1 
ATOM   320  N N   . PRO A 1 42  ? 0.853   -0.786  -11.965 1.00 30.17 ? 42  PRO A N   1 
ATOM   321  C CA  . PRO A 1 42  ? -0.558  -0.633  -12.336 1.00 31.02 ? 42  PRO A CA  1 
ATOM   322  C C   . PRO A 1 42  ? -1.451  -0.237  -11.166 1.00 29.70 ? 42  PRO A C   1 
ATOM   323  O O   . PRO A 1 42  ? -2.331  0.615   -11.337 1.00 31.29 ? 42  PRO A O   1 
ATOM   324  C CB  . PRO A 1 42  ? -0.957  -2.036  -12.828 1.00 34.50 ? 42  PRO A CB  1 
ATOM   325  C CG  . PRO A 1 42  ? 0.334   -2.790  -13.009 1.00 42.70 ? 42  PRO A CG  1 
ATOM   326  C CD  . PRO A 1 42  ? 1.305   -2.185  -12.048 1.00 34.35 ? 42  PRO A CD  1 
ATOM   327  N N   . VAL A 1 43  ? -1.255  -0.864  -10.008 1.00 25.00 ? 43  VAL A N   1 
ATOM   328  C CA  . VAL A 1 43  ? -2.083  -0.574  -8.835  1.00 28.24 ? 43  VAL A CA  1 
ATOM   329  C C   . VAL A 1 43  ? -1.215  -0.530  -7.582  1.00 26.50 ? 43  VAL A C   1 
ATOM   330  O O   . VAL A 1 43  ? -0.314  -1.358  -7.413  1.00 25.71 ? 43  VAL A O   1 
ATOM   331  C CB  . VAL A 1 43  ? -3.248  -1.613  -8.637  1.00 31.29 ? 43  VAL A CB  1 
ATOM   332  C CG1 . VAL A 1 43  ? -4.025  -1.814  -9.931  1.00 31.45 ? 43  VAL A CG1 1 
ATOM   333  C CG2 . VAL A 1 43  ? -2.721  -2.948  -8.186  1.00 34.17 ? 43  VAL A CG2 1 
ATOM   334  N N   . ASN A 1 44  ? -1.496  0.428   -6.706  1.00 21.40 ? 44  ASN A N   1 
ATOM   335  C CA  . ASN A 1 44  ? -0.740  0.567   -5.468  1.00 23.79 ? 44  ASN A CA  1 
ATOM   336  C C   . ASN A 1 44  ? -1.521  1.364   -4.425  1.00 24.71 ? 44  ASN A C   1 
ATOM   337  O O   . ASN A 1 44  ? -2.124  2.394   -4.738  1.00 25.50 ? 44  ASN A O   1 
ATOM   338  C CB  . ASN A 1 44  ? 0.629   1.210   -5.750  1.00 22.92 ? 44  ASN A CB  1 
ATOM   339  C CG  . ASN A 1 44  ? 1.537   1.206   -4.532  1.00 24.93 ? 44  ASN A CG  1 
ATOM   340  O OD1 . ASN A 1 44  ? 2.107   0.171   -4.178  1.00 22.48 ? 44  ASN A OD1 1 
ATOM   341  N ND2 . ASN A 1 44  ? 1.687   2.369   -3.891  1.00 21.25 ? 44  ASN A ND2 1 
ATOM   342  N N   . THR A 1 45  ? -1.514  0.886   -3.186  1.00 18.70 ? 45  THR A N   1 
ATOM   343  C CA  . THR A 1 45  ? -2.216  1.555   -2.102  1.00 19.73 ? 45  THR A CA  1 
ATOM   344  C C   . THR A 1 45  ? -1.249  2.163   -1.086  1.00 21.92 ? 45  THR A C   1 
ATOM   345  O O   . THR A 1 45  ? -0.272  1.512   -0.685  1.00 19.38 ? 45  THR A O   1 
ATOM   346  C CB  . THR A 1 45  ? -3.124  0.536   -1.361  1.00 22.58 ? 45  THR A CB  1 
ATOM   347  O OG1 . THR A 1 45  ? -4.062  -0.011  -2.294  1.00 23.53 ? 45  THR A OG1 1 
ATOM   348  C CG2 . THR A 1 45  ? -3.865  1.192   -0.198  1.00 20.68 ? 45  THR A CG2 1 
ATOM   349  N N   . PHE A 1 46  ? -1.528  3.399   -0.672  1.00 15.35 ? 46  PHE A N   1 
ATOM   350  C CA  . PHE A 1 46  ? -0.826  4.023   0.444   1.00 20.71 ? 46  PHE A CA  1 
ATOM   351  C C   . PHE A 1 46  ? -1.696  4.052   1.675   1.00 21.29 ? 46  PHE A C   1 
ATOM   352  O O   . PHE A 1 46  ? -2.907  4.274   1.563   1.00 21.13 ? 46  PHE A O   1 
ATOM   353  C CB  . PHE A 1 46  ? -0.434  5.452   0.088   1.00 18.66 ? 46  PHE A CB  1 
ATOM   354  C CG  . PHE A 1 46  ? 0.564   5.518   -1.024  1.00 21.13 ? 46  PHE A CG  1 
ATOM   355  C CD1 . PHE A 1 46  ? 1.927   5.359   -0.763  1.00 22.39 ? 46  PHE A CD1 1 
ATOM   356  C CD2 . PHE A 1 46  ? 0.137   5.690   -2.343  1.00 19.36 ? 46  PHE A CD2 1 
ATOM   357  C CE1 . PHE A 1 46  ? 2.864   5.407   -1.809  1.00 21.61 ? 46  PHE A CE1 1 
ATOM   358  C CE2 . PHE A 1 46  ? 1.058   5.733   -3.395  1.00 20.64 ? 46  PHE A CE2 1 
ATOM   359  C CZ  . PHE A 1 46  ? 2.428   5.592   -3.126  1.00 22.12 ? 46  PHE A CZ  1 
ATOM   360  N N   . VAL A 1 47  ? -1.074  3.859   2.843   1.00 18.59 ? 47  VAL A N   1 
ATOM   361  C CA  . VAL A 1 47  ? -1.789  3.851   4.121   1.00 19.33 ? 47  VAL A CA  1 
ATOM   362  C C   . VAL A 1 47  ? -1.431  5.089   4.928   1.00 21.65 ? 47  VAL A C   1 
ATOM   363  O O   . VAL A 1 47  ? -0.245  5.365   5.160   1.00 22.57 ? 47  VAL A O   1 
ATOM   364  C CB  . VAL A 1 47  ? -1.469  2.564   4.948   1.00 19.05 ? 47  VAL A CB  1 
ATOM   365  C CG1 . VAL A 1 47  ? -2.311  2.518   6.231   1.00 18.16 ? 47  VAL A CG1 1 
ATOM   366  C CG2 . VAL A 1 47  ? -1.729  1.319   4.099   1.00 20.67 ? 47  VAL A CG2 1 
ATOM   367  N N   . HIS A 1 48  ? -2.446  5.845   5.343   1.00 17.80 ? 48  HIS A N   1 
ATOM   368  C CA  . HIS A 1 48  ? -2.226  7.054   6.126   1.00 20.03 ? 48  HIS A CA  1 
ATOM   369  C C   . HIS A 1 48  ? -2.402  6.763   7.597   1.00 23.58 ? 48  HIS A C   1 
ATOM   370  O O   . HIS A 1 48  ? -3.354  7.231   8.242   1.00 27.98 ? 48  HIS A O   1 
ATOM   371  C CB  . HIS A 1 48  ? -3.202  8.143   5.681   1.00 22.84 ? 48  HIS A CB  1 
ATOM   372  C CG  . HIS A 1 48  ? -3.150  8.398   4.212   1.00 25.81 ? 48  HIS A CG  1 
ATOM   373  N ND1 . HIS A 1 48  ? -2.104  9.072   3.621   1.00 29.33 ? 48  HIS A ND1 1 
ATOM   374  C CD2 . HIS A 1 48  ? -3.972  8.016   3.208   1.00 23.52 ? 48  HIS A CD2 1 
ATOM   375  C CE1 . HIS A 1 48  ? -2.302  9.120   2.313   1.00 29.88 ? 48  HIS A CE1 1 
ATOM   376  N NE2 . HIS A 1 48  ? -3.422  8.477   2.038   1.00 27.31 ? 48  HIS A NE2 1 
ATOM   377  N N   . GLU A 1 49  ? -1.501  5.957   8.130   1.00 20.76 ? 49  GLU A N   1 
ATOM   378  C CA  . GLU A 1 49  ? -1.524  5.663   9.552   1.00 22.23 ? 49  GLU A CA  1 
ATOM   379  C C   . GLU A 1 49  ? -0.081  5.564   9.950   1.00 21.73 ? 49  GLU A C   1 
ATOM   380  O O   . GLU A 1 49  ? 0.799   5.496   9.077   1.00 21.32 ? 49  GLU A O   1 
ATOM   381  C CB  . GLU A 1 49  ? -2.226  4.330   9.841   1.00 19.62 ? 49  GLU A CB  1 
ATOM   382  C CG  . GLU A 1 49  ? -3.675  4.227   9.378   1.00 23.97 ? 49  GLU A CG  1 
ATOM   383  C CD  . GLU A 1 49  ? -4.616  5.177   10.117  1.00 25.68 ? 49  GLU A CD  1 
ATOM   384  O OE1 . GLU A 1 49  ? -4.261  5.682   11.210  1.00 27.93 ? 49  GLU A OE1 1 
ATOM   385  O OE2 . GLU A 1 49  ? -5.716  5.432   9.587   1.00 27.42 ? 49  GLU A OE2 1 
ATOM   386  N N   . SER A 1 50  ? 0.178   5.553   11.254  1.00 20.10 ? 50  SER A N   1 
ATOM   387  C CA  . SER A 1 50  ? 1.547   5.396   11.723  1.00 23.08 ? 50  SER A CA  1 
ATOM   388  C C   . SER A 1 50  ? 2.110   4.035   11.291  1.00 24.30 ? 50  SER A C   1 
ATOM   389  O O   . SER A 1 50  ? 1.359   3.069   11.067  1.00 22.86 ? 50  SER A O   1 
ATOM   390  C CB  . SER A 1 50  ? 1.598   5.512   13.235  1.00 26.94 ? 50  SER A CB  1 
ATOM   391  O OG  . SER A 1 50  ? 1.108   4.327   13.833  1.00 26.69 ? 50  SER A OG  1 
ATOM   392  N N   . LEU A 1 51  ? 3.431   3.953   11.170  1.00 23.76 ? 51  LEU A N   1 
ATOM   393  C CA  . LEU A 1 51  ? 4.075   2.687   10.834  1.00 25.38 ? 51  LEU A CA  1 
ATOM   394  C C   . LEU A 1 51  ? 3.768   1.647   11.917  1.00 23.45 ? 51  LEU A C   1 
ATOM   395  O O   . LEU A 1 51  ? 3.497   0.493   11.613  1.00 23.81 ? 51  LEU A O   1 
ATOM   396  C CB  . LEU A 1 51  ? 5.588   2.895   10.648  1.00 24.04 ? 51  LEU A CB  1 
ATOM   397  C CG  . LEU A 1 51  ? 6.437   1.665   10.310  1.00 32.83 ? 51  LEU A CG  1 
ATOM   398  C CD1 . LEU A 1 51  ? 5.979   0.982   9.010   1.00 25.22 ? 51  LEU A CD1 1 
ATOM   399  C CD2 . LEU A 1 51  ? 7.914   2.044   10.246  1.00 24.15 ? 51  LEU A CD2 1 
ATOM   400  N N   . ALA A 1 52  ? 3.781   2.067   13.178  1.00 24.35 ? 52  ALA A N   1 
ATOM   401  C CA  . ALA A 1 52  ? 3.454   1.167   14.287  1.00 27.45 ? 52  ALA A CA  1 
ATOM   402  C C   . ALA A 1 52  ? 2.072   0.531   14.130  1.00 24.61 ? 52  ALA A C   1 
ATOM   403  O O   . ALA A 1 52  ? 1.916   -0.684  14.305  1.00 23.78 ? 52  ALA A O   1 
ATOM   404  C CB  . ALA A 1 52  ? 3.555   1.899   15.621  1.00 26.97 ? 52  ALA A CB  1 
ATOM   405  N N   . ASP A 1 53  ? 1.079   1.354   13.803  1.00 22.87 ? 53  ASP A N   1 
ATOM   406  C CA  . ASP A 1 53  ? -0.288  0.878   13.597  1.00 25.36 ? 53  ASP A CA  1 
ATOM   407  C C   . ASP A 1 53  ? -0.417  -0.126  12.460  1.00 22.07 ? 53  ASP A C   1 
ATOM   408  O O   . ASP A 1 53  ? -1.262  -1.021  12.513  1.00 20.13 ? 53  ASP A O   1 
ATOM   409  C CB  . ASP A 1 53  ? -1.211  2.066   13.301  1.00 25.82 ? 53  ASP A CB  1 
ATOM   410  C CG  . ASP A 1 53  ? -1.625  2.805   14.558  1.00 35.24 ? 53  ASP A CG  1 
ATOM   411  O OD1 . ASP A 1 53  ? -2.357  3.810   14.452  1.00 36.30 ? 53  ASP A OD1 1 
ATOM   412  O OD2 . ASP A 1 53  ? -1.217  2.373   15.655  1.00 33.87 ? 53  ASP A OD2 1 
ATOM   413  N N   . VAL A 1 54  ? 0.387   0.048   11.414  1.00 19.30 ? 54  VAL A N   1 
ATOM   414  C CA  . VAL A 1 54  ? 0.325   -0.846  10.256  1.00 18.71 ? 54  VAL A CA  1 
ATOM   415  C C   . VAL A 1 54  ? 1.083   -2.120  10.594  1.00 18.77 ? 54  VAL A C   1 
ATOM   416  O O   . VAL A 1 54  ? 0.623   -3.221  10.322  1.00 19.54 ? 54  VAL A O   1 
ATOM   417  C CB  . VAL A 1 54  ? 0.916   -0.169  8.995   1.00 19.70 ? 54  VAL A CB  1 
ATOM   418  C CG1 . VAL A 1 54  ? 1.019   -1.151  7.844   1.00 18.34 ? 54  VAL A CG1 1 
ATOM   419  C CG2 . VAL A 1 54  ? 0.070   1.031   8.603   1.00 19.62 ? 54  VAL A CG2 1 
ATOM   420  N N   . GLN A 1 55  ? 2.247   -1.982  11.221  1.00 19.53 ? 55  GLN A N   1 
ATOM   421  C CA  . GLN A 1 55  ? 2.955   -3.165  11.716  1.00 20.57 ? 55  GLN A CA  1 
ATOM   422  C C   . GLN A 1 55  ? 2.099   -4.008  12.653  1.00 21.65 ? 55  GLN A C   1 
ATOM   423  O O   . GLN A 1 55  ? 2.156   -5.238  12.614  1.00 22.12 ? 55  GLN A O   1 
ATOM   424  C CB  . GLN A 1 55  ? 4.244   -2.754  12.416  1.00 20.98 ? 55  GLN A CB  1 
ATOM   425  C CG  . GLN A 1 55  ? 5.272   -2.191  11.454  1.00 21.81 ? 55  GLN A CG  1 
ATOM   426  C CD  . GLN A 1 55  ? 6.504   -1.723  12.181  1.00 30.51 ? 55  GLN A CD  1 
ATOM   427  O OE1 . GLN A 1 55  ? 6.433   -1.300  13.338  1.00 28.75 ? 55  GLN A OE1 1 
ATOM   428  N NE2 . GLN A 1 55  ? 7.640   -1.796  11.513  1.00 25.14 ? 55  GLN A NE2 1 
ATOM   429  N N   . ALA A 1 56  ? 1.290   -3.342  13.477  1.00 19.92 ? 56  ALA A N   1 
ATOM   430  C CA  . ALA A 1 56  ? 0.433   -4.027  14.450  1.00 24.44 ? 56  ALA A CA  1 
ATOM   431  C C   . ALA A 1 56  ? -0.571  -4.985  13.784  1.00 24.54 ? 56  ALA A C   1 
ATOM   432  O O   . ALA A 1 56  ? -1.094  -5.889  14.431  1.00 22.02 ? 56  ALA A O   1 
ATOM   433  C CB  . ALA A 1 56  ? -0.306  -2.997  15.312  1.00 23.01 ? 56  ALA A CB  1 
ATOM   434  N N   . VAL A 1 57  ? -0.835  -4.787  12.492  1.00 23.93 ? 57  VAL A N   1 
ATOM   435  C CA  . VAL A 1 57  ? -1.814  -5.612  11.779  1.00 21.71 ? 57  VAL A CA  1 
ATOM   436  C C   . VAL A 1 57  ? -1.304  -7.048  11.692  1.00 22.75 ? 57  VAL A C   1 
ATOM   437  O O   . VAL A 1 57  ? -2.089  -8.004  11.655  1.00 21.39 ? 57  VAL A O   1 
ATOM   438  C CB  . VAL A 1 57  ? -2.130  -5.019  10.379  1.00 22.94 ? 57  VAL A CB  1 
ATOM   439  C CG1 . VAL A 1 57  ? -3.051  -5.950  9.565   1.00 18.88 ? 57  VAL A CG1 1 
ATOM   440  C CG2 . VAL A 1 57  ? -2.773  -3.650  10.530  1.00 20.03 ? 57  VAL A CG2 1 
ATOM   441  N N   . CYS A 1 58  ? 0.016   -7.203  11.709  1.00 21.58 ? 58  CYS A N   1 
ATOM   442  C CA  . CYS A 1 58  ? 0.630   -8.538  11.733  1.00 22.32 ? 58  CYS A CA  1 
ATOM   443  C C   . CYS A 1 58  ? 0.246   -9.357  12.966  1.00 26.54 ? 58  CYS A C   1 
ATOM   444  O O   . CYS A 1 58  ? 0.537   -10.553 13.028  1.00 23.50 ? 58  CYS A O   1 
ATOM   445  C CB  . CYS A 1 58  ? 2.146   -8.419  11.674  1.00 21.33 ? 58  CYS A CB  1 
ATOM   446  S SG  . CYS A 1 58  ? 2.721   -7.788  10.084  1.00 25.11 ? 58  CYS A SG  1 
ATOM   447  N N   . SER A 1 59  ? -0.390  -8.707  13.942  1.00 25.17 ? 59  SER A N   1 
ATOM   448  C CA  . SER A 1 59  ? -0.844  -9.380  15.159  1.00 26.29 ? 59  SER A CA  1 
ATOM   449  C C   . SER A 1 59  ? -2.350  -9.344  15.257  1.00 24.60 ? 59  SER A C   1 
ATOM   450  O O   . SER A 1 59  ? -2.906  -9.651  16.311  1.00 27.99 ? 59  SER A O   1 
ATOM   451  C CB  . SER A 1 59  ? -0.291  -8.673  16.395  1.00 29.58 ? 59  SER A CB  1 
ATOM   452  O OG  . SER A 1 59  ? 1.109   -8.526  16.307  1.00 33.43 ? 59  SER A OG  1 
ATOM   453  N N   . GLN A 1 60  ? -3.018  -8.953  14.175  1.00 21.64 ? 60  GLN A N   1 
ATOM   454  C CA  . GLN A 1 60  ? -4.474  -8.889  14.201  1.00 24.92 ? 60  GLN A CA  1 
ATOM   455  C C   . GLN A 1 60  ? -5.118  -10.125 13.532  1.00 25.47 ? 60  GLN A C   1 
ATOM   456  O O   . GLN A 1 60  ? -4.700  -11.248 13.802  1.00 26.05 ? 60  GLN A O   1 
ATOM   457  C CB  . GLN A 1 60  ? -4.956  -7.515  13.693  1.00 23.94 ? 60  GLN A CB  1 
ATOM   458  C CG  . GLN A 1 60  ? -4.266  -6.387  14.507  1.00 23.33 ? 60  GLN A CG  1 
ATOM   459  C CD  . GLN A 1 60  ? -4.682  -4.962  14.148  1.00 21.71 ? 60  GLN A CD  1 
ATOM   460  O OE1 . GLN A 1 60  ? -5.620  -4.722  13.377  1.00 22.63 ? 60  GLN A OE1 1 
ATOM   461  N NE2 . GLN A 1 60  ? -3.973  -3.998  14.733  1.00 22.24 ? 60  GLN A NE2 1 
ATOM   462  N N   . LYS A 1 61  ? -6.120  -9.941  12.682  1.00 26.30 ? 61  LYS A N   1 
ATOM   463  C CA  . LYS A 1 61  ? -6.945  -11.074 12.241  1.00 26.50 ? 61  LYS A CA  1 
ATOM   464  C C   . LYS A 1 61  ? -6.254  -11.946 11.175  1.00 27.65 ? 61  LYS A C   1 
ATOM   465  O O   . LYS A 1 61  ? -6.140  -11.540 10.013  1.00 24.68 ? 61  LYS A O   1 
ATOM   466  C CB  . LYS A 1 61  ? -8.275  -10.530 11.697  1.00 25.90 ? 61  LYS A CB  1 
ATOM   467  C CG  . LYS A 1 61  ? -9.295  -11.575 11.279  1.00 27.05 ? 61  LYS A CG  1 
ATOM   468  C CD  . LYS A 1 61  ? -9.668  -12.472 12.444  1.00 28.36 ? 61  LYS A CD  1 
ATOM   469  C CE  . LYS A 1 61  ? -10.984 -13.190 12.161  1.00 27.85 ? 61  LYS A CE  1 
ATOM   470  N NZ  . LYS A 1 61  ? -11.427 -13.894 13.383  1.00 25.79 ? 61  LYS A NZ  1 
ATOM   471  N N   . ASN A 1 62  ? -5.789  -13.132 11.553  1.00 23.62 ? 62  ASN A N   1 
ATOM   472  C CA  . ASN A 1 62  ? -5.154  -14.016 10.572  1.00 26.70 ? 62  ASN A CA  1 
ATOM   473  C C   . ASN A 1 62  ? -6.183  -14.425 9.512   1.00 29.33 ? 62  ASN A C   1 
ATOM   474  O O   . ASN A 1 62  ? -7.264  -14.915 9.854   1.00 27.26 ? 62  ASN A O   1 
ATOM   475  C CB  . ASN A 1 62  ? -4.521  -15.241 11.250  1.00 26.24 ? 62  ASN A CB  1 
ATOM   476  C CG  . ASN A 1 62  ? -3.710  -16.110 10.281  1.00 33.60 ? 62  ASN A CG  1 
ATOM   477  O OD1 . ASN A 1 62  ? -3.098  -15.610 9.322   1.00 31.95 ? 62  ASN A OD1 1 
ATOM   478  N ND2 . ASN A 1 62  ? -3.706  -17.420 10.529  1.00 30.32 ? 62  ASN A ND2 1 
ATOM   479  N N   . VAL A 1 63  ? -5.858  -14.161 8.241   1.00 27.62 ? 63  VAL A N   1 
ATOM   480  C CA  . VAL A 1 63  ? -6.710  -14.497 7.092   1.00 22.86 ? 63  VAL A CA  1 
ATOM   481  C C   . VAL A 1 63  ? -5.852  -15.044 5.943   1.00 29.89 ? 63  VAL A C   1 
ATOM   482  O O   . VAL A 1 63  ? -4.631  -14.899 5.950   1.00 31.08 ? 63  VAL A O   1 
ATOM   483  C CB  . VAL A 1 63  ? -7.527  -13.280 6.572   1.00 28.58 ? 63  VAL A CB  1 
ATOM   484  C CG1 . VAL A 1 63  ? -8.605  -12.855 7.578   1.00 29.26 ? 63  VAL A CG1 1 
ATOM   485  C CG2 . VAL A 1 63  ? -6.603  -12.098 6.200   1.00 27.24 ? 63  VAL A CG2 1 
ATOM   486  N N   . ALA A 1 64  ? -6.486  -15.664 4.952   1.00 29.75 ? 64  ALA A N   1 
ATOM   487  C CA  . ALA A 1 64  ? -5.767  -16.146 3.773   1.00 28.60 ? 64  ALA A CA  1 
ATOM   488  C C   . ALA A 1 64  ? -5.379  -14.997 2.864   1.00 25.64 ? 64  ALA A C   1 
ATOM   489  O O   . ALA A 1 64  ? -6.163  -14.074 2.665   1.00 29.80 ? 64  ALA A O   1 
ATOM   490  C CB  . ALA A 1 64  ? -6.617  -17.151 2.994   1.00 30.92 ? 64  ALA A CB  1 
ATOM   491  N N   . CYS A 1 65  ? -4.169  -15.055 2.304   1.00 30.95 ? 65  CYS A N   1 
ATOM   492  C CA  . CYS A 1 65  ? -3.789  -14.124 1.248   1.00 28.86 ? 65  CYS A CA  1 
ATOM   493  C C   . CYS A 1 65  ? -4.547  -14.532 -0.016  1.00 33.26 ? 65  CYS A C   1 
ATOM   494  O O   . CYS A 1 65  ? -5.072  -15.644 -0.085  1.00 33.59 ? 65  CYS A O   1 
ATOM   495  C CB  . CYS A 1 65  ? -2.275  -14.169 1.014   1.00 30.37 ? 65  CYS A CB  1 
ATOM   496  S SG  . CYS A 1 65  ? -1.250  -13.888 2.495   1.00 37.20 ? 65  CYS A SG  1 
ATOM   497  N N   . LYS A 1 66  ? -4.620  -13.645 -1.007  1.00 33.28 ? 66  LYS A N   1 
ATOM   498  C CA  . LYS A 1 66  ? -5.389  -13.921 -2.221  1.00 36.78 ? 66  LYS A CA  1 
ATOM   499  C C   . LYS A 1 66  ? -4.867  -15.131 -3.005  1.00 38.21 ? 66  LYS A C   1 
ATOM   500  O O   . LYS A 1 66  ? -5.610  -15.763 -3.758  1.00 34.47 ? 66  LYS A O   1 
ATOM   501  C CB  . LYS A 1 66  ? -5.425  -12.685 -3.119  1.00 36.72 ? 66  LYS A CB  1 
ATOM   502  C CG  . LYS A 1 66  ? -4.045  -12.199 -3.537  1.00 39.74 ? 66  LYS A CG  1 
ATOM   503  C CD  . LYS A 1 66  ? -4.118  -10.867 -4.297  1.00 46.84 ? 66  LYS A CD  1 
ATOM   504  C CE  . LYS A 1 66  ? -2.730  -10.442 -4.763  1.00 45.78 ? 66  LYS A CE  1 
ATOM   505  N NZ  . LYS A 1 66  ? -2.682  -8.989  -5.085  1.00 49.46 ? 66  LYS A NZ  1 
ATOM   506  N N   . ASN A 1 67  ? -3.591  -15.451 -2.825  1.00 36.48 ? 67  ASN A N   1 
ATOM   507  C CA  . ASN A 1 67  ? -3.003  -16.584 -3.522  1.00 41.38 ? 67  ASN A CA  1 
ATOM   508  C C   . ASN A 1 67  ? -3.018  -17.828 -2.659  1.00 39.04 ? 67  ASN A C   1 
ATOM   509  O O   . ASN A 1 67  ? -2.427  -18.843 -3.015  1.00 42.95 ? 67  ASN A O   1 
ATOM   510  C CB  . ASN A 1 67  ? -1.572  -16.263 -3.967  1.00 45.66 ? 67  ASN A CB  1 
ATOM   511  C CG  . ASN A 1 67  ? -0.616  -16.059 -2.796  1.00 45.62 ? 67  ASN A CG  1 
ATOM   512  O OD1 . ASN A 1 67  ? -1.036  -15.923 -1.639  1.00 37.72 ? 67  ASN A OD1 1 
ATOM   513  N ND2 . ASN A 1 67  ? 0.687   -16.031 -3.098  1.00 43.76 ? 67  ASN A ND2 1 
ATOM   514  N N   . GLY A 1 68  ? -3.669  -17.734 -1.507  1.00 38.48 ? 68  GLY A N   1 
ATOM   515  C CA  . GLY A 1 68  ? -3.830  -18.887 -0.640  1.00 35.70 ? 68  GLY A CA  1 
ATOM   516  C C   . GLY A 1 68  ? -2.753  -19.054 0.416   1.00 36.76 ? 68  GLY A C   1 
ATOM   517  O O   . GLY A 1 68  ? -2.795  -20.016 1.183   1.00 36.39 ? 68  GLY A O   1 
ATOM   518  N N   . GLN A 1 69  ? -1.785  -18.136 0.462   1.00 37.53 ? 69  GLN A N   1 
ATOM   519  C CA  . GLN A 1 69  ? -0.802  -18.131 1.552   1.00 37.69 ? 69  GLN A CA  1 
ATOM   520  C C   . GLN A 1 69  ? -1.531  -17.900 2.873   1.00 31.71 ? 69  GLN A C   1 
ATOM   521  O O   . GLN A 1 69  ? -2.540  -17.200 2.912   1.00 36.18 ? 69  GLN A O   1 
ATOM   522  C CB  . GLN A 1 69  ? 0.255   -17.037 1.338   1.00 38.44 ? 69  GLN A CB  1 
ATOM   523  C CG  . GLN A 1 69  ? 1.163   -17.270 0.133   1.00 41.34 ? 69  GLN A CG  1 
ATOM   524  C CD  . GLN A 1 69  ? 2.213   -16.180 -0.041  1.00 46.55 ? 69  GLN A CD  1 
ATOM   525  O OE1 . GLN A 1 69  ? 2.558   -15.804 -1.166  1.00 45.96 ? 69  GLN A OE1 1 
ATOM   526  N NE2 . GLN A 1 69  ? 2.739   -15.679 1.079   1.00 47.59 ? 69  GLN A NE2 1 
ATOM   527  N N   . THR A 1 70  ? -1.019  -18.482 3.951   1.00 33.56 ? 70  THR A N   1 
ATOM   528  C CA  . THR A 1 70  ? -1.704  -18.431 5.246   1.00 38.58 ? 70  THR A CA  1 
ATOM   529  C C   . THR A 1 70  ? -1.187  -17.331 6.177   1.00 36.22 ? 70  THR A C   1 
ATOM   530  O O   . THR A 1 70  ? -1.634  -17.229 7.330   1.00 30.84 ? 70  THR A O   1 
ATOM   531  C CB  . THR A 1 70  ? -1.596  -19.780 5.981   1.00 39.98 ? 70  THR A CB  1 
ATOM   532  O OG1 . THR A 1 70  ? -0.226  -20.028 6.320   1.00 42.55 ? 70  THR A OG1 1 
ATOM   533  C CG2 . THR A 1 70  ? -2.109  -20.909 5.092   1.00 37.84 ? 70  THR A CG2 1 
ATOM   534  N N   . ASN A 1 71  ? -0.254  -16.512 5.687   1.00 34.42 ? 71  ASN A N   1 
ATOM   535  C CA  . ASN A 1 71  ? 0.374   -15.484 6.529   1.00 32.99 ? 71  ASN A CA  1 
ATOM   536  C C   . ASN A 1 71  ? -0.118  -14.064 6.240   1.00 30.72 ? 71  ASN A C   1 
ATOM   537  O O   . ASN A 1 71  ? 0.665   -13.099 6.302   1.00 27.61 ? 71  ASN A O   1 
ATOM   538  C CB  . ASN A 1 71  ? 1.912   -15.560 6.456   1.00 31.00 ? 71  ASN A CB  1 
ATOM   539  C CG  . ASN A 1 71  ? 2.455   -15.237 5.062   1.00 37.39 ? 71  ASN A CG  1 
ATOM   540  O OD1 . ASN A 1 71  ? 1.941   -15.724 4.049   1.00 33.36 ? 71  ASN A OD1 1 
ATOM   541  N ND2 . ASN A 1 71  ? 3.500   -14.406 5.010   1.00 29.53 ? 71  ASN A ND2 1 
ATOM   542  N N   . CYS A 1 72  ? -1.409  -13.938 5.920   1.00 30.72 ? 72  CYS A N   1 
ATOM   543  C CA  . CYS A 1 72  ? -2.038  -12.625 5.759   1.00 26.02 ? 72  CYS A CA  1 
ATOM   544  C C   . CYS A 1 72  ? -2.832  -12.246 7.004   1.00 26.54 ? 72  CYS A C   1 
ATOM   545  O O   . CYS A 1 72  ? -3.220  -13.110 7.805   1.00 27.33 ? 72  CYS A O   1 
ATOM   546  C CB  . CYS A 1 72  ? -2.935  -12.555 4.516   1.00 24.66 ? 72  CYS A CB  1 
ATOM   547  S SG  . CYS A 1 72  ? -2.067  -12.097 2.975   1.00 33.90 ? 72  CYS A SG  1 
ATOM   548  N N   . TYR A 1 73  ? -3.043  -10.945 7.175   1.00 22.61 ? 73  TYR A N   1 
ATOM   549  C CA  . TYR A 1 73  ? -3.677  -10.417 8.375   1.00 26.58 ? 73  TYR A CA  1 
ATOM   550  C C   . TYR A 1 73  ? -4.546  -9.226  8.013   1.00 25.61 ? 73  TYR A C   1 
ATOM   551  O O   . TYR A 1 73  ? -4.127  -8.344  7.270   1.00 21.69 ? 73  TYR A O   1 
ATOM   552  C CB  . TYR A 1 73  ? -2.614  -10.026 9.419   1.00 22.71 ? 73  TYR A CB  1 
ATOM   553  C CG  . TYR A 1 73  ? -1.791  -11.211 9.857   1.00 25.76 ? 73  TYR A CG  1 
ATOM   554  C CD1 . TYR A 1 73  ? -0.670  -11.603 9.128   1.00 25.59 ? 73  TYR A CD1 1 
ATOM   555  C CD2 . TYR A 1 73  ? -2.151  -11.963 10.974  1.00 22.98 ? 73  TYR A CD2 1 
ATOM   556  C CE1 . TYR A 1 73  ? 0.075   -12.706 9.501   1.00 26.73 ? 73  TYR A CE1 1 
ATOM   557  C CE2 . TYR A 1 73  ? -1.408  -13.064 11.360  1.00 28.26 ? 73  TYR A CE2 1 
ATOM   558  C CZ  . TYR A 1 73  ? -0.299  -13.430 10.616  1.00 32.91 ? 73  TYR A CZ  1 
ATOM   559  O OH  . TYR A 1 73  ? 0.447   -14.524 10.974  1.00 36.74 ? 73  TYR A OH  1 
ATOM   560  N N   . GLN A 1 74  ? -5.765  -9.214  8.533   1.00 23.19 ? 74  GLN A N   1 
ATOM   561  C CA  . GLN A 1 74  ? -6.686  -8.128  8.267   1.00 22.59 ? 74  GLN A CA  1 
ATOM   562  C C   . GLN A 1 74  ? -6.733  -7.212  9.480   1.00 24.83 ? 74  GLN A C   1 
ATOM   563  O O   . GLN A 1 74  ? -6.807  -7.687  10.618  1.00 22.22 ? 74  GLN A O   1 
ATOM   564  C CB  . GLN A 1 74  ? -8.080  -8.676  7.986   1.00 24.33 ? 74  GLN A CB  1 
ATOM   565  C CG  . GLN A 1 74  ? -9.080  -7.600  7.564   1.00 24.40 ? 74  GLN A CG  1 
ATOM   566  C CD  . GLN A 1 74  ? -10.353 -8.204  6.994   1.00 37.36 ? 74  GLN A CD  1 
ATOM   567  O OE1 . GLN A 1 74  ? -10.312 -9.145  6.190   1.00 41.15 ? 74  GLN A OE1 1 
ATOM   568  N NE2 . GLN A 1 74  ? -11.491 -7.669  7.409   1.00 37.82 ? 74  GLN A NE2 1 
ATOM   569  N N   . SER A 1 75  ? -6.673  -5.904  9.255   1.00 22.78 ? 75  SER A N   1 
ATOM   570  C CA  . SER A 1 75  ? -6.749  -4.993  10.387  1.00 22.25 ? 75  SER A CA  1 
ATOM   571  C C   . SER A 1 75  ? -8.132  -5.110  11.011  1.00 21.78 ? 75  SER A C   1 
ATOM   572  O O   . SER A 1 75  ? -9.138  -5.190  10.302  1.00 21.88 ? 75  SER A O   1 
ATOM   573  C CB  . SER A 1 75  ? -6.456  -3.550  9.977   1.00 19.22 ? 75  SER A CB  1 
ATOM   574  O OG  . SER A 1 75  ? -7.385  -3.081  9.010   1.00 21.14 ? 75  SER A OG  1 
ATOM   575  N N   . TYR A 1 76  ? -8.171  -5.131  12.341  1.00 22.45 ? 76  TYR A N   1 
ATOM   576  C CA  . TYR A 1 76  ? -9.433  -5.148  13.078  1.00 21.27 ? 76  TYR A CA  1 
ATOM   577  C C   . TYR A 1 76  ? -10.265 -3.924  12.739  1.00 25.37 ? 76  TYR A C   1 
ATOM   578  O O   . TYR A 1 76  ? -11.496 -3.988  12.653  1.00 26.14 ? 76  TYR A O   1 
ATOM   579  C CB  . TYR A 1 76  ? -9.135  -5.134  14.576  1.00 24.47 ? 76  TYR A CB  1 
ATOM   580  C CG  . TYR A 1 76  ? -8.562  -6.423  15.119  1.00 23.97 ? 76  TYR A CG  1 
ATOM   581  C CD1 . TYR A 1 76  ? -9.027  -7.658  14.677  1.00 24.71 ? 76  TYR A CD1 1 
ATOM   582  C CD2 . TYR A 1 76  ? -7.571  -6.402  16.089  1.00 21.62 ? 76  TYR A CD2 1 
ATOM   583  C CE1 . TYR A 1 76  ? -8.516  -8.831  15.190  1.00 26.33 ? 76  TYR A CE1 1 
ATOM   584  C CE2 . TYR A 1 76  ? -7.047  -7.572  16.602  1.00 23.60 ? 76  TYR A CE2 1 
ATOM   585  C CZ  . TYR A 1 76  ? -7.529  -8.776  16.154  1.00 25.46 ? 76  TYR A CZ  1 
ATOM   586  O OH  . TYR A 1 76  ? -7.021  -9.939  16.663  1.00 30.53 ? 76  TYR A OH  1 
ATOM   587  N N   . SER A 1 77  ? -9.590  -2.797  12.549  1.00 20.34 ? 77  SER A N   1 
ATOM   588  C CA  . SER A 1 77  ? -10.290 -1.549  12.309  1.00 22.22 ? 77  SER A CA  1 
ATOM   589  C C   . SER A 1 77  ? -10.038 -1.055  10.885  1.00 26.03 ? 77  SER A C   1 
ATOM   590  O O   . SER A 1 77  ? -9.150  -1.551  10.201  1.00 23.29 ? 77  SER A O   1 
ATOM   591  C CB  . SER A 1 77  ? -9.799  -0.493  13.300  1.00 24.81 ? 77  SER A CB  1 
ATOM   592  O OG  . SER A 1 77  ? -10.688 0.601   13.323  1.00 34.43 ? 77  SER A OG  1 
ATOM   593  N N   . THR A 1 78  ? -10.812 -0.069  10.443  1.00 26.19 ? 78  THR A N   1 
ATOM   594  C CA  . THR A 1 78  ? -10.588 0.528   9.131   1.00 27.41 ? 78  THR A CA  1 
ATOM   595  C C   . THR A 1 78  ? -9.453  1.541   9.238   1.00 24.78 ? 78  THR A C   1 
ATOM   596  O O   . THR A 1 78  ? -9.172  2.046   10.330  1.00 26.68 ? 78  THR A O   1 
ATOM   597  C CB  . THR A 1 78  ? -11.852 1.224   8.611   1.00 26.71 ? 78  THR A CB  1 
ATOM   598  O OG1 . THR A 1 78  ? -12.207 2.284   9.501   1.00 24.27 ? 78  THR A OG1 1 
ATOM   599  C CG2 . THR A 1 78  ? -13.005 0.231   8.520   1.00 30.47 ? 78  THR A CG2 1 
ATOM   600  N N   . MET A 1 79  ? -8.793  1.825   8.113   1.00 25.42 ? 79  MET A N   1 
ATOM   601  C CA  . MET A 1 79  ? -7.687  2.774   8.087   1.00 24.05 ? 79  MET A CA  1 
ATOM   602  C C   . MET A 1 79  ? -7.854  3.775   6.943   1.00 24.23 ? 79  MET A C   1 
ATOM   603  O O   . MET A 1 79  ? -8.466  3.462   5.929   1.00 23.37 ? 79  MET A O   1 
ATOM   604  C CB  . MET A 1 79  ? -6.352  2.030   7.917   1.00 21.65 ? 79  MET A CB  1 
ATOM   605  C CG  . MET A 1 79  ? -5.902  1.262   9.147   1.00 24.21 ? 79  MET A CG  1 
ATOM   606  S SD  . MET A 1 79  ? -4.313  0.449   8.885   1.00 21.76 ? 79  MET A SD  1 
ATOM   607  C CE  . MET A 1 79  ? -4.085  -0.269  10.512  1.00 20.84 ? 79  MET A CE  1 
ATOM   608  N N   . SER A 1 80  ? -7.307  4.976   7.103   1.00 25.99 ? 80  SER A N   1 
ATOM   609  C CA  . SER A 1 80  ? -7.297  5.938   6.004   1.00 23.80 ? 80  SER A CA  1 
ATOM   610  C C   . SER A 1 80  ? -6.324  5.443   4.934   1.00 25.59 ? 80  SER A C   1 
ATOM   611  O O   . SER A 1 80  ? -5.136  5.290   5.201   1.00 24.36 ? 80  SER A O   1 
ATOM   612  C CB  . SER A 1 80  ? -6.876  7.320   6.502   1.00 25.90 ? 80  SER A CB  1 
ATOM   613  O OG  . SER A 1 80  ? -6.683  8.214   5.414   1.00 29.38 ? 80  SER A OG  1 
ATOM   614  N N   . ILE A 1 81  ? -6.816  5.174   3.728   1.00 20.58 ? 81  ILE A N   1 
ATOM   615  C CA  . ILE A 1 81  ? -5.920  4.751   2.657   1.00 21.15 ? 81  ILE A CA  1 
ATOM   616  C C   . ILE A 1 81  ? -6.182  5.524   1.381   1.00 26.29 ? 81  ILE A C   1 
ATOM   617  O O   . ILE A 1 81  ? -7.243  6.159   1.222   1.00 23.52 ? 81  ILE A O   1 
ATOM   618  C CB  . ILE A 1 81  ? -6.100  3.256   2.308   1.00 19.02 ? 81  ILE A CB  1 
ATOM   619  C CG1 . ILE A 1 81  ? -7.499  3.017   1.760   1.00 27.26 ? 81  ILE A CG1 1 
ATOM   620  C CG2 . ILE A 1 81  ? -5.830  2.359   3.537   1.00 21.74 ? 81  ILE A CG2 1 
ATOM   621  C CD1 . ILE A 1 81  ? -7.597  1.795   0.878   1.00 33.50 ? 81  ILE A CD1 1 
ATOM   622  N N   . THR A 1 82  ? -5.219  5.459   0.464   1.00 19.83 ? 82  THR A N   1 
ATOM   623  C CA  . THR A 1 82  ? -5.425  5.961   -0.882  1.00 22.14 ? 82  THR A CA  1 
ATOM   624  C C   . THR A 1 82  ? -5.070  4.880   -1.884  1.00 23.60 ? 82  THR A C   1 
ATOM   625  O O   . THR A 1 82  ? -3.961  4.314   -1.856  1.00 20.29 ? 82  THR A O   1 
ATOM   626  C CB  . THR A 1 82  ? -4.585  7.219   -1.162  1.00 21.61 ? 82  THR A CB  1 
ATOM   627  O OG1 . THR A 1 82  ? -4.905  8.239   -0.201  1.00 20.71 ? 82  THR A OG1 1 
ATOM   628  C CG2 . THR A 1 82  ? -4.870  7.740   -2.573  1.00 21.06 ? 82  THR A CG2 1 
ATOM   629  N N   . ASP A 1 83  ? -6.020  4.586   -2.769  1.00 19.15 ? 83  ASP A N   1 
ATOM   630  C CA  . ASP A 1 83  ? -5.804  3.599   -3.808  1.00 22.84 ? 83  ASP A CA  1 
ATOM   631  C C   . ASP A 1 83  ? -5.345  4.345   -5.040  1.00 25.78 ? 83  ASP A C   1 
ATOM   632  O O   . ASP A 1 83  ? -5.977  5.327   -5.444  1.00 24.08 ? 83  ASP A O   1 
ATOM   633  C CB  . ASP A 1 83  ? -7.100  2.830   -4.086  1.00 26.51 ? 83  ASP A CB  1 
ATOM   634  C CG  . ASP A 1 83  ? -7.005  1.926   -5.309  1.00 30.36 ? 83  ASP A CG  1 
ATOM   635  O OD1 . ASP A 1 83  ? -6.682  0.732   -5.143  1.00 37.07 ? 83  ASP A OD1 1 
ATOM   636  O OD2 . ASP A 1 83  ? -7.279  2.401   -6.443  1.00 35.48 ? 83  ASP A OD2 1 
ATOM   637  N N   . CYS A 1 84  ? -4.231  3.903   -5.620  1.00 20.61 ? 84  CYS A N   1 
ATOM   638  C CA  . CYS A 1 84  ? -3.711  4.527   -6.830  1.00 23.79 ? 84  CYS A CA  1 
ATOM   639  C C   . CYS A 1 84  ? -3.804  3.513   -7.950  1.00 25.34 ? 84  CYS A C   1 
ATOM   640  O O   . CYS A 1 84  ? -3.278  2.399   -7.834  1.00 25.79 ? 84  CYS A O   1 
ATOM   641  C CB  . CYS A 1 84  ? -2.256  4.961   -6.638  1.00 22.98 ? 84  CYS A CB  1 
ATOM   642  S SG  . CYS A 1 84  ? -2.010  6.184   -5.342  1.00 20.75 ? 84  CYS A SG  1 
ATOM   643  N N   . ARG A 1 85  ? -4.487  3.882   -9.030  1.00 23.89 ? 85  ARG A N   1 
ATOM   644  C CA  . ARG A 1 85  ? -4.679  2.957   -10.134 1.00 23.67 ? 85  ARG A CA  1 
ATOM   645  C C   . ARG A 1 85  ? -4.460  3.658   -11.452 1.00 28.70 ? 85  ARG A C   1 
ATOM   646  O O   . ARG A 1 85  ? -4.982  4.759   -11.696 1.00 24.09 ? 85  ARG A O   1 
ATOM   647  C CB  . ARG A 1 85  ? -6.082  2.349   -10.087 1.00 30.47 ? 85  ARG A CB  1 
ATOM   648  C CG  . ARG A 1 85  ? -6.220  1.099   -10.932 1.00 36.04 ? 85  ARG A CG  1 
ATOM   649  C CD  . ARG A 1 85  ? -7.433  0.285   -10.512 1.00 36.16 ? 85  ARG A CD  1 
ATOM   650  N NE  . ARG A 1 85  ? -7.263  -0.461  -9.263  1.00 35.72 ? 85  ARG A NE  1 
ATOM   651  C CZ  . ARG A 1 85  ? -7.198  -1.789  -9.200  1.00 35.56 ? 85  ARG A CZ  1 
ATOM   652  N NH1 . ARG A 1 85  ? -7.245  -2.503  -10.309 1.00 34.80 ? 85  ARG A NH1 1 
ATOM   653  N NH2 . ARG A 1 85  ? -7.064  -2.407  -8.034  1.00 41.51 ? 85  ARG A NH2 1 
ATOM   654  N N   . GLU A 1 86  ? -3.671  3.010   -12.297 1.00 25.93 ? 86  GLU A N   1 
ATOM   655  C CA  . GLU A 1 86  ? -3.342  3.523   -13.612 1.00 29.64 ? 86  GLU A CA  1 
ATOM   656  C C   . GLU A 1 86  ? -4.615  3.646   -14.461 1.00 29.45 ? 86  GLU A C   1 
ATOM   657  O O   . GLU A 1 86  ? -5.463  2.747   -14.459 1.00 24.22 ? 86  GLU A O   1 
ATOM   658  C CB  . GLU A 1 86  ? -2.348  2.557   -14.245 1.00 31.28 ? 86  GLU A CB  1 
ATOM   659  C CG  . GLU A 1 86  ? -1.872  2.957   -15.584 1.00 35.60 ? 86  GLU A CG  1 
ATOM   660  C CD  . GLU A 1 86  ? -0.705  2.125   -16.049 1.00 37.94 ? 86  GLU A CD  1 
ATOM   661  O OE1 . GLU A 1 86  ? -0.597  0.959   -15.603 1.00 39.81 ? 86  GLU A OE1 1 
ATOM   662  O OE2 . GLU A 1 86  ? 0.099   2.640   -16.859 1.00 34.75 ? 86  GLU A OE2 1 
ATOM   663  N N   . THR A 1 87  ? -4.767  4.769   -15.156 1.00 29.30 ? 87  THR A N   1 
ATOM   664  C CA  . THR A 1 87  ? -5.990  5.034   -15.925 1.00 30.55 ? 87  THR A CA  1 
ATOM   665  C C   . THR A 1 87  ? -5.765  4.830   -17.405 1.00 35.79 ? 87  THR A C   1 
ATOM   666  O O   . THR A 1 87  ? -4.640  4.583   -17.848 1.00 35.28 ? 87  THR A O   1 
ATOM   667  C CB  . THR A 1 87  ? -6.498  6.482   -15.762 1.00 33.87 ? 87  THR A CB  1 
ATOM   668  O OG1 . THR A 1 87  ? -5.464  7.402   -16.136 1.00 39.49 ? 87  THR A OG1 1 
ATOM   669  C CG2 . THR A 1 87  ? -6.936  6.763   -14.358 1.00 31.49 ? 87  THR A CG2 1 
ATOM   670  N N   . GLY A 1 88  ? -6.850  4.968   -18.164 1.00 40.72 ? 88  GLY A N   1 
ATOM   671  C CA  . GLY A 1 88  ? -6.820  4.805   -19.602 1.00 36.64 ? 88  GLY A CA  1 
ATOM   672  C C   . GLY A 1 88  ? -5.882  5.756   -20.319 1.00 40.13 ? 88  GLY A C   1 
ATOM   673  O O   . GLY A 1 88  ? -5.370  5.429   -21.384 1.00 47.55 ? 88  GLY A O   1 
ATOM   674  N N   . SER A 1 89  ? -5.639  6.932   -19.752 1.00 42.43 ? 89  SER A N   1 
ATOM   675  C CA  . SER A 1 89  ? -4.757  7.883   -20.427 1.00 45.46 ? 89  SER A CA  1 
ATOM   676  C C   . SER A 1 89  ? -3.278  7.656   -20.092 1.00 44.09 ? 89  SER A C   1 
ATOM   677  O O   . SER A 1 89  ? -2.409  8.441   -20.483 1.00 46.96 ? 89  SER A O   1 
ATOM   678  C CB  . SER A 1 89  ? -5.178  9.329   -20.133 1.00 47.79 ? 89  SER A CB  1 
ATOM   679  O OG  . SER A 1 89  ? -5.163  9.612   -18.744 1.00 47.72 ? 89  SER A OG  1 
ATOM   680  N N   . SER A 1 90  ? -2.990  6.568   -19.384 1.00 40.87 ? 90  SER A N   1 
ATOM   681  C CA  . SER A 1 90  ? -1.632  6.303   -18.916 1.00 39.39 ? 90  SER A CA  1 
ATOM   682  C C   . SER A 1 90  ? -0.815  5.465   -19.900 1.00 44.93 ? 90  SER A C   1 
ATOM   683  O O   . SER A 1 90  ? -1.267  4.414   -20.366 1.00 44.57 ? 90  SER A O   1 
ATOM   684  C CB  . SER A 1 90  ? -1.681  5.596   -17.566 1.00 33.02 ? 90  SER A CB  1 
ATOM   685  O OG  . SER A 1 90  ? -0.381  5.333   -17.072 1.00 34.66 ? 90  SER A OG  1 
ATOM   686  N N   . LYS A 1 91  ? 0.394   5.936   -20.198 1.00 44.92 ? 91  LYS A N   1 
ATOM   687  C CA  . LYS A 1 91  ? 1.310   5.264   -21.118 1.00 50.05 ? 91  LYS A CA  1 
ATOM   688  C C   . LYS A 1 91  ? 2.742   5.556   -20.676 1.00 46.97 ? 91  LYS A C   1 
ATOM   689  O O   . LYS A 1 91  ? 3.184   6.702   -20.739 1.00 49.85 ? 91  LYS A O   1 
ATOM   690  C CB  . LYS A 1 91  ? 1.098   5.770   -22.555 1.00 54.72 ? 91  LYS A CB  1 
ATOM   691  C CG  . LYS A 1 91  ? -0.274  5.430   -23.151 1.00 60.87 ? 91  LYS A CG  1 
ATOM   692  C CD  . LYS A 1 91  ? -0.669  6.353   -24.312 1.00 66.72 ? 91  LYS A CD  1 
ATOM   693  C CE  . LYS A 1 91  ? -2.156  6.211   -24.651 1.00 61.32 ? 91  LYS A CE  1 
ATOM   694  N NZ  . LYS A 1 91  ? -2.534  7.005   -25.856 1.00 67.51 ? 91  LYS A NZ  1 
ATOM   695  N N   . TYR A 1 92  ? 3.447   4.531   -20.205 1.00 49.01 ? 92  TYR A N   1 
ATOM   696  C CA  . TYR A 1 92  ? 4.840   4.675   -19.790 1.00 51.76 ? 92  TYR A CA  1 
ATOM   697  C C   . TYR A 1 92  ? 5.649   5.335   -20.913 1.00 54.32 ? 92  TYR A C   1 
ATOM   698  O O   . TYR A 1 92  ? 5.528   4.942   -22.072 1.00 57.58 ? 92  TYR A O   1 
ATOM   699  C CB  . TYR A 1 92  ? 5.411   3.297   -19.445 1.00 52.97 ? 92  TYR A CB  1 
ATOM   700  C CG  . TYR A 1 92  ? 6.872   3.304   -19.055 1.00 58.46 ? 92  TYR A CG  1 
ATOM   701  C CD1 . TYR A 1 92  ? 7.262   3.636   -17.764 1.00 57.00 ? 92  TYR A CD1 1 
ATOM   702  C CD2 . TYR A 1 92  ? 7.859   2.974   -19.976 1.00 57.44 ? 92  TYR A CD2 1 
ATOM   703  C CE1 . TYR A 1 92  ? 8.593   3.654   -17.401 1.00 58.92 ? 92  TYR A CE1 1 
ATOM   704  C CE2 . TYR A 1 92  ? 9.195   2.988   -19.624 1.00 58.37 ? 92  TYR A CE2 1 
ATOM   705  C CZ  . TYR A 1 92  ? 9.556   3.327   -18.333 1.00 64.27 ? 92  TYR A CZ  1 
ATOM   706  O OH  . TYR A 1 92  ? 10.883  3.345   -17.961 1.00 59.22 ? 92  TYR A OH  1 
ATOM   707  N N   . PRO A 1 93  ? 6.489   6.335   -20.582 1.00 57.41 ? 93  PRO A N   1 
ATOM   708  C CA  . PRO A 1 93  ? 6.886   6.824   -19.257 1.00 54.78 ? 93  PRO A CA  1 
ATOM   709  C C   . PRO A 1 93  ? 5.994   7.939   -18.735 1.00 47.95 ? 93  PRO A C   1 
ATOM   710  O O   . PRO A 1 93  ? 6.298   8.519   -17.693 1.00 49.59 ? 93  PRO A O   1 
ATOM   711  C CB  . PRO A 1 93  ? 8.272   7.402   -19.529 1.00 55.87 ? 93  PRO A CB  1 
ATOM   712  C CG  . PRO A 1 93  ? 8.104   8.026   -20.889 1.00 53.09 ? 93  PRO A CG  1 
ATOM   713  C CD  . PRO A 1 93  ? 7.176   7.088   -21.651 1.00 55.95 ? 93  PRO A CD  1 
ATOM   714  N N   . ASN A 1 94  ? 4.919   8.251   -19.449 1.00 47.15 ? 94  ASN A N   1 
ATOM   715  C CA  . ASN A 1 94  ? 3.954   9.214   -18.937 1.00 46.77 ? 94  ASN A CA  1 
ATOM   716  C C   . ASN A 1 94  ? 2.843   8.494   -18.185 1.00 43.77 ? 94  ASN A C   1 
ATOM   717  O O   . ASN A 1 94  ? 1.766   8.244   -18.728 1.00 38.73 ? 94  ASN A O   1 
ATOM   718  C CB  . ASN A 1 94  ? 3.403   10.071  -20.068 1.00 45.47 ? 94  ASN A CB  1 
ATOM   719  C CG  . ASN A 1 94  ? 4.503   10.788  -20.834 1.00 54.12 ? 94  ASN A CG  1 
ATOM   720  O OD1 . ASN A 1 94  ? 4.832   10.413  -21.960 1.00 53.78 ? 94  ASN A OD1 1 
ATOM   721  N ND2 . ASN A 1 94  ? 5.088   11.810  -20.218 1.00 54.52 ? 94  ASN A ND2 1 
ATOM   722  N N   . CYS A 1 95  ? 3.134   8.131   -16.939 1.00 39.06 ? 95  CYS A N   1 
ATOM   723  C CA  . CYS A 1 95  ? 2.188   7.399   -16.110 1.00 41.00 ? 95  CYS A CA  1 
ATOM   724  C C   . CYS A 1 95  ? 1.090   8.342   -15.608 1.00 40.14 ? 95  CYS A C   1 
ATOM   725  O O   . CYS A 1 95  ? 1.347   9.513   -15.311 1.00 38.43 ? 95  CYS A O   1 
ATOM   726  C CB  . CYS A 1 95  ? 2.921   6.746   -14.940 1.00 37.76 ? 95  CYS A CB  1 
ATOM   727  S SG  . CYS A 1 95  ? 4.249   5.613   -15.462 1.00 36.79 ? 95  CYS A SG  1 
ATOM   728  N N   . ALA A 1 96  ? -0.138  7.840   -15.537 1.00 35.30 ? 96  ALA A N   1 
ATOM   729  C CA  . ALA A 1 96  ? -1.257  8.653   -15.062 1.00 31.86 ? 96  ALA A CA  1 
ATOM   730  C C   . ALA A 1 96  ? -2.107  7.814   -14.123 1.00 29.61 ? 96  ALA A C   1 
ATOM   731  O O   . ALA A 1 96  ? -2.517  6.691   -14.468 1.00 31.15 ? 96  ALA A O   1 
ATOM   732  C CB  . ALA A 1 96  ? -2.093  9.149   -16.237 1.00 29.29 ? 96  ALA A CB  1 
ATOM   733  N N   . TYR A 1 97  ? -2.376  8.341   -12.935 1.00 24.81 ? 97  TYR A N   1 
ATOM   734  C CA  . TYR A 1 97  ? -3.077  7.557   -11.933 1.00 24.85 ? 97  TYR A CA  1 
ATOM   735  C C   . TYR A 1 97  ? -4.356  8.222   -11.487 1.00 26.33 ? 97  TYR A C   1 
ATOM   736  O O   . TYR A 1 97  ? -4.424  9.449   -11.341 1.00 24.58 ? 97  TYR A O   1 
ATOM   737  C CB  . TYR A 1 97  ? -2.162  7.297   -10.723 1.00 25.42 ? 97  TYR A CB  1 
ATOM   738  C CG  . TYR A 1 97  ? -1.049  6.316   -11.016 1.00 24.13 ? 97  TYR A CG  1 
ATOM   739  C CD1 . TYR A 1 97  ? -1.239  4.956   -10.836 1.00 23.67 ? 97  TYR A CD1 1 
ATOM   740  C CD2 . TYR A 1 97  ? 0.187   6.752   -11.491 1.00 25.25 ? 97  TYR A CD2 1 
ATOM   741  C CE1 . TYR A 1 97  ? -0.227  4.049   -11.122 1.00 24.75 ? 97  TYR A CE1 1 
ATOM   742  C CE2 . TYR A 1 97  ? 1.207   5.851   -11.774 1.00 25.15 ? 97  TYR A CE2 1 
ATOM   743  C CZ  . TYR A 1 97  ? 0.989   4.506   -11.593 1.00 25.97 ? 97  TYR A CZ  1 
ATOM   744  O OH  . TYR A 1 97  ? 1.995   3.609   -11.867 1.00 28.28 ? 97  TYR A OH  1 
ATOM   745  N N   . LYS A 1 98  ? -5.374  7.397   -11.276 1.00 22.94 ? 98  LYS A N   1 
ATOM   746  C CA  . LYS A 1 98  ? -6.571  7.807   -10.573 1.00 25.61 ? 98  LYS A CA  1 
ATOM   747  C C   . LYS A 1 98  ? -6.328  7.725   -9.072  1.00 25.10 ? 98  LYS A C   1 
ATOM   748  O O   . LYS A 1 98  ? -5.801  6.732   -8.570  1.00 22.96 ? 98  LYS A O   1 
ATOM   749  C CB  . LYS A 1 98  ? -7.723  6.870   -10.946 1.00 24.30 ? 98  LYS A CB  1 
ATOM   750  C CG  . LYS A 1 98  ? -9.018  7.103   -10.182 1.00 25.18 ? 98  LYS A CG  1 
ATOM   751  C CD  . LYS A 1 98  ? -10.088 6.213   -10.803 1.00 28.68 ? 98  LYS A CD  1 
ATOM   752  C CE  . LYS A 1 98  ? -11.332 6.098   -9.959  1.00 31.14 ? 98  LYS A CE  1 
ATOM   753  N NZ  . LYS A 1 98  ? -11.697 7.324   -9.226  1.00 25.64 ? 98  LYS A NZ  1 
ATOM   754  N N   . THR A 1 99  ? -6.722  8.769   -8.353  1.00 22.93 ? 99  THR A N   1 
ATOM   755  C CA  . THR A 1 99  ? -6.597  8.786   -6.902  1.00 23.56 ? 99  THR A CA  1 
ATOM   756  C C   . THR A 1 99  ? -7.940  8.469   -6.224  1.00 28.11 ? 99  THR A C   1 
ATOM   757  O O   . THR A 1 99  ? -8.927  9.179   -6.437  1.00 25.24 ? 99  THR A O   1 
ATOM   758  C CB  . THR A 1 99  ? -6.101  10.167  -6.445  1.00 23.91 ? 99  THR A CB  1 
ATOM   759  O OG1 . THR A 1 99  ? -4.760  10.355  -6.917  1.00 25.78 ? 99  THR A OG1 1 
ATOM   760  C CG2 . THR A 1 99  ? -6.123  10.290  -4.912  1.00 23.22 ? 99  THR A CG2 1 
ATOM   761  N N   . THR A 1 100 ? -7.987  7.415   -5.406  1.00 23.08 ? 100 THR A N   1 
ATOM   762  C CA  . THR A 1 100 ? -9.218  7.105   -4.698  1.00 25.46 ? 100 THR A CA  1 
ATOM   763  C C   . THR A 1 100 ? -9.010  6.997   -3.180  1.00 28.19 ? 100 THR A C   1 
ATOM   764  O O   . THR A 1 100 ? -8.404  6.049   -2.667  1.00 24.95 ? 100 THR A O   1 
ATOM   765  C CB  . THR A 1 100 ? -9.943  5.852   -5.263  1.00 26.63 ? 100 THR A CB  1 
ATOM   766  O OG1 . THR A 1 100 ? -10.003 5.920   -6.700  1.00 28.72 ? 100 THR A OG1 1 
ATOM   767  C CG2 . THR A 1 100 ? -11.363 5.768   -4.696  1.00 26.86 ? 100 THR A CG2 1 
ATOM   768  N N   . GLN A 1 101 ? -9.531  7.997   -2.486  1.00 22.76 ? 101 GLN A N   1 
ATOM   769  C CA  . GLN A 1 101 ? -9.458  8.116   -1.039  1.00 28.59 ? 101 GLN A CA  1 
ATOM   770  C C   . GLN A 1 101 ? -10.482 7.158   -0.435  1.00 33.93 ? 101 GLN A C   1 
ATOM   771  O O   . GLN A 1 101 ? -11.567 6.965   -0.998  1.00 27.48 ? 101 GLN A O   1 
ATOM   772  C CB  . GLN A 1 101 ? -9.783  9.568   -0.696  1.00 31.63 ? 101 GLN A CB  1 
ATOM   773  C CG  . GLN A 1 101 ? -9.718  9.998   0.756   1.00 43.33 ? 101 GLN A CG  1 
ATOM   774  C CD  . GLN A 1 101 ? -9.696  11.526  0.885   1.00 49.62 ? 101 GLN A CD  1 
ATOM   775  O OE1 . GLN A 1 101 ? -8.960  12.209  0.169   1.00 50.83 ? 101 GLN A OE1 1 
ATOM   776  N NE2 . GLN A 1 101 ? -10.504 12.063  1.792   1.00 51.95 ? 101 GLN A NE2 1 
ATOM   777  N N   . ALA A 1 102 ? -10.135 6.517   0.679   1.00 25.16 ? 102 ALA A N   1 
ATOM   778  C CA  . ALA A 1 102 ? -11.076 5.612   1.321   1.00 28.25 ? 102 ALA A CA  1 
ATOM   779  C C   . ALA A 1 102 ? -10.708 5.305   2.761   1.00 29.90 ? 102 ALA A C   1 
ATOM   780  O O   . ALA A 1 102 ? -9.567  5.515   3.199   1.00 25.31 ? 102 ALA A O   1 
ATOM   781  C CB  . ALA A 1 102 ? -11.193 4.337   0.529   1.00 29.15 ? 102 ALA A CB  1 
ATOM   782  N N   . ASN A 1 103 ? -11.688 4.808   3.501   1.00 29.40 ? 103 ASN A N   1 
ATOM   783  C CA  . ASN A 1 103 ? -11.442 4.364   4.857   1.00 31.60 ? 103 ASN A CA  1 
ATOM   784  C C   . ASN A 1 103 ? -11.841 2.912   4.975   1.00 32.15 ? 103 ASN A C   1 
ATOM   785  O O   . ASN A 1 103 ? -13.028 2.596   4.941   1.00 34.78 ? 103 ASN A O   1 
ATOM   786  C CB  . ASN A 1 103 ? -12.234 5.208   5.847   1.00 33.56 ? 103 ASN A CB  1 
ATOM   787  C CG  . ASN A 1 103 ? -11.381 5.714   6.976   1.00 41.71 ? 103 ASN A CG  1 
ATOM   788  O OD1 . ASN A 1 103 ? -11.184 5.019   7.988   1.00 44.78 ? 103 ASN A OD1 1 
ATOM   789  N ND2 . ASN A 1 103 ? -10.847 6.922   6.816   1.00 39.03 ? 103 ASN A ND2 1 
ATOM   790  N N   . LYS A 1 104 ? -10.863 2.016   5.099   1.00 29.79 ? 104 LYS A N   1 
ATOM   791  C CA  . LYS A 1 104 ? -11.189 0.602   5.178   1.00 28.85 ? 104 LYS A CA  1 
ATOM   792  C C   . LYS A 1 104 ? -10.123 -0.292  5.768   1.00 26.55 ? 104 LYS A C   1 
ATOM   793  O O   . LYS A 1 104 ? -9.009  0.153   6.050   1.00 24.39 ? 104 LYS A O   1 
ATOM   794  C CB  . LYS A 1 104 ? -11.479 0.087   3.804   1.00 34.58 ? 104 LYS A CB  1 
ATOM   795  C CG  . LYS A 1 104 ? -10.300 0.120   2.919   1.00 36.43 ? 104 LYS A CG  1 
ATOM   796  C CD  . LYS A 1 104 ? -10.787 0.104   1.505   1.00 39.48 ? 104 LYS A CD  1 
ATOM   797  C CE  . LYS A 1 104 ? -11.792 1.194   1.271   1.00 41.64 ? 104 LYS A CE  1 
ATOM   798  N NZ  . LYS A 1 104 ? -13.134 1.077   1.961   1.00 47.26 ? 104 LYS A NZ  1 
ATOM   799  N N   . HIS A 1 105 ? -10.480 -1.566  5.938   1.00 25.47 ? 105 HIS A N   1 
ATOM   800  C CA  . HIS A 1 105 ? -9.557  -2.560  6.481   1.00 26.11 ? 105 HIS A CA  1 
ATOM   801  C C   . HIS A 1 105 ? -8.434  -2.785  5.480   1.00 26.97 ? 105 HIS A C   1 
ATOM   802  O O   . HIS A 1 105 ? -8.650  -2.730  4.265   1.00 29.41 ? 105 HIS A O   1 
ATOM   803  C CB  . HIS A 1 105 ? -10.271 -3.891  6.754   1.00 25.36 ? 105 HIS A CB  1 
ATOM   804  C CG  . HIS A 1 105 ? -11.437 -3.774  7.692   1.00 31.54 ? 105 HIS A CG  1 
ATOM   805  N ND1 . HIS A 1 105 ? -11.289 -3.728  9.065   1.00 29.09 ? 105 HIS A ND1 1 
ATOM   806  C CD2 . HIS A 1 105 ? -12.768 -3.695  7.455   1.00 30.34 ? 105 HIS A CD2 1 
ATOM   807  C CE1 . HIS A 1 105 ? -12.482 -3.624  9.631   1.00 28.89 ? 105 HIS A CE1 1 
ATOM   808  N NE2 . HIS A 1 105 ? -13.395 -3.605  8.676   1.00 31.81 ? 105 HIS A NE2 1 
ATOM   809  N N   . ILE A 1 106 ? -7.232  -3.035  5.979   1.00 21.73 ? 106 ILE A N   1 
ATOM   810  C CA  . ILE A 1 106 ? -6.148  -3.410  5.081   1.00 26.10 ? 106 ILE A CA  1 
ATOM   811  C C   . ILE A 1 106 ? -5.800  -4.864  5.349   1.00 24.63 ? 106 ILE A C   1 
ATOM   812  O O   . ILE A 1 106 ? -6.006  -5.377  6.461   1.00 21.65 ? 106 ILE A O   1 
ATOM   813  C CB  . ILE A 1 106 ? -4.890  -2.479  5.206   1.00 20.40 ? 106 ILE A CB  1 
ATOM   814  C CG1 . ILE A 1 106 ? -4.183  -2.678  6.546   1.00 20.41 ? 106 ILE A CG1 1 
ATOM   815  C CG2 . ILE A 1 106 ? -5.269  -1.012  4.982   1.00 22.07 ? 106 ILE A CG2 1 
ATOM   816  C CD1 . ILE A 1 106 ? -2.813  -1.976  6.655   1.00 19.78 ? 106 ILE A CD1 1 
ATOM   817  N N   . ILE A 1 107 ? -5.297  -5.539  4.323   1.00 20.96 ? 107 ILE A N   1 
ATOM   818  C CA  . ILE A 1 107 ? -4.838  -6.906  4.478   1.00 22.15 ? 107 ILE A CA  1 
ATOM   819  C C   . ILE A 1 107 ? -3.408  -6.979  3.982   1.00 22.86 ? 107 ILE A C   1 
ATOM   820  O O   . ILE A 1 107 ? -3.119  -6.606  2.847   1.00 24.68 ? 107 ILE A O   1 
ATOM   821  C CB  . ILE A 1 107 ? -5.753  -7.876  3.711   1.00 26.13 ? 107 ILE A CB  1 
ATOM   822  C CG1 . ILE A 1 107 ? -7.198  -7.675  4.199   1.00 26.60 ? 107 ILE A CG1 1 
ATOM   823  C CG2 . ILE A 1 107 ? -5.286  -9.323  3.879   1.00 26.15 ? 107 ILE A CG2 1 
ATOM   824  C CD1 . ILE A 1 107 ? -8.175  -8.650  3.657   1.00 33.28 ? 107 ILE A CD1 1 
ATOM   825  N N   . VAL A 1 108 ? -2.505  -7.439  4.840   1.00 22.60 ? 108 VAL A N   1 
ATOM   826  C CA  . VAL A 1 108 ? -1.093  -7.508  4.490   1.00 23.90 ? 108 VAL A CA  1 
ATOM   827  C C   . VAL A 1 108 ? -0.571  -8.911  4.772   1.00 25.31 ? 108 VAL A C   1 
ATOM   828  O O   . VAL A 1 108 ? -1.138  -9.626  5.597   1.00 23.59 ? 108 VAL A O   1 
ATOM   829  C CB  . VAL A 1 108 ? -0.250  -6.465  5.287   1.00 22.28 ? 108 VAL A CB  1 
ATOM   830  C CG1 . VAL A 1 108 ? -0.750  -5.052  5.018   1.00 17.17 ? 108 VAL A CG1 1 
ATOM   831  C CG2 . VAL A 1 108 ? -0.267  -6.774  6.806   1.00 22.76 ? 108 VAL A CG2 1 
ATOM   832  N N   . ALA A 1 109 ? 0.494   -9.310  4.078   1.00 20.69 ? 109 ALA A N   1 
ATOM   833  C CA  . ALA A 1 109 ? 1.210   -10.532 4.423   1.00 23.71 ? 109 ALA A CA  1 
ATOM   834  C C   . ALA A 1 109 ? 2.387   -10.147 5.295   1.00 25.99 ? 109 ALA A C   1 
ATOM   835  O O   . ALA A 1 109 ? 3.029   -9.107  5.078   1.00 24.22 ? 109 ALA A O   1 
ATOM   836  C CB  . ALA A 1 109 ? 1.680   -11.259 3.180   1.00 26.37 ? 109 ALA A CB  1 
ATOM   837  N N   . CYS A 1 110 ? 2.668   -10.962 6.299   1.00 23.14 ? 110 CYS A N   1 
ATOM   838  C CA  . CYS A 1 110 ? 3.757   -10.649 7.211   1.00 25.03 ? 110 CYS A CA  1 
ATOM   839  C C   . CYS A 1 110 ? 4.773   -11.778 7.222   1.00 30.34 ? 110 CYS A C   1 
ATOM   840  O O   . CYS A 1 110 ? 4.423   -12.947 6.992   1.00 29.21 ? 110 CYS A O   1 
ATOM   841  C CB  . CYS A 1 110 ? 3.231   -10.382 8.630   1.00 26.70 ? 110 CYS A CB  1 
ATOM   842  S SG  . CYS A 1 110 ? 1.970   -9.092  8.706   1.00 25.89 ? 110 CYS A SG  1 
ATOM   843  N N   . GLU A 1 111 ? 6.030   -11.420 7.482   1.00 30.37 ? 111 GLU A N   1 
ATOM   844  C CA  . GLU A 1 111 ? 7.132   -12.385 7.505   1.00 34.27 ? 111 GLU A CA  1 
ATOM   845  C C   . GLU A 1 111 ? 8.250   -11.869 8.388   1.00 38.10 ? 111 GLU A C   1 
ATOM   846  O O   . GLU A 1 111 ? 8.361   -10.659 8.619   1.00 33.46 ? 111 GLU A O   1 
ATOM   847  C CB  . GLU A 1 111 ? 7.724   -12.597 6.110   1.00 34.24 ? 111 GLU A CB  1 
ATOM   848  C CG  . GLU A 1 111 ? 6.836   -13.322 5.100   1.00 38.97 ? 111 GLU A CG  1 
ATOM   849  C CD  . GLU A 1 111 ? 7.555   -13.541 3.780   1.00 45.81 ? 111 GLU A CD  1 
ATOM   850  O OE1 . GLU A 1 111 ? 8.787   -13.317 3.743   1.00 53.61 ? 111 GLU A OE1 1 
ATOM   851  O OE2 . GLU A 1 111 ? 6.896   -13.918 2.785   1.00 46.39 ? 111 GLU A OE2 1 
ATOM   852  N N   . GLY A 1 112 ? 9.085   -12.788 8.866   1.00 35.26 ? 112 GLY A N   1 
ATOM   853  C CA  . GLY A 1 112 ? 10.296  -12.404 9.552   1.00 35.56 ? 112 GLY A CA  1 
ATOM   854  C C   . GLY A 1 112 ? 10.169  -12.309 11.051  1.00 39.98 ? 112 GLY A C   1 
ATOM   855  O O   . GLY A 1 112 ? 9.124   -12.598 11.638  1.00 38.26 ? 112 GLY A O   1 
ATOM   856  N N   . ASN A 1 113 ? 11.272  -11.896 11.662  1.00 42.65 ? 113 ASN A N   1 
ATOM   857  C CA  . ASN A 1 113 ? 11.381  -11.712 13.095  1.00 42.29 ? 113 ASN A CA  1 
ATOM   858  C C   . ASN A 1 113 ? 12.334  -10.536 13.238  1.00 42.12 ? 113 ASN A C   1 
ATOM   859  O O   . ASN A 1 113 ? 13.545  -10.697 13.057  1.00 46.98 ? 113 ASN A O   1 
ATOM   860  C CB  . ASN A 1 113 ? 11.948  -12.983 13.737  1.00 42.56 ? 113 ASN A CB  1 
ATOM   861  C CG  . ASN A 1 113 ? 11.940  -12.944 15.266  1.00 46.95 ? 113 ASN A CG  1 
ATOM   862  O OD1 . ASN A 1 113 ? 11.500  -11.972 15.888  1.00 48.79 ? 113 ASN A OD1 1 
ATOM   863  N ND2 . ASN A 1 113 ? 12.428  -14.022 15.877  1.00 54.92 ? 113 ASN A ND2 1 
ATOM   864  N N   . PRO A 1 114 ? 11.800  -9.335  13.532  1.00 42.50 ? 114 PRO A N   1 
ATOM   865  C CA  . PRO A 1 114 ? 10.396  -8.997  13.840  1.00 39.92 ? 114 PRO A CA  1 
ATOM   866  C C   . PRO A 1 114 ? 9.423   -9.273  12.687  1.00 37.28 ? 114 PRO A C   1 
ATOM   867  O O   . PRO A 1 114 ? 9.788   -9.168  11.514  1.00 39.10 ? 114 PRO A O   1 
ATOM   868  C CB  . PRO A 1 114 ? 10.448  -7.492  14.165  1.00 37.79 ? 114 PRO A CB  1 
ATOM   869  C CG  . PRO A 1 114 ? 11.726  -6.997  13.543  1.00 39.09 ? 114 PRO A CG  1 
ATOM   870  C CD  . PRO A 1 114 ? 12.684  -8.154  13.578  1.00 42.89 ? 114 PRO A CD  1 
ATOM   871  N N   . TYR A 1 115 ? 8.206   -9.662  13.049  1.00 33.31 ? 115 TYR A N   1 
ATOM   872  C CA  . TYR A 1 115 ? 7.189   -10.097 12.101  1.00 36.79 ? 115 TYR A CA  1 
ATOM   873  C C   . TYR A 1 115 ? 6.528   -8.848  11.559  1.00 26.76 ? 115 TYR A C   1 
ATOM   874  O O   . TYR A 1 115 ? 5.749   -8.225  12.265  1.00 26.33 ? 115 TYR A O   1 
ATOM   875  C CB  . TYR A 1 115 ? 6.160   -10.934 12.868  1.00 32.51 ? 115 TYR A CB  1 
ATOM   876  C CG  . TYR A 1 115 ? 5.295   -11.881 12.049  1.00 33.66 ? 115 TYR A CG  1 
ATOM   877  C CD1 . TYR A 1 115 ? 5.846   -12.732 11.099  1.00 31.83 ? 115 TYR A CD1 1 
ATOM   878  C CD2 . TYR A 1 115 ? 3.927   -11.959 12.281  1.00 30.21 ? 115 TYR A CD2 1 
ATOM   879  C CE1 . TYR A 1 115 ? 5.039   -13.617 10.379  1.00 34.23 ? 115 TYR A CE1 1 
ATOM   880  C CE2 . TYR A 1 115 ? 3.124   -12.836 11.582  1.00 29.35 ? 115 TYR A CE2 1 
ATOM   881  C CZ  . TYR A 1 115 ? 3.680   -13.657 10.637  1.00 32.74 ? 115 TYR A CZ  1 
ATOM   882  O OH  . TYR A 1 115 ? 2.853   -14.513 9.951   1.00 34.18 ? 115 TYR A OH  1 
ATOM   883  N N   . VAL A 1 116 ? 6.833   -8.480  10.314  1.00 26.83 ? 116 VAL A N   1 
ATOM   884  C CA  . VAL A 1 116 ? 6.369   -7.205  9.768   1.00 23.96 ? 116 VAL A CA  1 
ATOM   885  C C   . VAL A 1 116 ? 5.730   -7.382  8.384   1.00 24.41 ? 116 VAL A C   1 
ATOM   886  O O   . VAL A 1 116 ? 5.927   -8.430  7.755   1.00 22.07 ? 116 VAL A O   1 
ATOM   887  C CB  . VAL A 1 116 ? 7.540   -6.186  9.706   1.00 26.80 ? 116 VAL A CB  1 
ATOM   888  C CG1 . VAL A 1 116 ? 7.916   -5.718  11.106  1.00 29.94 ? 116 VAL A CG1 1 
ATOM   889  C CG2 . VAL A 1 116 ? 8.741   -6.799  9.005   1.00 28.61 ? 116 VAL A CG2 1 
ATOM   890  N N   . PRO A 1 117 ? 4.954   -6.368  7.913   1.00 21.24 ? 117 PRO A N   1 
ATOM   891  C CA  . PRO A 1 117 ? 4.327   -6.474  6.587   1.00 22.19 ? 117 PRO A CA  1 
ATOM   892  C C   . PRO A 1 117 ? 5.370   -6.528  5.478   1.00 23.70 ? 117 PRO A C   1 
ATOM   893  O O   . PRO A 1 117 ? 6.337   -5.734  5.497   1.00 21.83 ? 117 PRO A O   1 
ATOM   894  C CB  . PRO A 1 117 ? 3.526   -5.173  6.463   1.00 21.34 ? 117 PRO A CB  1 
ATOM   895  C CG  . PRO A 1 117 ? 3.317   -4.709  7.897   1.00 24.73 ? 117 PRO A CG  1 
ATOM   896  C CD  . PRO A 1 117 ? 4.569   -5.117  8.598   1.00 21.66 ? 117 PRO A CD  1 
ATOM   897  N N   . VAL A 1 118 ? 5.189   -7.452  4.534   1.00 23.03 ? 118 VAL A N   1 
ATOM   898  C CA  . VAL A 1 118 ? 6.104   -7.571  3.392   1.00 23.09 ? 118 VAL A CA  1 
ATOM   899  C C   . VAL A 1 118 ? 5.348   -7.495  2.066   1.00 26.97 ? 118 VAL A C   1 
ATOM   900  O O   . VAL A 1 118 ? 5.943   -7.555  0.983   1.00 25.24 ? 118 VAL A O   1 
ATOM   901  C CB  . VAL A 1 118 ? 6.947   -8.857  3.458   1.00 26.95 ? 118 VAL A CB  1 
ATOM   902  C CG1 . VAL A 1 118 ? 7.911   -8.816  4.663   1.00 25.41 ? 118 VAL A CG1 1 
ATOM   903  C CG2 . VAL A 1 118 ? 6.039   -10.079 3.549   1.00 27.97 ? 118 VAL A CG2 1 
ATOM   904  N N   . HIS A 1 119 ? 4.031   -7.337  2.151   1.00 24.87 ? 119 HIS A N   1 
ATOM   905  C CA  . HIS A 1 119 ? 3.198   -7.313  0.949   1.00 26.07 ? 119 HIS A CA  1 
ATOM   906  C C   . HIS A 1 119 ? 1.807   -6.762  1.276   1.00 25.78 ? 119 HIS A C   1 
ATOM   907  O O   . HIS A 1 119 ? 1.222   -7.096  2.321   1.00 23.06 ? 119 HIS A O   1 
ATOM   908  C CB  . HIS A 1 119 ? 3.120   -8.729  0.356   1.00 26.07 ? 119 HIS A CB  1 
ATOM   909  C CG  . HIS A 1 119 ? 1.949   -8.948  -0.553  1.00 33.39 ? 119 HIS A CG  1 
ATOM   910  N ND1 . HIS A 1 119 ? 1.883   -8.425  -1.829  1.00 36.82 ? 119 HIS A ND1 1 
ATOM   911  C CD2 . HIS A 1 119 ? 0.790   -9.628  -0.364  1.00 33.12 ? 119 HIS A CD2 1 
ATOM   912  C CE1 . HIS A 1 119 ? 0.734   -8.778  -2.389  1.00 38.44 ? 119 HIS A CE1 1 
ATOM   913  N NE2 . HIS A 1 119 ? 0.054   -9.507  -1.521  1.00 36.52 ? 119 HIS A NE2 1 
ATOM   914  N N   . PHE A 1 120 ? 1.304   -5.882  0.413   1.00 25.15 ? 120 PHE A N   1 
ATOM   915  C CA  . PHE A 1 120 ? -0.056  -5.369  0.535   1.00 25.22 ? 120 PHE A CA  1 
ATOM   916  C C   . PHE A 1 120 ? -0.984  -6.227  -0.315  1.00 28.65 ? 120 PHE A C   1 
ATOM   917  O O   . PHE A 1 120 ? -0.867  -6.262  -1.537  1.00 26.77 ? 120 PHE A O   1 
ATOM   918  C CB  . PHE A 1 120 ? -0.148  -3.910  0.078   1.00 23.07 ? 120 PHE A CB  1 
ATOM   919  C CG  . PHE A 1 120 ? -1.377  -3.215  0.575   1.00 23.05 ? 120 PHE A CG  1 
ATOM   920  C CD1 . PHE A 1 120 ? -2.593  -3.329  -0.106  1.00 25.55 ? 120 PHE A CD1 1 
ATOM   921  C CD2 . PHE A 1 120 ? -1.341  -2.491  1.754   1.00 23.52 ? 120 PHE A CD2 1 
ATOM   922  C CE1 . PHE A 1 120 ? -3.737  -2.713  0.376   1.00 27.76 ? 120 PHE A CE1 1 
ATOM   923  C CE2 . PHE A 1 120 ? -2.491  -1.865  2.247   1.00 20.52 ? 120 PHE A CE2 1 
ATOM   924  C CZ  . PHE A 1 120 ? -3.682  -1.976  1.563   1.00 21.90 ? 120 PHE A CZ  1 
ATOM   925  N N   . ASP A 1 121 ? -1.909  -6.919  0.333   1.00 24.74 ? 121 ASP A N   1 
ATOM   926  C CA  . ASP A 1 121 ? -2.740  -7.880  -0.370  1.00 29.61 ? 121 ASP A CA  1 
ATOM   927  C C   . ASP A 1 121 ? -3.982  -7.186  -0.895  1.00 32.15 ? 121 ASP A C   1 
ATOM   928  O O   . ASP A 1 121 ? -4.262  -7.195  -2.094  1.00 35.06 ? 121 ASP A O   1 
ATOM   929  C CB  . ASP A 1 121 ? -3.097  -9.044  0.558   1.00 28.18 ? 121 ASP A CB  1 
ATOM   930  C CG  . ASP A 1 121 ? -3.586  -10.264 -0.199  1.00 39.77 ? 121 ASP A CG  1 
ATOM   931  O OD1 . ASP A 1 121 ? -2.762  -10.890 -0.908  1.00 40.23 ? 121 ASP A OD1 1 
ATOM   932  O OD2 . ASP A 1 121 ? -4.787  -10.603 -0.085  1.00 33.66 ? 121 ASP A OD2 1 
ATOM   933  N N   . ALA A 1 122 ? -4.717  -6.549  0.000   1.00 28.21 ? 122 ALA A N   1 
ATOM   934  C CA  . ALA A 1 122 ? -5.975  -5.946  -0.391  1.00 27.67 ? 122 ALA A CA  1 
ATOM   935  C C   . ALA A 1 122 ? -6.430  -4.964  0.657   1.00 30.76 ? 122 ALA A C   1 
ATOM   936  O O   . ALA A 1 122 ? -5.880  -4.895  1.769   1.00 27.98 ? 122 ALA A O   1 
ATOM   937  C CB  . ALA A 1 122 ? -7.057  -7.048  -0.593  1.00 31.03 ? 122 ALA A CB  1 
ATOM   938  N N   . SER A 1 123 ? -7.443  -4.193  0.296   1.00 33.29 ? 123 SER A N   1 
ATOM   939  C CA  . SER A 1 123 ? -8.178  -3.433  1.281   1.00 33.88 ? 123 SER A CA  1 
ATOM   940  C C   . SER A 1 123 ? -9.611  -3.948  1.210   1.00 37.35 ? 123 SER A C   1 
ATOM   941  O O   . SER A 1 123 ? -10.033 -4.477  0.182   1.00 35.58 ? 123 SER A O   1 
ATOM   942  C CB  . SER A 1 123 ? -8.125  -1.951  0.944   1.00 37.73 ? 123 SER A CB  1 
ATOM   943  O OG  . SER A 1 123 ? -8.940  -1.669  -0.187  1.00 42.56 ? 123 SER A OG  1 
ATOM   944  N N   . VAL A 1 124 ? -10.358 -3.836  2.300   1.00 33.79 ? 124 VAL A N   1 
ATOM   945  C CA  . VAL A 1 124 ? -11.787 -4.090  2.216   1.00 37.29 ? 124 VAL A CA  1 
ATOM   946  C C   . VAL A 1 124 ? -12.551 -3.074  3.046   1.00 38.17 ? 124 VAL A C   1 
ATOM   947  O O   . VAL A 1 124 ? -12.379 -2.990  4.265   1.00 35.42 ? 124 VAL A O   1 
ATOM   948  C CB  . VAL A 1 124 ? -12.149 -5.530  2.616   1.00 39.66 ? 124 VAL A CB  1 
ATOM   949  C CG1 . VAL A 1 124 ? -11.310 -5.974  3.783   1.00 35.42 ? 124 VAL A CG1 1 
ATOM   950  C CG2 . VAL A 1 124 ? -13.642 -5.640  2.915   1.00 37.22 ? 124 VAL A CG2 1 
ATOM   951  O OXT . VAL A 1 124 ? -13.337 -2.299  2.489   1.00 36.72 ? 124 VAL A OXT 1 
HETATM 952  S S   . SO4 B 2 .   ? 3.097   -5.388  -3.311  1.00 38.29 ? 201 SO4 A S   1 
HETATM 953  O O1  . SO4 B 2 .   ? 2.257   -4.480  -4.099  1.00 34.64 ? 201 SO4 A O1  1 
HETATM 954  O O2  . SO4 B 2 .   ? 2.710   -6.781  -3.509  1.00 38.80 ? 201 SO4 A O2  1 
HETATM 955  O O3  . SO4 B 2 .   ? 2.987   -5.068  -1.882  1.00 25.07 ? 201 SO4 A O3  1 
HETATM 956  O O4  . SO4 B 2 .   ? 4.479   -5.226  -3.774  1.00 42.74 ? 201 SO4 A O4  1 
HETATM 957  C C1  . CXL C 3 .   ? -9.844  16.645  -10.075 1.00 33.17 ? 202 CXL A C1  1 
HETATM 958  C C2  . CXL C 3 .   ? -10.204 17.146  -11.436 1.00 36.94 ? 202 CXL A C2  1 
HETATM 959  C C3  . CXL C 3 .   ? -9.026  17.838  -12.013 1.00 34.57 ? 202 CXL A C3  1 
HETATM 960  C C4  . CXL C 3 .   ? -8.552  18.899  -11.066 1.00 42.85 ? 202 CXL A C4  1 
HETATM 961  C C5  . CXL C 3 .   ? -9.530  19.076  -9.954  1.00 40.45 ? 202 CXL A C5  1 
HETATM 962  C C6  . CXL C 3 .   ? -9.553  17.798  -9.171  1.00 41.23 ? 202 CXL A C6  1 
HETATM 963  O O   . CXL C 3 .   ? -10.913 15.975  -9.558  1.00 34.60 ? 202 CXL A O   1 
HETATM 964  C C1  . CXL D 3 .   ? -9.368  -16.708 13.796  1.00 44.64 ? 207 CXL A C1  1 
HETATM 965  C C2  . CXL D 3 .   ? -10.723 -16.163 14.043  1.00 43.84 ? 207 CXL A C2  1 
HETATM 966  C C3  . CXL D 3 .   ? -11.670 -17.227 14.491  1.00 36.65 ? 207 CXL A C3  1 
HETATM 967  C C4  . CXL D 3 .   ? -12.051 -18.078 13.348  1.00 31.94 ? 207 CXL A C4  1 
HETATM 968  C C5  . CXL D 3 .   ? -10.814 -18.223 12.540  1.00 43.24 ? 207 CXL A C5  1 
HETATM 969  C C6  . CXL D 3 .   ? -9.579  -18.129 13.386  1.00 45.10 ? 207 CXL A C6  1 
HETATM 970  O O   . CXL D 3 .   ? -8.707  -15.959 12.819  1.00 41.64 ? 207 CXL A O   1 
HETATM 971  C C1  . CXL E 3 .   ? -7.199  12.185  -10.247 1.00 31.17 ? 208 CXL A C1  1 
HETATM 972  C C2  . CXL E 3 .   ? -6.518  11.973  -11.552 1.00 36.32 ? 208 CXL A C2  1 
HETATM 973  C C3  . CXL E 3 .   ? -5.808  13.235  -11.898 1.00 37.10 ? 208 CXL A C3  1 
HETATM 974  C C4  . CXL E 3 .   ? -6.759  14.367  -11.719 1.00 48.18 ? 208 CXL A C4  1 
HETATM 975  C C5  . CXL E 3 .   ? -8.153  13.825  -11.752 1.00 38.57 ? 208 CXL A C5  1 
HETATM 976  C C6  . CXL E 3 .   ? -8.385  13.056  -10.502 1.00 37.41 ? 208 CXL A C6  1 
HETATM 977  O O   . CXL E 3 .   ? -7.645  10.977  -9.759  1.00 25.18 ? 208 CXL A O   1 
HETATM 978  C C1  . CXL F 3 .   ? 3.741   -16.060 13.506  1.00 49.25 ? 218 CXL A C1  1 
HETATM 979  C C2  . CXL F 3 .   ? 2.760   -15.868 14.609  1.00 54.05 ? 218 CXL A C2  1 
HETATM 980  C C3  . CXL F 3 .   ? 2.781   -14.439 15.025  1.00 54.41 ? 218 CXL A C3  1 
HETATM 981  C C4  . CXL F 3 .   ? 4.119   -14.084 15.587  1.00 50.72 ? 218 CXL A C4  1 
HETATM 982  C C5  . CXL F 3 .   ? 5.232   -14.394 14.636  1.00 46.59 ? 218 CXL A C5  1 
HETATM 983  C C6  . CXL F 3 .   ? 5.123   -15.746 13.989  1.00 46.03 ? 218 CXL A C6  1 
HETATM 984  O O   . CXL F 3 .   ? 3.669   -17.369 13.054  1.00 57.70 ? 218 CXL A O   1 
HETATM 985  O O   . HOH G 4 .   ? 7.354   -3.347  6.520   1.00 23.55 ? 301 HOH A O   1 
HETATM 986  O O   . HOH G 4 .   ? 8.244   -2.346  8.815   1.00 22.71 ? 302 HOH A O   1 
HETATM 987  O O   . HOH G 4 .   ? -6.848  -2.229  13.382  1.00 20.89 ? 303 HOH A O   1 
HETATM 988  O O   . HOH G 4 .   ? 5.411   -4.186  -0.589  1.00 27.52 ? 304 HOH A O   1 
HETATM 989  O O   . HOH G 4 .   ? 5.094   4.680   14.034  1.00 32.58 ? 305 HOH A O   1 
HETATM 990  O O   . HOH G 4 .   ? -2.272  5.707   12.850  1.00 25.41 ? 306 HOH A O   1 
HETATM 991  O O   . HOH G 4 .   ? 4.862   6.592   11.852  1.00 30.91 ? 307 HOH A O   1 
HETATM 992  O O   . HOH G 4 .   ? -7.943  4.863   -7.664  1.00 26.36 ? 308 HOH A O   1 
HETATM 993  O O   . HOH G 4 .   ? 16.251  -2.164  2.480   1.00 25.44 ? 309 HOH A O   1 
HETATM 994  O O   . HOH G 4 .   ? -1.156  -2.162  -3.231  1.00 26.98 ? 310 HOH A O   1 
HETATM 995  O O   . HOH G 4 .   ? -3.167  11.073  -9.343  1.00 23.60 ? 311 HOH A O   1 
HETATM 996  O O   . HOH G 4 .   ? 7.674   -6.136  0.051   1.00 27.20 ? 312 HOH A O   1 
HETATM 997  O O   . HOH G 4 .   ? 3.336   9.300   -12.010 1.00 35.58 ? 313 HOH A O   1 
HETATM 998  O O   . HOH G 4 .   ? -3.477  -1.343  13.847  1.00 25.30 ? 314 HOH A O   1 
HETATM 999  O O   . HOH G 4 .   ? 2.716   -7.101  15.076  1.00 32.56 ? 315 HOH A O   1 
HETATM 1000 O O   . HOH G 4 .   ? 9.209   6.524   -10.247 1.00 33.88 ? 316 HOH A O   1 
HETATM 1001 O O   . HOH G 4 .   ? 1.011   4.787   16.552  1.00 41.10 ? 317 HOH A O   1 
HETATM 1002 O O   . HOH G 4 .   ? -10.983 10.115  -3.625  1.00 37.39 ? 318 HOH A O   1 
HETATM 1003 O O   . HOH G 4 .   ? 8.102   -15.620 8.572   1.00 43.20 ? 319 HOH A O   1 
HETATM 1004 O O   . HOH G 4 .   ? -5.295  -9.927  18.032  1.00 31.15 ? 320 HOH A O   1 
HETATM 1005 O O   . HOH G 4 .   ? -2.677  15.645  6.986   1.00 41.80 ? 321 HOH A O   1 
HETATM 1006 O O   . HOH G 4 .   ? 5.267   9.979   3.829   1.00 35.07 ? 322 HOH A O   1 
HETATM 1007 O O   . HOH G 4 .   ? 1.746   -19.937 3.643   1.00 44.27 ? 323 HOH A O   1 
HETATM 1008 O O   . HOH G 4 .   ? -10.941 8.928   -7.986  1.00 31.65 ? 324 HOH A O   1 
HETATM 1009 O O   . HOH G 4 .   ? -5.543  9.335   9.214   1.00 38.48 ? 325 HOH A O   1 
HETATM 1010 O O   . HOH G 4 .   ? 0.072   -13.137 14.713  1.00 46.16 ? 326 HOH A O   1 
HETATM 1011 O O   . HOH G 4 .   ? -14.483 -14.791 14.477  1.00 30.66 ? 327 HOH A O   1 
HETATM 1012 O O   . HOH G 4 .   ? -4.862  2.687   13.006  1.00 35.75 ? 329 HOH A O   1 
HETATM 1013 O O   . HOH G 4 .   ? 3.159   8.679   12.379  1.00 36.19 ? 330 HOH A O   1 
HETATM 1014 O O   . HOH G 4 .   ? 11.618  11.052  -4.162  1.00 38.12 ? 332 HOH A O   1 
HETATM 1015 O O   . HOH G 4 .   ? -5.541  -14.224 14.307  1.00 35.84 ? 333 HOH A O   1 
HETATM 1016 O O   . HOH G 4 .   ? 12.516  -1.713  7.367   1.00 34.61 ? 334 HOH A O   1 
HETATM 1017 O O   . HOH G 4 .   ? -2.432  -13.394 15.456  1.00 43.43 ? 335 HOH A O   1 
HETATM 1018 O O   . HOH G 4 .   ? 7.718   -9.731  15.751  1.00 49.63 ? 336 HOH A O   1 
HETATM 1019 O O   . HOH G 4 .   ? 14.836  -3.179  6.245   1.00 32.15 ? 337 HOH A O   1 
HETATM 1020 O O   . HOH G 4 .   ? 7.598   1.393   14.385  1.00 42.34 ? 338 HOH A O   1 
HETATM 1021 O O   . HOH G 4 .   ? 12.084  1.809   4.608   1.00 30.88 ? 339 HOH A O   1 
HETATM 1022 O O   . HOH G 4 .   ? -8.079  -2.982  -2.647  1.00 41.03 ? 340 HOH A O   1 
HETATM 1023 O O   . HOH G 4 .   ? 4.681   -13.656 2.125   1.00 37.82 ? 349 HOH A O   1 
HETATM 1024 O O   . HOH G 4 .   ? 13.736  3.975   -4.121  1.00 32.84 ? 352 HOH A O   1 
HETATM 1025 O O   . HOH G 4 .   ? 13.280  1.087   0.604   1.00 33.15 ? 353 HOH A O   1 
HETATM 1026 O O   . HOH G 4 .   ? -5.933  0.379   13.443  1.00 27.62 ? 354 HOH A O   1 
HETATM 1027 O O   . HOH G 4 .   ? 14.613  2.367   -2.971  1.00 36.44 ? 355 HOH A O   1 
HETATM 1028 O O   . HOH G 4 .   ? 8.268   -11.357 0.326   1.00 47.04 ? 358 HOH A O   1 
HETATM 1029 O O   . HOH G 4 .   ? 2.009   -12.634 -1.031  1.00 49.23 ? 361 HOH A O   1 
HETATM 1030 O O   . HOH G 4 .   ? -12.019 -1.903  -0.385  0.50 43.46 ? 365 HOH A O   1 
HETATM 1031 O O   . HOH G 4 .   ? -1.387  9.787   10.087  1.00 41.43 ? 368 HOH A O   1 
HETATM 1032 O O   . HOH G 4 .   ? -0.289  16.601  5.969   1.00 48.11 ? 372 HOH A O   1 
HETATM 1033 O O   . HOH G 4 .   ? 2.712   12.998  1.264   1.00 46.68 ? 373 HOH A O   1 
HETATM 1034 O O   . HOH G 4 .   ? -6.404  16.225  4.525   1.00 48.82 ? 374 HOH A O   1 
HETATM 1035 O O   . HOH G 4 .   ? 2.450   14.098  -2.805  1.00 43.79 ? 382 HOH A O   1 
HETATM 1036 O O   . HOH G 4 .   ? 4.034   -2.275  16.501  1.00 46.83 ? 383 HOH A O   1 
HETATM 1037 O O   . HOH G 4 .   ? -10.279 9.426   6.532   1.00 48.51 ? 395 HOH A O   1 
HETATM 1038 O O   . HOH G 4 .   ? 1.401   -18.360 9.555   1.00 48.29 ? 399 HOH A O   1 
HETATM 1039 O O   . HOH G 4 .   ? 5.531   -16.332 7.579   1.00 49.66 ? 404 HOH A O   1 
HETATM 1040 O O   . HOH G 4 .   ? 3.539   -18.993 4.733   1.00 48.13 ? 406 HOH A O   1 
HETATM 1041 O O   . HOH G 4 .   ? -2.601  19.448  -6.617  1.00 54.23 ? 408 HOH A O   1 
HETATM 1042 O O   . HOH G 4 .   ? 12.511  -7.541  -2.972  1.00 56.75 ? 423 HOH A O   1 
HETATM 1043 O O   . HOH G 4 .   ? -9.335  14.971  2.098   1.00 50.59 ? 425 HOH A O   1 
HETATM 1044 O O   . HOH G 4 .   ? -4.818  1.564   -20.084 1.00 45.27 ? 430 HOH A O   1 
HETATM 1045 O O   . HOH G 4 .   ? -3.911  -2.480  -3.660  1.00 42.53 ? 432 HOH A O   1 
HETATM 1046 O O   . HOH G 4 .   ? 9.339   0.716   -11.477 1.00 53.52 ? 439 HOH A O   1 
HETATM 1047 O O   . HOH G 4 .   ? 1.487   -15.074 -5.914  1.00 53.84 ? 440 HOH A O   1 
HETATM 1048 O O   . HOH G 4 .   ? 0.813   1.984   -18.958 1.00 43.63 ? 490 HOH A O   1 
HETATM 1049 O O   . HOH G 4 .   ? -8.363  8.356   3.103   1.00 34.65 ? 491 HOH A O   1 
HETATM 1050 O O   . HOH G 4 .   ? -15.430 1.662   2.406   0.50 44.15 ? 492 HOH A O   1 
HETATM 1051 O O   . HOH G 4 .   ? -5.547  9.479   -23.304 1.00 53.76 ? 493 HOH A O   1 
HETATM 1052 O O   . HOH G 4 .   ? -5.343  18.632  -11.066 1.00 47.06 ? 494 HOH A O   1 
HETATM 1053 O O   . HOH G 4 .   ? 8.169   -16.668 10.834  1.00 51.77 ? 495 HOH A O   1 
HETATM 1054 O O   . HOH G 4 .   ? -10.055 5.058   10.399  1.00 41.22 ? 496 HOH A O   1 
HETATM 1055 O O   . HOH G 4 .   ? 7.744   -13.762 -1.104  1.00 59.19 ? 497 HOH A O   1 
HETATM 1056 O O   . HOH G 4 .   ? 14.282  -9.503  2.897   1.00 35.92 ? 498 HOH A O   1 
HETATM 1057 O O   . HOH G 4 .   ? -6.790  9.412   1.411   1.00 29.46 ? 499 HOH A O   1 
HETATM 1058 O O   . HOH G 4 .   ? -9.243  14.124  -3.046  1.00 44.85 ? 500 HOH A O   1 
# 
